data_5W3S
#
_entry.id   5W3S
#
_cell.length_a   1.000
_cell.length_b   1.000
_cell.length_c   1.000
_cell.angle_alpha   90.00
_cell.angle_beta   90.00
_cell.angle_gamma   90.00
#
_symmetry.space_group_name_H-M   'P 1'
#
loop_
_entity.id
_entity.type
_entity.pdbx_description
1 polymer 'Mucolipin-3 isoform 1'
2 non-polymer 'CHOLESTEROL HEMISUCCINATE'
3 non-polymer 'SODIUM ION'
4 non-polymer 1,2-Distearoyl-sn-glycerophosphoethanolamine
5 water water
#
_entity_poly.entity_id   1
_entity_poly.type   'polypeptide(L)'
_entity_poly.pdbx_seq_one_letter_code
;MANPEIVISSCSSHEEENRCNFNQHTSPSEELLLEDQMRRKLKFFFMNPCEKFWARGRKPWKLAIQILKIAMVTIQLVLF
GLSNQMVVAFKEENTVAFKHLFLKGYIDRMDDTYAVYTQSDVYDQIIFAVNQYLQLYQVSVGNHAYENKGTDQSAMAICQ
HFYKRGNIYPGNDTFDIDPEIETDCFFVEPDEPFHIGTPAENKLNLTLDFHRLLTVELQFKLKAINLQTVRHQELPDCYD
FTLTITFDNKAHSGRIKISLDNDISIRECKDWHVSGSIQKNTHNMMIFDAFVILTCLVSLILCIRSVISGLQLQQEFVNF
FLLHYKKDVSVSDQMEFVNGWYIMIIISDILTIIGSILKMEIQAKSLTSYDVCSILLGTSTMLVWLGVIRYLGFFAKYNL
LILTLQAALPNVIRFCCCAAMIYLGYCFCGWIVLGPYHNKFRSLNMVSECLFSLINGDDMFATFAKMQQKSYLVWLFSRI
YLYSFISLFIYMILSLFIALITDTYETIKHYQQDGFPETELRTFISECKDLPNSGKFRLEDDPPVSLFCCCKKSNLEVLF
Q
;
_entity_poly.pdbx_strand_id   A,B,C,D
#
# COMPACT_ATOMS: atom_id res chain seq x y z
N LEU A 33 11.83 17.19 -64.74
CA LEU A 33 12.54 18.47 -64.69
C LEU A 33 12.09 19.29 -63.50
N LEU A 34 10.87 19.81 -63.55
CA LEU A 34 10.32 20.58 -62.44
C LEU A 34 9.91 19.66 -61.29
N GLU A 35 9.58 18.42 -61.64
CA GLU A 35 9.22 17.43 -60.63
C GLU A 35 10.45 17.24 -59.75
N ASP A 36 11.63 17.26 -60.37
CA ASP A 36 12.88 17.13 -59.62
C ASP A 36 13.04 18.28 -58.64
N GLN A 37 12.67 19.49 -59.04
CA GLN A 37 12.71 20.62 -58.12
C GLN A 37 11.78 20.40 -56.94
N MET A 38 10.60 19.83 -57.20
CA MET A 38 9.67 19.55 -56.11
C MET A 38 10.24 18.47 -55.19
N ARG A 39 10.85 17.43 -55.76
CA ARG A 39 11.49 16.41 -54.93
C ARG A 39 12.59 17.02 -54.06
N ARG A 40 13.34 17.99 -54.61
CA ARG A 40 14.39 18.64 -53.85
C ARG A 40 13.81 19.45 -52.69
N LYS A 41 12.78 20.26 -52.97
CA LYS A 41 12.15 21.05 -51.92
C LYS A 41 11.57 20.14 -50.83
N LEU A 42 10.76 19.16 -51.23
CA LEU A 42 10.10 18.30 -50.27
C LEU A 42 11.11 17.53 -49.43
N LYS A 43 12.05 16.83 -50.08
CA LYS A 43 13.07 16.10 -49.34
C LYS A 43 13.89 17.01 -48.44
N PHE A 44 14.11 18.25 -48.87
CA PHE A 44 14.73 19.23 -47.99
C PHE A 44 13.84 19.52 -46.79
N PHE A 45 12.52 19.40 -46.94
CA PHE A 45 11.59 19.60 -45.83
C PHE A 45 11.45 18.36 -44.95
N PHE A 46 11.71 17.16 -45.49
CA PHE A 46 11.53 15.92 -44.75
C PHE A 46 12.80 15.39 -44.10
N MET A 47 13.96 15.92 -44.49
CA MET A 47 15.24 15.51 -43.90
C MET A 47 15.45 16.10 -42.51
N ASN A 48 16.17 15.39 -41.65
CA ASN A 48 16.46 15.90 -40.32
C ASN A 48 17.36 17.12 -40.42
N PRO A 49 17.32 18.02 -39.43
CA PRO A 49 18.22 19.20 -39.49
C PRO A 49 19.69 18.82 -39.49
N CYS A 50 20.08 17.82 -38.71
CA CYS A 50 21.44 17.32 -38.78
C CYS A 50 21.75 16.72 -40.14
N GLU A 51 20.74 16.15 -40.80
CA GLU A 51 20.87 15.68 -42.17
C GLU A 51 20.85 16.82 -43.18
N LYS A 52 20.24 17.96 -42.82
CA LYS A 52 20.24 19.13 -43.68
C LYS A 52 21.53 19.95 -43.59
N PHE A 53 22.52 19.47 -42.84
CA PHE A 53 23.84 20.08 -42.78
C PHE A 53 24.95 19.17 -43.28
N TRP A 54 24.78 17.85 -43.14
CA TRP A 54 25.75 16.92 -43.72
C TRP A 54 25.66 16.93 -45.25
N ALA A 55 24.48 17.21 -45.80
CA ALA A 55 24.28 17.19 -47.24
C ALA A 55 24.45 18.57 -47.86
N ARG A 56 23.65 19.55 -47.42
CA ARG A 56 23.62 20.88 -48.03
C ARG A 56 24.27 21.96 -47.16
N GLY A 57 24.71 21.63 -45.95
CA GLY A 57 25.49 22.56 -45.17
C GLY A 57 24.72 23.74 -44.63
N ARG A 58 23.43 23.59 -44.36
CA ARG A 58 22.65 24.65 -43.72
C ARG A 58 22.94 24.64 -42.23
N LYS A 59 23.37 25.78 -41.71
CA LYS A 59 23.77 25.89 -40.30
C LYS A 59 22.54 25.70 -39.40
N PRO A 60 22.49 24.65 -38.55
CA PRO A 60 21.28 24.51 -37.70
C PRO A 60 21.28 25.44 -36.48
N TRP A 61 20.83 26.68 -36.71
CA TRP A 61 20.68 27.62 -35.61
C TRP A 61 19.48 27.31 -34.74
N LYS A 62 18.42 26.78 -35.35
CA LYS A 62 17.19 26.50 -34.62
C LYS A 62 17.41 25.51 -33.49
N LEU A 63 18.14 24.43 -33.76
CA LEU A 63 18.45 23.46 -32.72
C LEU A 63 19.20 24.12 -31.57
N ALA A 64 20.16 24.98 -31.90
CA ALA A 64 20.97 25.63 -30.88
C ALA A 64 20.11 26.50 -29.97
N ILE A 65 19.25 27.33 -30.57
CA ILE A 65 18.47 28.25 -29.76
C ILE A 65 17.40 27.51 -28.96
N GLN A 66 16.86 26.41 -29.51
CA GLN A 66 15.94 25.61 -28.73
C GLN A 66 16.64 24.99 -27.53
N ILE A 67 17.84 24.43 -27.73
CA ILE A 67 18.61 23.87 -26.61
C ILE A 67 18.85 24.93 -25.55
N LEU A 68 19.22 26.13 -25.99
CA LEU A 68 19.36 27.26 -25.08
C LEU A 68 18.07 27.49 -24.29
N LYS A 69 16.92 27.41 -24.97
CA LYS A 69 15.65 27.60 -24.28
C LYS A 69 15.42 26.50 -23.25
N ILE A 70 15.80 25.26 -23.57
CA ILE A 70 15.57 24.13 -22.67
C ILE A 70 16.32 24.36 -21.37
N ALA A 71 17.65 24.51 -21.46
CA ALA A 71 18.46 24.73 -20.26
C ALA A 71 18.04 26.01 -19.54
N MET A 72 17.63 27.02 -20.29
CA MET A 72 17.24 28.30 -19.72
C MET A 72 16.01 28.16 -18.83
N VAL A 73 14.91 27.66 -19.40
CA VAL A 73 13.66 27.55 -18.65
C VAL A 73 13.82 26.57 -17.51
N THR A 74 14.65 25.54 -17.70
CA THR A 74 14.95 24.62 -16.61
C THR A 74 15.58 25.35 -15.43
N ILE A 75 16.69 26.06 -15.68
CA ILE A 75 17.39 26.76 -14.61
C ILE A 75 16.46 27.77 -13.94
N GLN A 76 15.64 28.44 -14.74
CA GLN A 76 14.62 29.35 -14.24
C GLN A 76 13.74 28.68 -13.19
N LEU A 77 13.11 27.56 -13.57
CA LEU A 77 12.24 26.84 -12.66
C LEU A 77 12.98 26.41 -11.40
N VAL A 78 14.24 25.98 -11.55
CA VAL A 78 14.98 25.48 -10.40
C VAL A 78 15.19 26.60 -9.39
N LEU A 79 15.73 27.73 -9.84
CA LEU A 79 16.03 28.83 -8.92
C LEU A 79 14.76 29.36 -8.27
N PHE A 80 13.73 29.56 -9.09
CA PHE A 80 12.47 30.10 -8.62
C PHE A 80 11.85 29.17 -7.58
N GLY A 81 11.99 27.88 -7.80
CA GLY A 81 11.42 26.89 -6.90
C GLY A 81 12.21 26.75 -5.60
N LEU A 82 13.53 26.93 -5.67
CA LEU A 82 14.32 26.91 -4.45
C LEU A 82 13.98 28.10 -3.56
N SER A 83 13.86 29.29 -4.16
CA SER A 83 13.45 30.46 -3.41
C SER A 83 12.10 30.24 -2.75
N ASN A 84 11.13 29.75 -3.51
CA ASN A 84 9.80 29.50 -3.00
C ASN A 84 9.89 28.48 -1.87
N GLN A 85 10.78 27.52 -2.02
CA GLN A 85 10.91 26.47 -1.03
C GLN A 85 11.39 27.03 0.30
N MET A 86 12.35 27.95 0.26
CA MET A 86 12.80 28.59 1.49
C MET A 86 11.69 29.42 2.12
N VAL A 87 11.00 30.23 1.32
CA VAL A 87 9.94 31.09 1.86
C VAL A 87 8.82 30.24 2.47
N VAL A 88 8.40 29.20 1.74
CA VAL A 88 7.31 28.35 2.22
C VAL A 88 7.72 27.59 3.46
N ALA A 89 8.98 27.14 3.52
CA ALA A 89 9.45 26.45 4.72
C ALA A 89 9.39 27.38 5.93
N PHE A 90 9.84 28.63 5.76
CA PHE A 90 9.74 29.62 6.84
C PHE A 90 8.30 29.79 7.29
N LYS A 91 7.39 29.95 6.34
CA LYS A 91 5.97 30.13 6.66
C LYS A 91 5.42 28.93 7.44
N GLU A 92 5.74 27.71 6.98
CA GLU A 92 5.16 26.52 7.58
C GLU A 92 5.68 26.29 8.99
N GLU A 93 7.00 26.41 9.18
CA GLU A 93 7.56 26.34 10.52
C GLU A 93 6.91 27.37 11.44
N ASN A 94 6.72 28.58 10.93
CA ASN A 94 6.10 29.63 11.72
C ASN A 94 4.69 29.26 12.14
N THR A 95 3.82 28.92 11.18
CA THR A 95 2.42 28.64 11.53
C THR A 95 2.30 27.43 12.45
N VAL A 96 3.16 26.42 12.29
CA VAL A 96 3.19 25.32 13.26
C VAL A 96 3.47 25.87 14.65
N ALA A 97 4.46 26.75 14.77
CA ALA A 97 4.79 27.34 16.07
C ALA A 97 3.61 28.10 16.64
N PHE A 98 2.96 28.93 15.82
CA PHE A 98 1.82 29.70 16.30
C PHE A 98 0.68 28.79 16.75
N LYS A 99 0.50 27.66 16.08
CA LYS A 99 -0.49 26.69 16.54
C LYS A 99 -0.14 26.16 17.91
N HIS A 100 1.11 25.74 18.11
CA HIS A 100 1.48 25.20 19.42
C HIS A 100 1.50 26.26 20.51
N LEU A 101 1.57 27.54 20.16
CA LEU A 101 1.59 28.61 21.15
C LEU A 101 0.19 29.08 21.54
N PHE A 102 -0.69 29.27 20.56
CA PHE A 102 -1.97 29.91 20.78
C PHE A 102 -3.14 28.95 20.92
N LEU A 103 -3.05 27.77 20.31
CA LEU A 103 -4.12 26.78 20.37
C LEU A 103 -3.79 25.76 21.45
N LYS A 104 -4.66 25.66 22.45
CA LYS A 104 -4.49 24.69 23.51
C LYS A 104 -4.88 23.30 23.02
N GLY A 105 -4.14 22.30 23.50
CA GLY A 105 -4.44 20.93 23.14
C GLY A 105 -4.28 20.63 21.67
N TYR A 106 -3.40 21.35 20.98
CA TYR A 106 -3.12 21.07 19.59
C TYR A 106 -2.20 19.86 19.47
N ILE A 107 -2.51 19.01 18.51
CA ILE A 107 -1.75 17.80 18.25
C ILE A 107 -1.29 17.86 16.80
N ASP A 108 -0.10 17.33 16.55
CA ASP A 108 0.44 17.27 15.20
C ASP A 108 -0.48 16.44 14.32
N ARG A 109 -1.12 17.09 13.35
CA ARG A 109 -2.00 16.37 12.46
C ARG A 109 -3.44 15.99 12.91
N MET A 110 -4.07 16.69 13.85
CA MET A 110 -5.45 16.34 14.14
C MET A 110 -6.28 16.89 12.98
N ASP A 111 -5.86 16.54 11.77
CA ASP A 111 -6.33 17.15 10.52
C ASP A 111 -6.00 18.64 10.45
N ASP A 112 -5.10 19.11 11.30
CA ASP A 112 -4.82 20.53 11.49
C ASP A 112 -6.06 21.34 11.86
N THR A 113 -7.13 20.64 12.24
CA THR A 113 -8.39 21.28 12.63
C THR A 113 -9.12 20.53 13.74
N TYR A 114 -8.65 20.61 14.98
CA TYR A 114 -9.29 19.91 16.10
C TYR A 114 -10.62 20.59 16.51
N ALA A 115 -11.47 19.83 17.21
CA ALA A 115 -12.78 20.32 17.63
C ALA A 115 -12.98 20.30 19.15
N VAL A 116 -13.92 21.12 19.61
CA VAL A 116 -14.24 21.25 21.02
C VAL A 116 -15.73 21.04 21.19
N TYR A 117 -16.12 20.39 22.29
CA TYR A 117 -17.47 19.91 22.49
C TYR A 117 -18.11 20.47 23.77
N THR A 118 -17.52 21.50 24.37
CA THR A 118 -17.93 21.97 25.68
C THR A 118 -17.72 23.47 25.77
N GLN A 119 -18.65 24.15 26.44
CA GLN A 119 -18.56 25.60 26.59
C GLN A 119 -17.29 26.00 27.33
N SER A 120 -17.07 25.41 28.51
CA SER A 120 -15.93 25.78 29.34
C SER A 120 -14.61 25.59 28.62
N ASP A 121 -14.56 24.64 27.68
CA ASP A 121 -13.34 24.45 26.89
C ASP A 121 -13.17 25.58 25.88
N VAL A 122 -14.29 26.05 25.31
CA VAL A 122 -14.21 27.20 24.40
C VAL A 122 -13.67 28.41 25.16
N TYR A 123 -14.19 28.66 26.36
CA TYR A 123 -13.71 29.77 27.17
C TYR A 123 -12.23 29.59 27.52
N ASP A 124 -11.86 28.38 27.93
CA ASP A 124 -10.48 28.13 28.33
C ASP A 124 -9.52 28.32 27.16
N GLN A 125 -9.95 28.00 25.94
CA GLN A 125 -9.07 28.09 24.79
C GLN A 125 -8.96 29.52 24.27
N ILE A 126 -10.06 30.28 24.31
CA ILE A 126 -9.97 31.71 24.01
C ILE A 126 -9.04 32.38 25.01
N ILE A 127 -9.23 32.10 26.29
CA ILE A 127 -8.39 32.68 27.34
C ILE A 127 -6.94 32.27 27.13
N PHE A 128 -6.71 31.04 26.70
CA PHE A 128 -5.34 30.59 26.43
C PHE A 128 -4.72 31.38 25.29
N ALA A 129 -5.45 31.58 24.20
CA ALA A 129 -4.90 32.32 23.07
C ALA A 129 -4.60 33.75 23.45
N VAL A 130 -5.49 34.39 24.21
CA VAL A 130 -5.26 35.77 24.61
C VAL A 130 -4.04 35.88 25.52
N ASN A 131 -3.99 35.04 26.57
CA ASN A 131 -2.89 35.16 27.52
C ASN A 131 -1.56 34.81 26.88
N GLN A 132 -1.57 33.91 25.90
CA GLN A 132 -0.36 33.60 25.16
C GLN A 132 -0.04 34.66 24.10
N TYR A 133 -0.99 35.54 23.79
CA TYR A 133 -0.69 36.69 22.95
C TYR A 133 -0.04 37.81 23.75
N LEU A 134 -0.49 37.99 24.99
CA LEU A 134 0.01 39.08 25.81
C LEU A 134 1.34 38.76 26.46
N GLN A 135 1.71 37.48 26.55
CA GLN A 135 2.99 37.05 27.10
C GLN A 135 3.96 36.62 26.00
N LEU A 136 3.69 36.99 24.75
CA LEU A 136 4.45 36.46 23.62
C LEU A 136 5.93 36.84 23.68
N TYR A 137 6.25 37.97 24.31
CA TYR A 137 7.65 38.36 24.44
C TYR A 137 8.38 37.58 25.52
N GLN A 138 7.65 37.00 26.46
CA GLN A 138 8.24 36.28 27.58
C GLN A 138 8.23 34.77 27.39
N VAL A 139 7.24 34.23 26.68
CA VAL A 139 7.08 32.78 26.58
C VAL A 139 7.73 32.21 25.31
N SER A 140 7.75 32.97 24.23
CA SER A 140 8.13 32.44 22.94
C SER A 140 9.65 32.46 22.74
N VAL A 141 10.07 32.08 21.54
CA VAL A 141 11.47 31.90 21.20
C VAL A 141 11.88 32.87 20.09
N GLY A 142 11.16 32.85 18.98
CA GLY A 142 11.60 33.53 17.77
C GLY A 142 11.62 35.04 17.89
N ASN A 143 11.76 35.66 16.72
CA ASN A 143 11.90 37.11 16.61
C ASN A 143 10.54 37.74 16.30
N HIS A 144 9.64 37.61 17.25
CA HIS A 144 8.25 38.02 17.10
C HIS A 144 8.00 39.35 17.81
N ALA A 145 7.15 40.17 17.23
CA ALA A 145 6.77 41.45 17.81
C ALA A 145 5.44 41.86 17.21
N TYR A 146 5.00 43.08 17.51
CA TYR A 146 3.65 43.54 17.21
C TYR A 146 3.70 44.66 16.18
N GLU A 147 2.51 44.99 15.68
CA GLU A 147 2.37 46.00 14.63
C GLU A 147 2.79 47.40 15.09
N ASN A 148 2.79 47.65 16.40
CA ASN A 148 3.12 48.97 16.94
C ASN A 148 2.20 50.04 16.38
N SER A 154 -1.61 48.34 17.18
CA SER A 154 -1.36 47.40 18.27
C SER A 154 -2.66 47.04 18.96
N ALA A 155 -3.28 45.95 18.52
CA ALA A 155 -4.59 45.57 19.05
C ALA A 155 -4.86 44.10 18.76
N MET A 156 -5.58 43.47 19.68
CA MET A 156 -6.01 42.08 19.59
C MET A 156 -7.52 42.07 19.41
N ALA A 157 -7.98 41.63 18.25
CA ALA A 157 -9.37 41.83 17.83
C ALA A 157 -10.19 40.58 18.07
N ILE A 158 -11.06 40.65 19.09
CA ILE A 158 -12.14 39.70 19.27
C ILE A 158 -13.30 40.09 18.37
N CYS A 159 -13.95 39.10 17.77
CA CYS A 159 -15.06 39.37 16.84
C CYS A 159 -16.08 38.25 16.92
N GLN A 160 -17.23 38.53 17.50
CA GLN A 160 -18.37 37.61 17.47
C GLN A 160 -19.17 37.80 16.19
N HIS A 161 -19.67 36.70 15.65
CA HIS A 161 -20.55 36.70 14.49
C HIS A 161 -21.70 35.73 14.78
N PHE A 162 -22.88 36.29 15.06
CA PHE A 162 -24.05 35.53 15.47
C PHE A 162 -25.29 36.14 14.84
N TYR A 163 -26.37 35.35 14.80
CA TYR A 163 -27.60 35.79 14.14
C TYR A 163 -28.17 37.04 14.78
N LYS A 164 -28.82 37.87 13.96
CA LYS A 164 -29.55 39.03 14.49
C LYS A 164 -30.66 38.58 15.42
N ARG A 165 -31.51 37.69 14.95
CA ARG A 165 -32.61 37.13 15.73
C ARG A 165 -32.60 35.62 15.56
N GLY A 166 -32.34 34.91 16.64
CA GLY A 166 -32.43 33.46 16.66
C GLY A 166 -33.15 33.00 17.91
N ASN A 167 -34.27 32.30 17.72
CA ASN A 167 -35.09 31.81 18.83
C ASN A 167 -35.48 30.38 18.46
N ILE A 168 -34.73 29.41 18.99
CA ILE A 168 -34.85 28.01 18.58
C ILE A 168 -35.39 27.22 19.76
N TYR A 169 -36.53 26.56 19.56
CA TYR A 169 -37.19 25.74 20.57
C TYR A 169 -37.41 24.37 19.95
N PRO A 170 -36.43 23.47 20.03
CA PRO A 170 -36.65 22.12 19.50
C PRO A 170 -37.58 21.28 20.37
N GLY A 171 -37.64 21.55 21.67
CA GLY A 171 -38.55 20.80 22.53
C GLY A 171 -40.01 21.01 22.16
N ASN A 172 -40.33 22.12 21.51
CA ASN A 172 -41.66 22.40 21.01
C ASN A 172 -41.76 22.31 19.49
N ASP A 173 -40.70 21.87 18.81
CA ASP A 173 -40.69 21.74 17.35
C ASP A 173 -40.98 23.07 16.67
N THR A 174 -40.23 24.09 17.04
CA THR A 174 -40.51 25.45 16.58
C THR A 174 -39.22 26.25 16.59
N PHE A 175 -39.13 27.22 15.68
CA PHE A 175 -37.98 28.13 15.66
C PHE A 175 -38.29 29.32 14.77
N ASP A 176 -37.71 30.47 15.14
CA ASP A 176 -37.83 31.71 14.38
C ASP A 176 -36.42 32.25 14.17
N ILE A 177 -36.10 32.60 12.92
CA ILE A 177 -34.74 32.93 12.52
C ILE A 177 -34.76 34.23 11.71
N ASP A 178 -33.70 35.01 11.85
CA ASP A 178 -33.34 36.07 10.90
C ASP A 178 -31.98 35.70 10.33
N PRO A 179 -31.90 35.09 9.13
CA PRO A 179 -30.59 34.65 8.62
C PRO A 179 -29.59 35.77 8.38
N GLU A 180 -30.02 37.02 8.37
CA GLU A 180 -29.08 38.13 8.37
C GLU A 180 -28.18 38.06 9.59
N ILE A 181 -26.95 38.55 9.44
CA ILE A 181 -25.88 38.32 10.39
C ILE A 181 -25.66 39.58 11.22
N GLU A 182 -25.50 39.39 12.52
CA GLU A 182 -25.07 40.42 13.45
C GLU A 182 -23.64 40.16 13.88
N THR A 183 -22.92 41.25 14.16
CA THR A 183 -21.51 41.21 14.50
C THR A 183 -21.27 42.02 15.76
N ASP A 184 -20.34 41.55 16.59
CA ASP A 184 -19.82 42.31 17.72
C ASP A 184 -18.31 42.22 17.68
N CYS A 185 -17.64 43.14 18.35
CA CYS A 185 -16.18 43.19 18.32
C CYS A 185 -15.66 43.74 19.64
N PHE A 186 -14.34 43.65 19.81
CA PHE A 186 -13.64 44.20 20.95
C PHE A 186 -12.15 44.17 20.64
N PHE A 187 -11.40 45.07 21.27
CA PHE A 187 -9.97 45.21 21.04
C PHE A 187 -9.26 45.24 22.37
N VAL A 188 -8.30 44.33 22.57
CA VAL A 188 -7.44 44.33 23.73
C VAL A 188 -6.12 44.97 23.32
N GLU A 189 -5.76 46.07 23.95
CA GLU A 189 -4.46 46.67 23.73
C GLU A 189 -3.38 45.75 24.28
N PRO A 190 -2.31 45.46 23.54
CA PRO A 190 -1.30 44.52 24.07
C PRO A 190 -0.59 45.00 25.32
N ASP A 191 -0.62 46.30 25.61
CA ASP A 191 0.07 46.86 26.78
C ASP A 191 -0.81 46.89 28.02
N GLU A 192 -1.78 45.98 28.14
CA GLU A 192 -2.71 45.92 29.25
C GLU A 192 -2.53 44.64 30.05
N PRO A 193 -1.46 44.52 30.86
CA PRO A 193 -1.29 43.34 31.70
C PRO A 193 -2.15 43.30 32.94
N PHE A 194 -3.07 44.26 33.12
CA PHE A 194 -3.92 44.25 34.30
C PHE A 194 -4.81 43.01 34.33
N HIS A 195 -5.55 42.78 33.24
CA HIS A 195 -6.37 41.59 33.10
C HIS A 195 -5.55 40.48 32.47
N ILE A 196 -5.63 39.29 33.05
CA ILE A 196 -4.82 38.17 32.59
C ILE A 196 -5.40 36.88 33.18
N GLU A 201 -12.42 32.45 36.92
CA GLU A 201 -12.53 33.88 37.20
C GLU A 201 -12.26 34.70 35.94
N ASN A 202 -13.31 34.86 35.13
CA ASN A 202 -13.19 35.62 33.90
C ASN A 202 -12.90 37.08 34.20
N LYS A 203 -12.06 37.69 33.35
CA LYS A 203 -11.68 39.08 33.46
C LYS A 203 -12.27 39.91 32.34
N LEU A 204 -12.01 39.55 31.09
CA LEU A 204 -12.62 40.22 29.96
C LEU A 204 -14.11 39.88 29.92
N ASN A 205 -14.85 40.72 29.19
CA ASN A 205 -16.31 40.73 29.25
C ASN A 205 -16.96 39.82 28.21
N LEU A 206 -16.29 38.73 27.83
CA LEU A 206 -16.81 37.83 26.82
C LEU A 206 -17.92 36.98 27.41
N THR A 207 -19.09 37.03 26.77
CA THR A 207 -20.22 36.17 27.12
C THR A 207 -20.88 35.71 25.85
N LEU A 208 -21.36 34.47 25.84
CA LEU A 208 -21.90 33.83 24.64
C LEU A 208 -23.31 33.31 24.92
N ASP A 209 -24.00 32.97 23.83
CA ASP A 209 -25.31 32.35 23.87
C ASP A 209 -25.26 30.87 23.52
N PHE A 210 -24.59 30.53 22.43
CA PHE A 210 -24.39 29.20 21.85
C PHE A 210 -25.64 28.68 21.15
N HIS A 211 -26.77 29.38 21.20
CA HIS A 211 -27.95 29.04 20.42
C HIS A 211 -27.96 29.82 19.11
N ARG A 212 -27.71 31.12 19.18
CA ARG A 212 -27.42 31.94 18.01
C ARG A 212 -25.92 32.23 18.02
N LEU A 213 -25.19 31.62 17.08
CA LEU A 213 -23.77 31.86 16.90
C LEU A 213 -23.33 31.18 15.63
N LEU A 214 -22.46 31.87 14.89
CA LEU A 214 -21.88 31.33 13.66
C LEU A 214 -20.38 31.18 13.76
N THR A 215 -19.67 32.19 14.27
CA THR A 215 -18.23 32.03 14.43
C THR A 215 -17.67 33.12 15.32
N VAL A 216 -16.64 32.77 16.08
CA VAL A 216 -15.81 33.74 16.78
C VAL A 216 -14.47 33.79 16.05
N GLU A 217 -13.94 35.00 15.90
CA GLU A 217 -12.69 35.23 15.19
C GLU A 217 -11.77 36.06 16.08
N LEU A 218 -10.57 35.55 16.30
CA LEU A 218 -9.51 36.29 16.99
C LEU A 218 -8.48 36.68 15.94
N GLN A 219 -8.50 37.94 15.53
CA GLN A 219 -7.64 38.46 14.48
C GLN A 219 -6.58 39.36 15.09
N PHE A 220 -5.34 39.19 14.62
CA PHE A 220 -4.24 40.05 15.04
C PHE A 220 -3.13 39.92 14.01
N LYS A 221 -2.02 40.62 14.26
CA LYS A 221 -0.92 40.71 13.32
C LYS A 221 0.40 40.69 14.08
N LEU A 222 1.40 40.08 13.44
CA LEU A 222 2.74 39.95 13.99
C LEU A 222 3.75 40.17 12.89
N LYS A 223 4.99 40.45 13.30
CA LYS A 223 6.09 40.72 12.37
C LYS A 223 7.28 39.86 12.76
N ALA A 224 8.00 39.38 11.76
CA ALA A 224 9.17 38.55 11.99
C ALA A 224 10.18 38.78 10.87
N ILE A 225 11.33 38.14 11.00
CA ILE A 225 12.42 38.22 10.02
C ILE A 225 12.96 36.82 9.81
N ASN A 226 13.29 36.51 8.56
CA ASN A 226 14.00 35.27 8.22
C ASN A 226 15.47 35.60 8.07
N LEU A 227 16.32 34.73 8.65
CA LEU A 227 17.75 34.97 8.72
C LEU A 227 18.54 34.10 7.75
N GLN A 228 17.93 33.06 7.20
CA GLN A 228 18.54 32.35 6.08
C GLN A 228 18.58 33.21 4.82
N THR A 229 17.75 34.26 4.77
CA THR A 229 17.65 35.10 3.58
C THR A 229 18.61 36.28 3.58
N VAL A 230 19.22 36.61 4.73
CA VAL A 230 20.25 37.65 4.73
C VAL A 230 21.43 37.21 3.87
N ARG A 231 21.68 35.90 3.78
CA ARG A 231 22.72 35.37 2.92
C ARG A 231 22.40 35.52 1.44
N HIS A 232 21.15 35.84 1.08
CA HIS A 232 20.72 36.00 -0.31
C HIS A 232 19.99 37.34 -0.43
N GLN A 233 20.65 38.33 -1.00
CA GLN A 233 20.05 39.66 -1.13
C GLN A 233 18.79 39.66 -1.99
N GLU A 234 18.62 38.65 -2.84
CA GLU A 234 17.47 38.63 -3.77
C GLU A 234 16.13 38.52 -3.05
N LEU A 235 16.11 38.06 -1.79
CA LEU A 235 14.87 37.83 -1.05
C LEU A 235 14.62 38.95 -0.06
N PRO A 236 13.39 39.48 0.09
CA PRO A 236 13.13 40.37 1.22
C PRO A 236 13.21 39.62 2.54
N ASP A 237 13.74 40.31 3.55
CA ASP A 237 14.07 39.68 4.82
C ASP A 237 12.87 39.63 5.77
N CYS A 238 12.19 40.74 5.94
CA CYS A 238 11.09 40.79 6.89
C CYS A 238 9.85 40.11 6.31
N TYR A 239 8.97 39.71 7.21
CA TYR A 239 7.74 39.02 6.86
C TYR A 239 6.64 39.44 7.83
N ASP A 240 5.46 39.71 7.28
CA ASP A 240 4.28 40.08 8.03
C ASP A 240 3.34 38.89 8.08
N PHE A 241 2.81 38.62 9.27
CA PHE A 241 1.85 37.54 9.50
C PHE A 241 0.55 38.14 10.00
N THR A 242 -0.56 37.80 9.35
CA THR A 242 -1.89 38.24 9.79
C THR A 242 -2.67 37.00 10.19
N LEU A 243 -2.78 36.78 11.50
CA LEU A 243 -3.32 35.57 12.07
C LEU A 243 -4.79 35.74 12.43
N THR A 244 -5.56 34.70 12.15
CA THR A 244 -6.96 34.59 12.56
C THR A 244 -7.21 33.21 13.12
N ILE A 245 -7.78 33.16 14.32
CA ILE A 245 -8.25 31.92 14.94
C ILE A 245 -9.76 31.88 14.78
N THR A 246 -10.26 30.85 14.11
CA THR A 246 -11.68 30.67 13.81
C THR A 246 -12.22 29.58 14.72
N PHE A 247 -13.11 29.97 15.64
CA PHE A 247 -14.00 29.05 16.35
C PHE A 247 -15.29 29.01 15.56
N ASP A 248 -15.48 27.95 14.77
CA ASP A 248 -16.60 27.82 13.85
C ASP A 248 -17.68 26.96 14.48
N ASN A 249 -18.83 27.57 14.77
CA ASN A 249 -20.03 26.86 15.19
C ASN A 249 -21.03 26.66 14.04
N LYS A 250 -20.62 26.92 12.80
CA LYS A 250 -21.48 26.61 11.68
C LYS A 250 -21.69 25.10 11.59
N ALA A 251 -22.79 24.72 10.93
CA ALA A 251 -23.23 23.32 10.89
C ALA A 251 -23.44 22.81 12.32
N HIS A 252 -24.49 23.33 12.95
CA HIS A 252 -24.73 23.09 14.37
C HIS A 252 -24.89 21.61 14.66
N SER A 253 -23.91 21.04 15.35
CA SER A 253 -23.88 19.61 15.66
C SER A 253 -23.25 19.35 17.02
N GLY A 254 -23.19 20.34 17.89
CA GLY A 254 -22.46 20.20 19.14
C GLY A 254 -20.97 20.04 18.95
N ARG A 255 -20.43 20.49 17.82
CA ARG A 255 -19.03 20.31 17.49
C ARG A 255 -18.52 21.60 16.85
N ILE A 256 -17.71 22.34 17.61
CA ILE A 256 -17.14 23.61 17.14
C ILE A 256 -15.79 23.31 16.52
N LYS A 257 -15.67 23.51 15.21
CA LYS A 257 -14.37 23.42 14.56
C LYS A 257 -13.47 24.54 15.07
N ILE A 258 -12.17 24.28 15.09
CA ILE A 258 -11.18 25.29 15.49
C ILE A 258 -10.03 25.25 14.50
N SER A 259 -9.72 26.40 13.90
CA SER A 259 -8.62 26.47 12.94
C SER A 259 -7.84 27.76 13.14
N LEU A 260 -6.56 27.71 12.76
CA LEU A 260 -5.71 28.88 12.66
C LEU A 260 -5.31 29.09 11.21
N ASP A 261 -5.30 30.35 10.78
CA ASP A 261 -4.89 30.70 9.44
C ASP A 261 -4.09 31.99 9.49
N ASN A 262 -2.92 32.00 8.87
CA ASN A 262 -2.10 33.20 8.75
C ASN A 262 -1.96 33.58 7.28
N ASP A 263 -2.50 34.75 6.93
CA ASP A 263 -2.28 35.35 5.63
C ASP A 263 -1.15 36.36 5.76
N ILE A 264 -0.10 36.18 4.95
CA ILE A 264 1.16 36.88 5.16
C ILE A 264 1.33 37.97 4.11
N SER A 265 2.35 38.81 4.32
CA SER A 265 2.71 39.85 3.37
C SER A 265 4.22 40.05 3.45
N ILE A 266 4.90 39.84 2.32
CA ILE A 266 6.33 40.09 2.24
C ILE A 266 6.58 41.59 2.27
N ARG A 267 7.72 41.98 2.83
CA ARG A 267 8.10 43.38 2.91
C ARG A 267 9.61 43.50 2.76
N GLU A 268 10.04 44.56 2.11
CA GLU A 268 11.46 44.89 1.98
C GLU A 268 11.85 45.80 3.14
N CYS A 269 12.87 45.38 3.89
CA CYS A 269 13.36 46.21 4.99
C CYS A 269 13.94 47.51 4.44
N LYS A 270 13.88 48.55 5.26
CA LYS A 270 14.41 49.85 4.86
C LYS A 270 15.92 49.77 4.64
N ASP A 271 16.60 49.00 5.49
CA ASP A 271 18.03 48.83 5.40
C ASP A 271 18.42 47.63 6.26
N TRP A 272 19.65 47.16 6.06
CA TRP A 272 20.13 46.10 6.93
C TRP A 272 21.64 46.00 6.81
N HIS A 273 22.31 45.86 7.96
CA HIS A 273 23.76 45.88 8.04
C HIS A 273 24.32 44.49 8.28
N VAL A 274 25.59 44.33 7.94
CA VAL A 274 26.34 43.12 8.26
C VAL A 274 27.76 43.53 8.60
N SER A 275 28.15 43.36 9.86
CA SER A 275 29.51 43.64 10.32
C SER A 275 29.90 45.10 10.04
N GLY A 276 28.92 46.00 10.09
CA GLY A 276 29.14 47.41 9.84
C GLY A 276 28.90 47.84 8.42
N SER A 277 28.78 46.91 7.48
CA SER A 277 28.57 47.23 6.07
C SER A 277 27.08 47.37 5.79
N ILE A 278 26.71 48.52 5.20
CA ILE A 278 25.31 48.77 4.83
C ILE A 278 24.93 47.90 3.64
N GLN A 279 23.72 47.35 3.69
CA GLN A 279 23.23 46.47 2.64
C GLN A 279 21.73 46.68 2.45
N LYS A 280 21.33 46.69 1.17
CA LYS A 280 19.93 46.66 0.76
C LYS A 280 19.78 45.56 -0.28
N ASN A 281 18.53 45.17 -0.53
CA ASN A 281 18.25 44.05 -1.40
C ASN A 281 18.59 44.40 -2.85
N THR A 282 19.18 43.44 -3.56
CA THR A 282 19.62 43.60 -4.93
C THR A 282 18.84 42.62 -5.81
N HIS A 283 18.61 43.03 -7.06
CA HIS A 283 17.91 42.20 -8.05
C HIS A 283 18.82 41.98 -9.25
N ASN A 284 19.03 40.71 -9.59
CA ASN A 284 19.64 40.31 -10.85
C ASN A 284 18.80 39.28 -11.60
N MET A 285 17.87 38.61 -10.91
CA MET A 285 16.97 37.66 -11.55
C MET A 285 16.10 38.32 -12.62
N MET A 286 15.85 39.62 -12.50
CA MET A 286 15.03 40.35 -13.46
C MET A 286 15.62 40.26 -14.86
N ILE A 287 16.92 40.50 -14.99
CA ILE A 287 17.58 40.43 -16.29
C ILE A 287 17.49 39.02 -16.83
N PHE A 288 17.65 38.03 -15.96
CA PHE A 288 17.54 36.63 -16.37
C PHE A 288 16.19 36.36 -17.00
N ASP A 289 15.10 36.72 -16.29
CA ASP A 289 13.76 36.52 -16.83
C ASP A 289 13.56 37.26 -18.15
N ALA A 290 14.12 38.47 -18.26
CA ALA A 290 14.01 39.20 -19.52
C ALA A 290 14.68 38.44 -20.65
N PHE A 291 15.80 37.77 -20.35
CA PHE A 291 16.49 36.99 -21.37
C PHE A 291 15.73 35.72 -21.70
N VAL A 292 14.99 35.17 -20.73
CA VAL A 292 14.05 34.08 -21.02
C VAL A 292 13.04 34.55 -22.06
N ILE A 293 12.43 35.70 -21.81
CA ILE A 293 11.40 36.21 -22.71
C ILE A 293 11.99 36.45 -24.10
N LEU A 294 13.25 36.90 -24.15
CA LEU A 294 13.94 37.07 -25.42
C LEU A 294 14.03 35.74 -26.16
N THR A 295 14.63 34.74 -25.52
CA THR A 295 14.84 33.44 -26.17
C THR A 295 13.53 32.83 -26.64
N CYS A 296 12.56 32.72 -25.74
CA CYS A 296 11.28 32.10 -26.09
C CYS A 296 10.56 32.89 -27.17
N LEU A 297 10.74 34.20 -27.21
CA LEU A 297 10.13 35.00 -28.26
C LEU A 297 10.76 34.68 -29.61
N VAL A 298 12.08 34.58 -29.67
CA VAL A 298 12.75 34.24 -30.93
C VAL A 298 12.29 32.87 -31.41
N SER A 299 12.26 31.89 -30.50
CA SER A 299 11.79 30.56 -30.86
C SER A 299 10.36 30.61 -31.37
N LEU A 300 9.51 31.42 -30.74
CA LEU A 300 8.13 31.57 -31.19
C LEU A 300 8.09 32.06 -32.63
N ILE A 301 8.86 33.11 -32.93
CA ILE A 301 8.85 33.69 -34.27
C ILE A 301 9.30 32.65 -35.30
N LEU A 302 10.45 32.03 -35.07
CA LEU A 302 11.00 31.08 -36.03
C LEU A 302 10.05 29.90 -36.24
N CYS A 303 9.44 29.41 -35.17
CA CYS A 303 8.53 28.28 -35.29
C CYS A 303 7.30 28.65 -36.11
N ILE A 304 6.73 29.83 -35.86
CA ILE A 304 5.59 30.27 -36.67
C ILE A 304 5.99 30.39 -38.14
N ARG A 305 7.22 30.87 -38.39
CA ARG A 305 7.69 30.95 -39.77
C ARG A 305 7.76 29.56 -40.40
N SER A 306 8.21 28.56 -39.64
CA SER A 306 8.31 27.22 -40.20
C SER A 306 6.95 26.59 -40.43
N VAL A 307 5.97 26.90 -39.56
CA VAL A 307 4.62 26.40 -39.77
C VAL A 307 4.02 27.00 -41.03
N ILE A 308 4.13 28.33 -41.17
CA ILE A 308 3.54 28.99 -42.33
C ILE A 308 4.23 28.55 -43.61
N SER A 309 5.56 28.36 -43.55
CA SER A 309 6.28 27.81 -44.69
C SER A 309 5.78 26.41 -45.02
N GLY A 310 5.49 25.61 -44.00
CA GLY A 310 4.96 24.28 -44.24
C GLY A 310 3.58 24.31 -44.89
N LEU A 311 2.78 25.31 -44.56
CA LEU A 311 1.45 25.42 -45.16
C LEU A 311 1.54 25.89 -46.61
N GLN A 312 2.43 26.84 -46.88
CA GLN A 312 2.59 27.31 -48.26
C GLN A 312 3.15 26.19 -49.13
N LEU A 313 4.14 25.45 -48.63
CA LEU A 313 4.65 24.30 -49.35
C LEU A 313 3.58 23.23 -49.51
N GLN A 314 2.69 23.11 -48.52
CA GLN A 314 1.60 22.16 -48.59
C GLN A 314 0.66 22.48 -49.75
N GLN A 315 0.11 23.68 -49.76
CA GLN A 315 -0.81 24.07 -50.83
C GLN A 315 -0.10 24.07 -52.18
N GLU A 316 1.20 24.38 -52.19
CA GLU A 316 1.98 24.24 -53.42
C GLU A 316 1.95 22.80 -53.91
N PHE A 317 2.10 21.84 -52.99
CA PHE A 317 2.07 20.44 -53.38
C PHE A 317 0.69 20.03 -53.87
N VAL A 318 -0.34 20.45 -53.13
CA VAL A 318 -1.67 20.19 -53.53
C VAL A 318 -1.90 20.67 -54.94
N ASN A 319 -1.78 22.01 -55.24
CA ASN A 319 -2.10 22.63 -56.52
C ASN A 319 -1.25 22.04 -57.64
N PHE A 320 0.02 21.80 -57.35
CA PHE A 320 0.92 21.18 -58.33
C PHE A 320 0.50 19.74 -58.69
N PHE A 321 0.13 18.96 -57.68
CA PHE A 321 -0.25 17.56 -57.88
C PHE A 321 -1.58 17.47 -58.63
N LEU A 322 -2.54 18.31 -58.28
CA LEU A 322 -3.80 18.38 -59.00
C LEU A 322 -3.57 18.80 -60.44
N LEU A 323 -2.82 19.89 -60.65
CA LEU A 323 -2.67 20.46 -61.98
C LEU A 323 -2.05 19.47 -62.95
N HIS A 324 -0.95 18.83 -62.51
CA HIS A 324 -0.19 17.92 -63.38
C HIS A 324 -0.83 16.60 -63.84
N TYR A 325 -1.48 15.89 -62.93
CA TYR A 325 -2.14 14.62 -63.24
C TYR A 325 -3.63 14.47 -62.85
N LYS A 326 -4.36 15.55 -62.58
CA LYS A 326 -5.76 15.45 -62.15
C LYS A 326 -5.98 14.48 -60.96
N LYS A 327 -5.06 14.42 -59.99
CA LYS A 327 -5.21 13.55 -58.83
C LYS A 327 -4.83 14.44 -57.65
N ASP A 328 -5.74 14.73 -56.66
CA ASP A 328 -5.44 15.43 -55.40
C ASP A 328 -6.43 15.25 -54.24
N VAL A 329 -7.17 14.14 -54.14
CA VAL A 329 -8.07 13.94 -53.02
C VAL A 329 -7.30 13.23 -51.91
N SER A 330 -6.35 13.93 -51.29
CA SER A 330 -5.54 13.32 -50.26
C SER A 330 -5.58 14.24 -49.04
N VAL A 331 -5.89 13.69 -47.87
CA VAL A 331 -5.91 14.45 -46.64
C VAL A 331 -4.78 14.14 -45.63
N SER A 332 -4.29 12.87 -45.50
CA SER A 332 -3.23 12.39 -44.60
C SER A 332 -1.87 13.04 -44.88
N ASP A 333 -1.55 13.15 -46.16
CA ASP A 333 -0.36 13.86 -46.60
C ASP A 333 -0.48 15.34 -46.19
N GLN A 334 -1.67 15.92 -46.31
CA GLN A 334 -1.83 17.31 -45.92
C GLN A 334 -1.46 17.45 -44.43
N MET A 335 -1.90 16.52 -43.57
CA MET A 335 -1.51 16.54 -42.17
C MET A 335 0.01 16.29 -42.01
N GLU A 336 0.57 15.41 -42.84
CA GLU A 336 2.00 15.11 -42.73
C GLU A 336 2.86 16.35 -42.93
N PHE A 337 2.37 17.36 -43.64
CA PHE A 337 3.10 18.61 -43.74
C PHE A 337 3.02 19.44 -42.47
N VAL A 338 1.98 19.25 -41.66
CA VAL A 338 1.86 19.92 -40.37
C VAL A 338 2.65 19.12 -39.35
N ASN A 339 3.32 19.82 -38.43
CA ASN A 339 4.18 19.21 -37.42
C ASN A 339 3.76 19.73 -36.05
N GLY A 340 3.16 18.85 -35.25
CA GLY A 340 2.62 19.25 -33.97
C GLY A 340 3.66 19.66 -32.94
N TRP A 341 4.90 19.23 -33.11
CA TRP A 341 5.94 19.56 -32.14
C TRP A 341 6.17 21.07 -32.09
N TYR A 342 6.17 21.71 -33.25
CA TYR A 342 6.37 23.15 -33.32
C TYR A 342 5.22 23.82 -32.57
N ILE A 343 4.02 23.29 -32.73
CA ILE A 343 2.86 23.84 -32.03
C ILE A 343 3.05 23.71 -30.52
N MET A 344 3.64 22.60 -30.11
CA MET A 344 3.93 22.37 -28.71
C MET A 344 4.88 23.47 -28.23
N ILE A 345 5.84 23.85 -29.09
CA ILE A 345 6.80 24.89 -28.73
C ILE A 345 6.13 26.25 -28.72
N ILE A 346 5.10 26.45 -29.54
CA ILE A 346 4.38 27.73 -29.54
C ILE A 346 3.64 27.90 -28.22
N ILE A 347 2.86 26.89 -27.83
CA ILE A 347 2.15 26.94 -26.55
C ILE A 347 3.15 27.09 -25.41
N SER A 348 4.27 26.37 -25.49
CA SER A 348 5.31 26.47 -24.47
C SER A 348 5.84 27.90 -24.36
N ASP A 349 6.17 28.52 -25.49
CA ASP A 349 6.74 29.86 -25.46
C ASP A 349 5.75 30.87 -24.90
N ILE A 350 4.47 30.75 -25.28
CA ILE A 350 3.46 31.66 -24.76
C ILE A 350 3.38 31.53 -23.24
N LEU A 351 3.33 30.30 -22.73
CA LEU A 351 3.19 30.09 -21.30
C LEU A 351 4.43 30.58 -20.55
N THR A 352 5.63 30.38 -21.11
CA THR A 352 6.85 30.89 -20.47
C THR A 352 6.85 32.41 -20.43
N ILE A 353 6.39 33.05 -21.49
CA ILE A 353 6.39 34.51 -21.51
C ILE A 353 5.42 35.07 -20.49
N ILE A 354 4.20 34.51 -20.45
CA ILE A 354 3.20 35.00 -19.51
C ILE A 354 3.66 34.77 -18.08
N GLY A 355 4.08 33.54 -17.78
CA GLY A 355 4.55 33.23 -16.43
C GLY A 355 5.74 34.08 -16.02
N SER A 356 6.60 34.43 -16.98
CA SER A 356 7.76 35.26 -16.67
C SER A 356 7.36 36.70 -16.41
N ILE A 357 6.37 37.21 -17.14
CA ILE A 357 5.88 38.56 -16.89
C ILE A 357 5.27 38.65 -15.50
N LEU A 358 4.41 37.68 -15.15
CA LEU A 358 3.83 37.67 -13.82
C LEU A 358 4.90 37.50 -12.75
N LYS A 359 5.91 36.70 -13.05
CA LYS A 359 7.04 36.52 -12.13
C LYS A 359 7.75 37.84 -11.86
N MET A 360 8.10 38.57 -12.92
CA MET A 360 8.72 39.88 -12.76
C MET A 360 7.81 40.83 -11.98
N GLU A 361 6.50 40.71 -12.20
CA GLU A 361 5.55 41.55 -11.49
C GLU A 361 5.59 41.27 -10.00
N ILE A 362 5.68 40.01 -9.61
CA ILE A 362 5.66 39.67 -8.20
C ILE A 362 6.99 40.02 -7.54
N GLN A 363 8.10 39.76 -8.22
CA GLN A 363 9.39 40.14 -7.67
C GLN A 363 9.54 41.66 -7.60
N ALA A 364 8.80 42.41 -8.41
CA ALA A 364 8.84 43.86 -8.32
C ALA A 364 7.96 44.38 -7.20
N LYS A 365 6.69 43.97 -7.18
CA LYS A 365 5.77 44.38 -6.13
C LYS A 365 5.98 43.64 -4.82
N SER A 366 6.76 42.56 -4.82
CA SER A 366 7.07 41.81 -3.61
C SER A 366 5.82 41.21 -2.99
N LEU A 367 5.01 40.58 -3.84
CA LEU A 367 3.86 39.80 -3.38
C LEU A 367 4.30 38.36 -3.10
N THR A 368 3.38 37.59 -2.51
CA THR A 368 3.65 36.24 -2.04
C THR A 368 2.71 35.20 -2.64
N SER A 369 1.93 35.56 -3.66
CA SER A 369 0.95 34.66 -4.27
C SER A 369 1.56 34.06 -5.53
N TYR A 370 2.13 32.86 -5.40
CA TYR A 370 2.80 32.16 -6.49
C TYR A 370 1.97 30.91 -6.80
N ASP A 371 0.98 31.06 -7.68
CA ASP A 371 0.09 29.97 -8.05
C ASP A 371 -0.13 29.85 -9.55
N VAL A 372 -0.25 30.97 -10.26
CA VAL A 372 -0.48 30.94 -11.70
C VAL A 372 0.83 30.80 -12.44
N CYS A 373 1.83 31.59 -12.06
CA CYS A 373 3.15 31.51 -12.69
C CYS A 373 3.73 30.11 -12.52
N SER A 374 3.56 29.51 -11.36
CA SER A 374 4.06 28.16 -11.11
C SER A 374 3.47 27.17 -12.09
N ILE A 375 2.18 27.31 -12.39
CA ILE A 375 1.48 26.37 -13.26
C ILE A 375 1.84 26.59 -14.71
N LEU A 376 1.88 27.85 -15.15
CA LEU A 376 2.27 28.16 -16.51
C LEU A 376 3.68 27.66 -16.79
N LEU A 377 4.60 27.93 -15.87
CA LEU A 377 5.99 27.52 -16.05
C LEU A 377 6.13 26.01 -15.98
N GLY A 378 5.38 25.37 -15.08
CA GLY A 378 5.41 23.92 -14.97
C GLY A 378 4.97 23.21 -16.23
N THR A 379 3.77 23.54 -16.71
CA THR A 379 3.28 22.97 -17.95
C THR A 379 4.24 23.27 -19.09
N SER A 380 4.78 24.49 -19.12
CA SER A 380 5.76 24.85 -20.13
C SER A 380 6.94 23.90 -20.15
N THR A 381 7.60 23.76 -18.99
CA THR A 381 8.75 22.84 -18.89
C THR A 381 8.41 21.44 -19.36
N MET A 382 7.29 20.89 -18.87
CA MET A 382 6.82 19.59 -19.33
C MET A 382 6.83 19.49 -20.85
N LEU A 383 6.23 20.49 -21.51
CA LEU A 383 6.19 20.49 -22.96
C LEU A 383 7.58 20.64 -23.57
N VAL A 384 8.49 21.32 -22.87
CA VAL A 384 9.84 21.52 -23.38
C VAL A 384 10.59 20.19 -23.41
N TRP A 385 10.56 19.44 -22.30
CA TRP A 385 11.22 18.14 -22.26
C TRP A 385 10.63 17.19 -23.30
N LEU A 386 9.30 17.23 -23.48
CA LEU A 386 8.73 16.55 -24.64
C LEU A 386 9.39 17.04 -25.94
N GLY A 387 9.73 18.32 -26.02
CA GLY A 387 10.53 18.79 -27.13
C GLY A 387 11.83 18.04 -27.27
N VAL A 388 12.48 17.70 -26.16
CA VAL A 388 13.67 16.88 -26.28
C VAL A 388 13.29 15.53 -26.86
N ILE A 389 12.08 15.04 -26.59
CA ILE A 389 11.67 13.81 -27.26
C ILE A 389 11.48 14.03 -28.75
N ARG A 390 11.37 15.28 -29.16
CA ARG A 390 11.43 15.60 -30.57
C ARG A 390 12.89 15.31 -30.97
N TYR A 391 13.83 15.69 -30.09
CA TYR A 391 15.26 15.52 -30.30
C TYR A 391 15.77 14.15 -29.89
N LEU A 392 14.91 13.14 -29.84
CA LEU A 392 15.34 11.74 -29.83
C LEU A 392 14.79 10.92 -30.97
N GLY A 393 13.81 11.42 -31.72
CA GLY A 393 13.27 10.70 -32.85
C GLY A 393 14.11 10.74 -34.09
N PHE A 394 15.32 11.30 -34.02
CA PHE A 394 16.25 11.30 -35.15
C PHE A 394 17.06 10.02 -35.23
N PHE A 395 16.67 9.03 -34.44
CA PHE A 395 17.28 7.69 -34.38
C PHE A 395 16.14 6.74 -34.75
N ALA A 396 16.40 5.69 -35.53
CA ALA A 396 15.29 4.87 -36.00
C ALA A 396 14.69 3.99 -34.92
N LYS A 397 15.44 3.68 -33.86
CA LYS A 397 14.91 2.80 -32.80
C LYS A 397 14.07 3.60 -31.81
N TYR A 398 14.62 4.69 -31.31
CA TYR A 398 13.79 5.68 -30.63
C TYR A 398 12.57 6.03 -31.47
N ASN A 399 12.77 6.23 -32.77
CA ASN A 399 11.67 6.53 -33.68
C ASN A 399 10.62 5.42 -33.66
N LEU A 400 11.06 4.16 -33.63
CA LEU A 400 10.12 3.06 -33.49
C LEU A 400 9.29 3.20 -32.22
N LEU A 401 9.91 3.58 -31.12
CA LEU A 401 9.20 3.59 -29.85
C LEU A 401 8.21 4.76 -29.76
N ILE A 402 8.67 5.98 -30.07
CA ILE A 402 7.76 7.12 -30.05
C ILE A 402 6.63 6.94 -31.05
N LEU A 403 6.93 6.38 -32.22
CA LEU A 403 5.85 6.13 -33.18
C LEU A 403 4.88 5.09 -32.66
N THR A 404 5.38 4.10 -31.93
CA THR A 404 4.49 3.14 -31.28
C THR A 404 3.55 3.84 -30.31
N LEU A 405 4.09 4.74 -29.49
CA LEU A 405 3.29 5.44 -28.51
C LEU A 405 2.22 6.31 -29.17
N GLN A 406 2.64 7.11 -30.16
CA GLN A 406 1.71 7.99 -30.87
C GLN A 406 0.63 7.19 -31.57
N ALA A 407 1.02 6.11 -32.26
CA ALA A 407 0.04 5.30 -32.96
C ALA A 407 -0.93 4.63 -32.00
N ALA A 408 -0.49 4.34 -30.78
CA ALA A 408 -1.37 3.67 -29.82
C ALA A 408 -2.33 4.63 -29.14
N LEU A 409 -1.93 5.89 -28.98
CA LEU A 409 -2.71 6.83 -28.17
C LEU A 409 -4.18 6.97 -28.54
N PRO A 410 -4.59 7.06 -29.81
CA PRO A 410 -6.02 7.26 -30.11
C PRO A 410 -6.91 6.13 -29.62
N ASN A 411 -6.55 4.89 -29.97
CA ASN A 411 -7.34 3.74 -29.57
C ASN A 411 -7.39 3.61 -28.05
N VAL A 412 -6.30 4.01 -27.37
CA VAL A 412 -6.29 4.03 -25.93
C VAL A 412 -7.27 5.05 -25.40
N ILE A 413 -7.40 6.20 -26.06
CA ILE A 413 -8.32 7.22 -25.56
C ILE A 413 -9.76 6.77 -25.77
N ARG A 414 -10.05 6.14 -26.90
CA ARG A 414 -11.39 5.63 -27.14
C ARG A 414 -11.76 4.57 -26.10
N PHE A 415 -10.86 3.61 -25.88
CA PHE A 415 -11.15 2.60 -24.89
C PHE A 415 -11.25 3.18 -23.49
N CYS A 416 -10.49 4.24 -23.21
CA CYS A 416 -10.64 4.94 -21.95
C CYS A 416 -12.00 5.63 -21.86
N CYS A 417 -12.61 5.97 -23.00
CA CYS A 417 -13.98 6.46 -22.96
C CYS A 417 -14.92 5.35 -22.50
N CYS A 418 -14.85 4.18 -23.14
CA CYS A 418 -15.75 3.08 -22.75
C CYS A 418 -15.57 2.69 -21.28
N ALA A 419 -14.34 2.33 -20.91
CA ALA A 419 -14.05 1.97 -19.52
C ALA A 419 -14.36 3.12 -18.58
N ALA A 420 -14.31 4.35 -19.06
CA ALA A 420 -14.78 5.47 -18.24
C ALA A 420 -16.28 5.40 -18.03
N MET A 421 -17.03 4.88 -18.99
CA MET A 421 -18.47 4.75 -18.80
C MET A 421 -18.78 3.72 -17.71
N ILE A 422 -18.16 2.55 -17.80
CA ILE A 422 -18.33 1.55 -16.74
C ILE A 422 -17.89 2.14 -15.39
N TYR A 423 -16.78 2.87 -15.40
CA TYR A 423 -16.25 3.51 -14.21
C TYR A 423 -17.26 4.46 -13.59
N LEU A 424 -17.94 5.26 -14.43
CA LEU A 424 -18.95 6.17 -13.92
C LEU A 424 -20.10 5.42 -13.29
N GLY A 425 -20.53 4.32 -13.91
CA GLY A 425 -21.57 3.50 -13.31
C GLY A 425 -21.24 3.08 -11.90
N TYR A 426 -20.07 2.45 -11.73
CA TYR A 426 -19.65 2.07 -10.39
C TYR A 426 -19.50 3.27 -9.47
N CYS A 427 -19.15 4.43 -10.01
CA CYS A 427 -18.96 5.61 -9.17
C CYS A 427 -20.27 6.08 -8.58
N PHE A 428 -21.31 6.23 -9.40
CA PHE A 428 -22.62 6.62 -8.87
C PHE A 428 -23.13 5.58 -7.89
N CYS A 429 -23.08 4.29 -8.28
CA CYS A 429 -23.64 3.24 -7.44
C CYS A 429 -22.95 3.20 -6.08
N GLY A 430 -21.62 3.10 -6.06
CA GLY A 430 -20.91 3.07 -4.81
C GLY A 430 -21.08 4.34 -4.01
N TRP A 431 -21.21 5.49 -4.69
CA TRP A 431 -21.39 6.75 -3.99
C TRP A 431 -22.69 6.73 -3.19
N ILE A 432 -23.79 6.38 -3.83
CA ILE A 432 -25.08 6.49 -3.15
C ILE A 432 -25.24 5.37 -2.13
N VAL A 433 -24.76 4.17 -2.46
CA VAL A 433 -25.00 3.05 -1.56
C VAL A 433 -24.06 3.11 -0.36
N LEU A 434 -22.76 3.28 -0.60
CA LEU A 434 -21.75 3.11 0.43
C LEU A 434 -21.22 4.43 0.98
N GLY A 435 -21.82 5.55 0.60
CA GLY A 435 -21.53 6.82 1.20
C GLY A 435 -21.67 6.82 2.71
N PRO A 436 -22.86 6.51 3.22
CA PRO A 436 -23.06 6.60 4.67
C PRO A 436 -22.29 5.58 5.48
N TYR A 437 -21.98 4.41 4.92
CA TYR A 437 -21.41 3.30 5.67
C TYR A 437 -19.92 3.10 5.40
N HIS A 438 -19.24 4.07 4.78
CA HIS A 438 -17.82 3.95 4.52
C HIS A 438 -17.18 5.32 4.63
N ASN A 439 -15.92 5.35 5.10
CA ASN A 439 -15.24 6.63 5.31
C ASN A 439 -14.96 7.30 3.98
N LYS A 440 -14.50 6.53 3.01
CA LYS A 440 -14.49 6.93 1.61
C LYS A 440 -15.93 6.95 1.10
N PHE A 441 -16.07 7.16 -0.20
CA PHE A 441 -17.36 7.12 -0.89
C PHE A 441 -18.31 8.24 -0.47
N ARG A 442 -17.85 9.20 0.33
CA ARG A 442 -18.71 10.30 0.73
C ARG A 442 -19.07 11.17 -0.46
N SER A 443 -18.06 11.58 -1.24
CA SER A 443 -18.23 12.44 -2.40
C SER A 443 -17.79 11.69 -3.65
N LEU A 444 -18.36 12.07 -4.79
CA LEU A 444 -18.04 11.42 -6.05
C LEU A 444 -16.56 11.52 -6.39
N ASN A 445 -15.91 12.61 -6.00
CA ASN A 445 -14.48 12.72 -6.25
C ASN A 445 -13.71 11.68 -5.47
N MET A 446 -14.00 11.56 -4.17
CA MET A 446 -13.36 10.54 -3.34
C MET A 446 -13.65 9.15 -3.88
N VAL A 447 -14.84 8.95 -4.43
CA VAL A 447 -15.16 7.68 -5.09
C VAL A 447 -14.19 7.44 -6.23
N SER A 448 -14.08 8.40 -7.15
CA SER A 448 -13.23 8.22 -8.32
C SER A 448 -11.78 7.98 -7.91
N GLU A 449 -11.30 8.69 -6.89
CA GLU A 449 -9.96 8.47 -6.37
C GLU A 449 -9.80 7.04 -5.87
N CYS A 450 -10.75 6.58 -5.06
CA CYS A 450 -10.72 5.23 -4.52
C CYS A 450 -10.69 4.18 -5.63
N LEU A 451 -11.68 4.23 -6.51
CA LEU A 451 -11.79 3.23 -7.57
C LEU A 451 -10.56 3.22 -8.47
N PHE A 452 -10.02 4.41 -8.76
CA PHE A 452 -8.78 4.51 -9.51
C PHE A 452 -7.64 3.78 -8.80
N SER A 453 -7.49 4.06 -7.51
CA SER A 453 -6.48 3.38 -6.70
C SER A 453 -6.70 1.86 -6.71
N LEU A 454 -7.96 1.43 -6.76
CA LEU A 454 -8.24 -0.01 -6.74
C LEU A 454 -7.88 -0.65 -8.07
N ILE A 455 -8.07 0.09 -9.18
CA ILE A 455 -7.57 -0.39 -10.46
C ILE A 455 -6.07 -0.60 -10.37
N ASN A 456 -5.37 0.33 -9.74
CA ASN A 456 -3.91 0.25 -9.62
C ASN A 456 -3.47 -0.34 -8.29
N GLY A 457 -4.26 -1.27 -7.74
CA GLY A 457 -3.82 -2.11 -6.66
C GLY A 457 -3.85 -1.50 -5.27
N ASP A 458 -4.04 -0.19 -5.14
CA ASP A 458 -3.80 0.48 -3.88
C ASP A 458 -4.99 0.31 -2.92
N ASP A 459 -4.67 -0.07 -1.69
CA ASP A 459 -5.56 0.06 -0.54
C ASP A 459 -6.86 -0.71 -0.72
N MET A 460 -6.75 -2.04 -0.79
CA MET A 460 -7.91 -2.92 -0.88
C MET A 460 -8.41 -3.37 0.48
N PHE A 461 -7.55 -4.00 1.28
CA PHE A 461 -7.98 -4.58 2.54
C PHE A 461 -8.54 -3.52 3.48
N ALA A 462 -8.06 -2.28 3.36
CA ALA A 462 -8.64 -1.19 4.13
C ALA A 462 -10.03 -0.84 3.63
N THR A 463 -10.29 -1.03 2.34
CA THR A 463 -11.63 -0.78 1.82
C THR A 463 -12.60 -1.87 2.26
N PHE A 464 -12.18 -3.13 2.14
CA PHE A 464 -13.00 -4.23 2.62
C PHE A 464 -13.24 -4.15 4.12
N ALA A 465 -12.26 -3.63 4.86
CA ALA A 465 -12.27 -3.70 6.32
C ALA A 465 -12.91 -2.49 6.99
N LYS A 466 -12.78 -1.29 6.40
CA LYS A 466 -13.39 -0.10 6.99
C LYS A 466 -14.89 -0.02 6.81
N MET A 467 -15.52 -1.02 6.18
CA MET A 467 -16.96 -1.00 6.02
C MET A 467 -17.66 -1.32 7.34
N GLN A 468 -18.86 -0.78 7.50
CA GLN A 468 -19.66 -1.00 8.69
C GLN A 468 -20.60 -2.18 8.46
N GLN A 469 -20.62 -3.11 9.42
CA GLN A 469 -21.55 -4.23 9.40
C GLN A 469 -22.88 -3.90 10.09
N LYS A 470 -23.17 -2.62 10.32
CA LYS A 470 -24.43 -2.24 10.93
C LYS A 470 -25.61 -2.63 10.05
N SER A 471 -25.40 -2.70 8.74
CA SER A 471 -26.41 -3.18 7.79
C SER A 471 -25.78 -4.28 6.95
N TYR A 472 -26.37 -5.47 7.00
CA TYR A 472 -25.77 -6.65 6.39
C TYR A 472 -25.98 -6.69 4.89
N LEU A 473 -27.14 -6.23 4.40
CA LEU A 473 -27.42 -6.26 2.99
C LEU A 473 -26.51 -5.31 2.22
N VAL A 474 -26.32 -4.10 2.76
CA VAL A 474 -25.42 -3.14 2.15
C VAL A 474 -23.98 -3.65 2.19
N TRP A 475 -23.66 -4.44 3.22
CA TRP A 475 -22.31 -5.00 3.34
C TRP A 475 -22.05 -6.05 2.27
N LEU A 476 -23.00 -6.98 2.10
CA LEU A 476 -22.92 -7.95 1.00
C LEU A 476 -22.78 -7.23 -0.33
N PHE A 477 -23.62 -6.21 -0.55
CA PHE A 477 -23.53 -5.47 -1.80
C PHE A 477 -22.17 -4.80 -1.95
N SER A 478 -21.58 -4.34 -0.85
CA SER A 478 -20.22 -3.83 -0.90
C SER A 478 -19.26 -4.90 -1.40
N ARG A 479 -19.45 -6.13 -0.96
CA ARG A 479 -18.55 -7.20 -1.37
C ARG A 479 -18.70 -7.49 -2.86
N ILE A 480 -19.93 -7.72 -3.33
CA ILE A 480 -20.14 -7.97 -4.75
C ILE A 480 -19.62 -6.81 -5.58
N TYR A 481 -19.85 -5.59 -5.11
CA TYR A 481 -19.37 -4.38 -5.76
C TYR A 481 -17.85 -4.41 -5.92
N LEU A 482 -17.12 -4.71 -4.86
CA LEU A 482 -15.67 -4.60 -4.89
C LEU A 482 -15.00 -5.76 -5.60
N TYR A 483 -15.44 -7.00 -5.33
CA TYR A 483 -14.88 -8.14 -6.04
C TYR A 483 -15.14 -8.01 -7.54
N SER A 484 -16.39 -7.74 -7.91
CA SER A 484 -16.75 -7.59 -9.31
C SER A 484 -15.97 -6.46 -9.97
N PHE A 485 -15.88 -5.31 -9.30
CA PHE A 485 -15.17 -4.17 -9.85
C PHE A 485 -13.70 -4.49 -10.07
N ILE A 486 -12.99 -4.83 -9.00
CA ILE A 486 -11.55 -5.02 -9.04
C ILE A 486 -11.20 -6.12 -10.03
N SER A 487 -11.97 -7.21 -10.03
CA SER A 487 -11.74 -8.27 -10.98
C SER A 487 -11.94 -7.78 -12.41
N LEU A 488 -13.01 -7.03 -12.66
CA LEU A 488 -13.34 -6.63 -14.01
C LEU A 488 -12.29 -5.68 -14.58
N PHE A 489 -11.83 -4.72 -13.78
CA PHE A 489 -10.88 -3.74 -14.30
C PHE A 489 -9.43 -4.19 -14.26
N ILE A 490 -9.05 -5.13 -13.39
CA ILE A 490 -7.67 -5.61 -13.40
C ILE A 490 -7.51 -6.78 -14.37
N TYR A 491 -8.38 -7.78 -14.26
CA TYR A 491 -8.12 -9.06 -14.92
C TYR A 491 -8.51 -9.09 -16.39
N MET A 492 -9.14 -8.04 -16.91
CA MET A 492 -9.69 -8.06 -18.26
C MET A 492 -9.34 -6.84 -19.09
N ILE A 493 -9.01 -5.72 -18.47
CA ILE A 493 -8.99 -4.43 -19.12
C ILE A 493 -7.58 -3.86 -19.21
N LEU A 494 -6.82 -3.86 -18.10
CA LEU A 494 -5.38 -3.68 -18.18
C LEU A 494 -4.78 -4.63 -19.20
N SER A 495 -5.24 -5.88 -19.16
CA SER A 495 -4.87 -6.86 -20.18
C SER A 495 -5.09 -6.34 -21.59
N LEU A 496 -6.21 -5.64 -21.80
CA LEU A 496 -6.53 -5.19 -23.14
C LEU A 496 -5.69 -3.99 -23.55
N PHE A 497 -5.38 -3.09 -22.61
CA PHE A 497 -4.38 -2.06 -22.91
C PHE A 497 -3.08 -2.69 -23.37
N ILE A 498 -2.61 -3.70 -22.63
CA ILE A 498 -1.37 -4.38 -22.98
C ILE A 498 -1.49 -4.99 -24.37
N ALA A 499 -2.69 -5.51 -24.70
CA ALA A 499 -2.91 -6.04 -26.03
C ALA A 499 -2.81 -4.97 -27.10
N LEU A 500 -3.33 -3.77 -26.82
CA LEU A 500 -3.27 -2.68 -27.79
C LEU A 500 -1.84 -2.28 -28.09
N ILE A 501 -1.09 -1.86 -27.06
CA ILE A 501 0.28 -1.42 -27.29
C ILE A 501 1.13 -2.53 -27.86
N THR A 502 0.90 -3.77 -27.42
CA THR A 502 1.60 -4.91 -28.01
C THR A 502 1.31 -5.01 -29.50
N ASP A 503 0.05 -4.83 -29.89
CA ASP A 503 -0.32 -4.93 -31.29
C ASP A 503 0.32 -3.83 -32.12
N THR A 504 0.30 -2.59 -31.62
CA THR A 504 0.91 -1.49 -32.37
C THR A 504 2.41 -1.69 -32.54
N TYR A 505 3.09 -2.13 -31.47
CA TYR A 505 4.50 -2.46 -31.59
C TYR A 505 4.72 -3.53 -32.65
N GLU A 506 3.86 -4.55 -32.68
CA GLU A 506 3.96 -5.59 -33.70
C GLU A 506 3.85 -4.99 -35.10
N THR A 507 2.85 -4.14 -35.32
CA THR A 507 2.63 -3.57 -36.66
C THR A 507 3.82 -2.73 -37.10
N ILE A 508 4.20 -1.74 -36.30
CA ILE A 508 5.23 -0.80 -36.74
C ILE A 508 6.59 -1.50 -36.83
N LYS A 509 6.84 -2.49 -35.99
CA LYS A 509 7.95 -3.41 -36.24
C LYS A 509 7.84 -4.01 -37.64
N HIS A 510 6.64 -4.47 -38.01
CA HIS A 510 6.44 -5.06 -39.33
C HIS A 510 6.62 -4.04 -40.45
N TYR A 511 6.48 -2.75 -40.15
CA TYR A 511 6.66 -1.71 -41.16
C TYR A 511 8.13 -1.37 -41.33
N GLN A 512 8.87 -1.29 -40.22
CA GLN A 512 10.31 -1.10 -40.33
C GLN A 512 11.02 -2.35 -40.84
N GLN A 513 10.35 -3.50 -40.88
CA GLN A 513 10.86 -4.66 -41.61
C GLN A 513 10.47 -4.62 -43.08
N ASP A 514 9.16 -4.61 -43.36
CA ASP A 514 8.63 -4.79 -44.71
C ASP A 514 8.17 -3.49 -45.36
N GLY A 515 8.47 -2.35 -44.78
CA GLY A 515 8.15 -1.08 -45.41
C GLY A 515 6.80 -0.54 -44.99
N PHE A 516 6.69 0.79 -44.96
CA PHE A 516 5.46 1.48 -44.58
C PHE A 516 4.38 1.21 -45.63
N PRO A 517 3.12 1.53 -45.31
CA PRO A 517 2.07 1.40 -46.32
C PRO A 517 2.13 2.52 -47.35
N GLU A 518 1.31 2.37 -48.38
CA GLU A 518 1.30 3.33 -49.48
C GLU A 518 0.70 4.66 -49.02
N THR A 519 1.31 5.76 -49.50
CA THR A 519 0.86 7.10 -49.17
C THR A 519 0.69 7.97 -50.41
N GLU A 520 1.41 7.66 -51.49
CA GLU A 520 1.50 8.38 -52.76
C GLU A 520 2.36 9.64 -52.64
N LEU A 521 2.84 9.98 -51.44
CA LEU A 521 3.88 10.99 -51.26
C LEU A 521 5.26 10.33 -51.19
N ARG A 522 5.39 9.32 -50.34
CA ARG A 522 6.62 8.54 -50.30
C ARG A 522 6.89 7.88 -51.65
N THR A 523 5.83 7.53 -52.37
CA THR A 523 6.00 7.06 -53.74
C THR A 523 6.67 8.12 -54.60
N PHE A 524 6.21 9.37 -54.50
CA PHE A 524 6.79 10.44 -55.29
C PHE A 524 8.23 10.72 -54.89
N ILE A 525 8.55 10.60 -53.60
CA ILE A 525 9.92 10.79 -53.16
C ILE A 525 10.73 9.53 -53.46
N SER A 526 10.35 8.41 -52.86
CA SER A 526 11.02 7.13 -53.06
C SER A 526 12.52 7.22 -52.75
N LEU B 33 43.40 -27.94 -44.33
CA LEU B 33 44.53 -28.42 -43.54
C LEU B 33 44.76 -27.52 -42.32
N LEU B 34 45.24 -26.31 -42.58
CA LEU B 34 45.45 -25.35 -41.50
C LEU B 34 44.13 -24.75 -41.03
N GLU B 35 43.16 -24.72 -41.93
CA GLU B 35 41.83 -24.23 -41.60
C GLU B 35 41.29 -25.16 -40.52
N ASP B 36 41.58 -26.45 -40.65
CA ASP B 36 41.13 -27.42 -39.65
C ASP B 36 41.76 -27.12 -38.29
N GLN B 37 43.03 -26.72 -38.27
CA GLN B 37 43.65 -26.32 -37.00
C GLN B 37 42.93 -25.11 -36.40
N MET B 38 42.53 -24.16 -37.24
CA MET B 38 41.80 -23.01 -36.73
C MET B 38 40.42 -23.41 -36.20
N ARG B 39 39.74 -24.31 -36.90
CA ARG B 39 38.47 -24.83 -36.39
C ARG B 39 38.65 -25.51 -35.04
N ARG B 40 39.76 -26.24 -34.87
CA ARG B 40 40.03 -26.92 -33.61
C ARG B 40 40.26 -25.90 -32.50
N LYS B 41 41.11 -24.90 -32.74
CA LYS B 41 41.36 -23.87 -31.73
C LYS B 41 40.08 -23.13 -31.36
N LEU B 42 39.36 -22.63 -32.37
CA LEU B 42 38.16 -21.85 -32.11
C LEU B 42 37.11 -22.67 -31.37
N LYS B 43 36.77 -23.84 -31.90
CA LYS B 43 35.79 -24.70 -31.24
C LYS B 43 36.23 -25.06 -29.83
N PHE B 44 37.54 -25.23 -29.61
CA PHE B 44 38.03 -25.41 -28.27
C PHE B 44 37.79 -24.17 -27.42
N PHE B 45 37.73 -22.99 -28.04
CA PHE B 45 37.43 -21.75 -27.31
C PHE B 45 35.94 -21.53 -27.12
N PHE B 46 35.10 -22.12 -27.97
CA PHE B 46 33.65 -21.90 -27.90
C PHE B 46 32.91 -22.99 -27.14
N MET B 47 33.55 -24.12 -26.88
CA MET B 47 32.92 -25.21 -26.12
C MET B 47 32.87 -24.90 -24.62
N ASN B 48 31.85 -25.43 -23.93
CA ASN B 48 31.73 -25.24 -22.50
C ASN B 48 32.90 -25.94 -21.79
N PRO B 49 33.29 -25.48 -20.60
CA PRO B 49 34.36 -26.17 -19.88
C PRO B 49 34.03 -27.61 -19.55
N CYS B 50 32.79 -27.89 -19.15
CA CYS B 50 32.39 -29.27 -18.96
C CYS B 50 32.42 -30.06 -20.27
N GLU B 51 32.19 -29.38 -21.39
CA GLU B 51 32.35 -29.99 -22.70
C GLU B 51 33.82 -30.09 -23.11
N LYS B 52 34.69 -29.26 -22.55
CA LYS B 52 36.13 -29.34 -22.81
C LYS B 52 36.82 -30.41 -21.98
N PHE B 53 36.08 -31.20 -21.20
CA PHE B 53 36.61 -32.33 -20.46
C PHE B 53 35.99 -33.65 -20.89
N TRP B 54 34.74 -33.65 -21.36
CA TRP B 54 34.17 -34.86 -21.92
C TRP B 54 34.82 -35.24 -23.24
N ALA B 55 35.31 -34.25 -23.99
CA ALA B 55 35.91 -34.48 -25.30
C ALA B 55 37.43 -34.64 -25.20
N ARG B 56 38.11 -33.61 -24.70
CA ARG B 56 39.58 -33.57 -24.69
C ARG B 56 40.18 -33.76 -23.30
N GLY B 57 39.36 -33.87 -22.26
CA GLY B 57 39.88 -34.24 -20.95
C GLY B 57 40.70 -33.18 -20.26
N ARG B 58 40.45 -31.90 -20.53
CA ARG B 58 41.13 -30.83 -19.80
C ARG B 58 40.48 -30.65 -18.44
N LYS B 59 41.28 -30.73 -17.40
CA LYS B 59 40.78 -30.67 -16.03
C LYS B 59 40.22 -29.29 -15.74
N PRO B 60 38.91 -29.13 -15.46
CA PRO B 60 38.41 -27.76 -15.19
C PRO B 60 38.72 -27.27 -13.77
N TRP B 61 39.93 -26.72 -13.61
CA TRP B 61 40.33 -26.13 -12.34
C TRP B 61 39.66 -24.77 -12.13
N LYS B 62 39.43 -24.03 -13.22
CA LYS B 62 38.87 -22.69 -13.11
C LYS B 62 37.50 -22.71 -12.48
N LEU B 63 36.63 -23.63 -12.91
CA LEU B 63 35.31 -23.75 -12.30
C LEU B 63 35.41 -24.02 -10.81
N ALA B 64 36.33 -24.90 -10.43
CA ALA B 64 36.49 -25.27 -9.02
C ALA B 64 36.89 -24.07 -8.19
N ILE B 65 37.88 -23.32 -8.64
CA ILE B 65 38.37 -22.20 -7.84
C ILE B 65 37.35 -21.07 -7.81
N GLN B 66 36.60 -20.88 -8.89
CA GLN B 66 35.53 -19.89 -8.86
C GLN B 66 34.46 -20.29 -7.85
N ILE B 67 34.04 -21.55 -7.85
CA ILE B 67 33.06 -22.03 -6.88
C ILE B 67 33.56 -21.79 -5.47
N LEU B 68 34.83 -22.10 -5.23
CA LEU B 68 35.47 -21.79 -3.95
C LEU B 68 35.33 -20.31 -3.62
N LYS B 69 35.55 -19.44 -4.60
CA LYS B 69 35.41 -18.01 -4.36
C LYS B 69 33.97 -17.65 -4.01
N ILE B 70 33.00 -18.28 -4.66
CA ILE B 70 31.60 -17.96 -4.41
C ILE B 70 31.24 -18.24 -2.96
N ALA B 71 31.43 -19.51 -2.54
CA ALA B 71 31.10 -19.87 -1.17
C ALA B 71 31.94 -19.08 -0.17
N MET B 72 33.19 -18.77 -0.55
CA MET B 72 34.09 -18.05 0.35
C MET B 72 33.58 -16.64 0.63
N VAL B 73 33.37 -15.85 -0.43
CA VAL B 73 32.95 -14.46 -0.24
C VAL B 73 31.57 -14.42 0.39
N THR B 74 30.73 -15.40 0.08
CA THR B 74 29.43 -15.49 0.74
C THR B 74 29.59 -15.64 2.25
N ILE B 75 30.33 -16.65 2.70
CA ILE B 75 30.51 -16.89 4.13
C ILE B 75 31.13 -15.67 4.80
N GLN B 76 32.08 -15.03 4.11
CA GLN B 76 32.68 -13.79 4.57
C GLN B 76 31.62 -12.75 4.90
N LEU B 77 30.78 -12.43 3.91
CA LEU B 77 29.72 -11.44 4.12
C LEU B 77 28.81 -11.83 5.25
N VAL B 78 28.48 -13.11 5.37
CA VAL B 78 27.54 -13.54 6.39
C VAL B 78 28.11 -13.29 7.78
N LEU B 79 29.33 -13.77 8.03
CA LEU B 79 29.93 -13.61 9.36
C LEU B 79 30.12 -12.14 9.71
N PHE B 80 30.66 -11.40 8.75
CA PHE B 80 30.94 -9.99 8.95
C PHE B 80 29.65 -9.23 9.26
N GLY B 81 28.57 -9.61 8.58
CA GLY B 81 27.30 -8.94 8.78
C GLY B 81 26.62 -9.33 10.08
N LEU B 82 26.81 -10.57 10.53
CA LEU B 82 26.27 -10.95 11.84
C LEU B 82 26.97 -10.19 12.95
N SER B 83 28.29 -10.09 12.89
CA SER B 83 29.03 -9.30 13.86
C SER B 83 28.53 -7.86 13.89
N ASN B 84 28.42 -7.26 12.72
CA ASN B 84 27.97 -5.88 12.62
C ASN B 84 26.58 -5.77 13.19
N GLN B 85 25.76 -6.80 12.97
CA GLN B 85 24.38 -6.79 13.44
C GLN B 85 24.32 -6.76 14.95
N MET B 86 25.19 -7.54 15.62
CA MET B 86 25.23 -7.51 17.07
C MET B 86 25.71 -6.15 17.57
N VAL B 87 26.78 -5.62 16.98
CA VAL B 87 27.31 -4.34 17.45
C VAL B 87 26.28 -3.23 17.25
N VAL B 88 25.66 -3.19 16.08
CA VAL B 88 24.68 -2.15 15.77
C VAL B 88 23.47 -2.27 16.67
N ALA B 89 23.04 -3.50 16.95
CA ALA B 89 21.91 -3.69 17.85
C ALA B 89 22.23 -3.15 19.24
N PHE B 90 23.43 -3.44 19.74
CA PHE B 90 23.85 -2.89 21.02
C PHE B 90 23.81 -1.36 21.01
N LYS B 91 24.36 -0.76 19.96
CA LYS B 91 24.38 0.70 19.84
C LYS B 91 22.96 1.27 19.83
N GLU B 92 22.06 0.66 19.06
CA GLU B 92 20.72 1.21 18.89
C GLU B 92 19.91 1.11 20.17
N GLU B 93 19.94 -0.06 20.82
CA GLU B 93 19.29 -0.21 22.13
C GLU B 93 19.83 0.84 23.11
N ASN B 94 21.14 1.04 23.11
CA ASN B 94 21.76 2.01 24.00
C ASN B 94 21.24 3.42 23.74
N THR B 95 21.33 3.89 22.49
CA THR B 95 20.92 5.27 22.21
C THR B 95 19.44 5.49 22.47
N VAL B 96 18.61 4.49 22.21
CA VAL B 96 17.20 4.59 22.61
C VAL B 96 17.10 4.82 24.11
N ALA B 97 17.84 4.04 24.89
CA ALA B 97 17.81 4.21 26.34
C ALA B 97 18.26 5.61 26.74
N PHE B 98 19.35 6.10 26.16
CA PHE B 98 19.83 7.43 26.51
C PHE B 98 18.82 8.49 26.15
N LYS B 99 18.08 8.30 25.06
CA LYS B 99 17.01 9.24 24.73
C LYS B 99 15.94 9.23 25.81
N HIS B 100 15.48 8.05 26.22
CA HIS B 100 14.44 8.01 27.24
C HIS B 100 14.92 8.48 28.61
N LEU B 101 16.23 8.49 28.84
CA LEU B 101 16.77 8.92 30.13
C LEU B 101 17.02 10.43 30.19
N PHE B 102 17.61 10.99 29.14
CA PHE B 102 18.10 12.36 29.17
C PHE B 102 17.16 13.36 28.51
N LEU B 103 16.35 12.93 27.54
CA LEU B 103 15.44 13.81 26.84
C LEU B 103 14.05 13.68 27.45
N LYS B 104 13.53 14.78 27.98
CA LYS B 104 12.20 14.79 28.55
C LYS B 104 11.15 14.81 27.44
N GLY B 105 10.04 14.12 27.69
CA GLY B 105 8.95 14.10 26.73
C GLY B 105 9.32 13.47 25.41
N TYR B 106 10.27 12.53 25.40
CA TYR B 106 10.61 11.81 24.19
C TYR B 106 9.57 10.73 23.91
N ILE B 107 9.23 10.62 22.64
CA ILE B 107 8.25 9.65 22.17
C ILE B 107 8.93 8.79 21.11
N ASP B 108 8.55 7.51 21.10
CA ASP B 108 9.07 6.60 20.10
C ASP B 108 8.71 7.08 18.70
N ARG B 109 9.71 7.50 17.93
CA ARG B 109 9.43 7.95 16.58
C ARG B 109 8.90 9.38 16.33
N MET B 110 9.12 10.36 17.22
CA MET B 110 8.67 11.71 16.86
C MET B 110 9.66 12.23 15.82
N ASP B 111 9.88 11.41 14.78
CA ASP B 111 10.95 11.58 13.80
C ASP B 111 12.33 11.46 14.46
N ASP B 112 12.40 10.93 15.68
CA ASP B 112 13.60 10.93 16.51
C ASP B 112 14.17 12.33 16.74
N THR B 113 13.37 13.34 16.42
CA THR B 113 13.78 14.74 16.61
C THR B 113 12.62 15.66 17.00
N TYR B 114 12.16 15.59 18.25
CA TYR B 114 11.06 16.44 18.70
C TYR B 114 11.47 17.90 18.89
N ALA B 115 10.49 18.80 18.89
CA ALA B 115 10.76 20.24 19.02
C ALA B 115 10.08 20.87 20.23
N VAL B 116 10.62 22.02 20.66
CA VAL B 116 10.12 22.76 21.81
C VAL B 116 9.86 24.19 21.37
N TYR B 117 8.80 24.78 21.91
CA TYR B 117 8.27 26.06 21.45
C TYR B 117 8.23 27.11 22.55
N THR B 118 8.90 26.88 23.68
CA THR B 118 8.76 27.72 24.85
C THR B 118 10.09 27.77 25.60
N GLN B 119 10.40 28.95 26.15
CA GLN B 119 11.65 29.13 26.89
C GLN B 119 11.70 28.21 28.09
N SER B 120 10.66 28.25 28.94
CA SER B 120 10.63 27.49 30.17
C SER B 120 10.79 26.00 29.91
N ASP B 121 10.33 25.52 28.75
CA ASP B 121 10.50 24.13 28.40
C ASP B 121 11.95 23.83 28.05
N VAL B 122 12.63 24.76 27.39
CA VAL B 122 14.06 24.60 27.11
C VAL B 122 14.82 24.49 28.43
N TYR B 123 14.52 25.38 29.37
CA TYR B 123 15.19 25.32 30.67
C TYR B 123 14.88 24.01 31.39
N ASP B 124 13.61 23.59 31.36
CA ASP B 124 13.22 22.38 32.06
C ASP B 124 13.89 21.15 31.46
N GLN B 125 14.12 21.16 30.15
CA GLN B 125 14.70 19.99 29.50
C GLN B 125 16.21 19.94 29.67
N ILE B 126 16.88 21.10 29.64
CA ILE B 126 18.30 21.13 29.99
C ILE B 126 18.48 20.64 31.43
N ILE B 127 17.68 21.17 32.34
CA ILE B 127 17.76 20.77 33.75
C ILE B 127 17.48 19.28 33.89
N PHE B 128 16.55 18.75 33.10
CA PHE B 128 16.27 17.32 33.14
C PHE B 128 17.47 16.50 32.70
N ALA B 129 18.11 16.91 31.60
CA ALA B 129 19.26 16.16 31.11
C ALA B 129 20.41 16.19 32.13
N VAL B 130 20.65 17.34 32.73
CA VAL B 130 21.72 17.46 33.71
C VAL B 130 21.43 16.59 34.93
N ASN B 131 20.23 16.74 35.51
CA ASN B 131 19.92 16.00 36.73
C ASN B 131 19.90 14.50 36.48
N GLN B 132 19.50 14.08 35.28
CA GLN B 132 19.55 12.68 34.92
C GLN B 132 20.96 12.22 34.56
N TYR B 133 21.89 13.14 34.33
CA TYR B 133 23.29 12.77 34.18
C TYR B 133 23.95 12.57 35.54
N LEU B 134 23.58 13.39 36.51
CA LEU B 134 24.22 13.31 37.81
C LEU B 134 23.65 12.20 38.69
N GLN B 135 22.46 11.70 38.36
CA GLN B 135 21.84 10.60 39.08
C GLN B 135 21.93 9.28 38.29
N LEU B 136 22.79 9.22 37.28
CA LEU B 136 22.80 8.09 36.36
C LEU B 136 23.13 6.77 37.05
N TYR B 137 23.88 6.81 38.15
CA TYR B 137 24.19 5.59 38.88
C TYR B 137 23.01 5.12 39.72
N GLN B 138 22.08 6.00 40.06
CA GLN B 138 20.95 5.67 40.91
C GLN B 138 19.66 5.41 40.14
N VAL B 139 19.49 6.05 38.98
CA VAL B 139 18.22 5.96 38.26
C VAL B 139 18.25 4.89 37.17
N SER B 140 19.40 4.66 36.56
CA SER B 140 19.48 3.83 35.37
C SER B 140 19.59 2.35 35.71
N VAL B 141 19.77 1.54 34.68
CA VAL B 141 19.75 0.10 34.76
C VAL B 141 21.09 -0.50 34.35
N GLY B 142 21.56 -0.15 33.16
CA GLY B 142 22.69 -0.82 32.54
C GLY B 142 24.00 -0.58 33.27
N ASN B 143 25.07 -0.97 32.57
CA ASN B 143 26.44 -0.93 33.11
C ASN B 143 27.13 0.35 32.65
N HIS B 144 26.59 1.48 33.11
CA HIS B 144 27.03 2.80 32.68
C HIS B 144 27.91 3.43 33.75
N ALA B 145 28.91 4.18 33.29
CA ALA B 145 29.81 4.90 34.18
C ALA B 145 30.44 6.04 33.39
N TYR B 146 31.40 6.72 34.01
CA TYR B 146 31.95 7.97 33.50
C TYR B 146 33.40 7.78 33.07
N GLU B 147 33.92 8.81 32.39
CA GLU B 147 35.28 8.77 31.86
C GLU B 147 36.34 8.71 32.95
N ASN B 148 36.00 9.13 34.18
CA ASN B 148 36.96 9.17 35.28
C ASN B 148 38.17 10.04 34.93
N SER B 154 36.29 13.62 33.68
CA SER B 154 34.96 13.56 34.30
C SER B 154 34.33 14.94 34.31
N ALA B 155 33.54 15.25 33.28
CA ALA B 155 32.96 16.58 33.16
C ALA B 155 31.77 16.53 32.22
N MET B 156 30.80 17.41 32.52
CA MET B 156 29.57 17.58 31.73
C MET B 156 29.65 18.95 31.09
N ALA B 157 29.75 18.98 29.75
CA ALA B 157 30.11 20.19 29.01
C ALA B 157 28.86 20.87 28.46
N ILE B 158 28.48 21.99 29.06
CA ILE B 158 27.54 22.93 28.47
C ILE B 158 28.29 23.80 27.48
N CYS B 159 27.65 24.10 26.35
CA CYS B 159 28.29 24.91 25.30
C CYS B 159 27.23 25.73 24.58
N GLN B 160 27.24 27.04 24.80
CA GLN B 160 26.42 27.96 24.03
C GLN B 160 27.14 28.36 22.75
N HIS B 161 26.37 28.52 21.68
CA HIS B 161 26.86 29.01 20.39
C HIS B 161 25.86 30.04 19.88
N PHE B 162 26.24 31.32 19.95
CA PHE B 162 25.37 32.42 19.59
C PHE B 162 26.19 33.50 18.90
N TYR B 163 25.50 34.40 18.19
CA TYR B 163 26.17 35.42 17.40
C TYR B 163 27.02 36.33 18.27
N LYS B 164 28.13 36.83 17.68
CA LYS B 164 28.94 37.83 18.36
C LYS B 164 28.13 39.09 18.60
N ARG B 165 27.53 39.63 17.56
CA ARG B 165 26.68 40.81 17.64
C ARG B 165 25.40 40.54 16.88
N GLY B 166 24.28 40.51 17.61
CA GLY B 166 22.97 40.39 17.01
C GLY B 166 22.01 41.38 17.64
N ASN B 167 21.47 42.28 16.83
CA ASN B 167 20.54 43.31 17.31
C ASN B 167 19.40 43.36 16.29
N ILE B 168 18.31 42.67 16.59
CA ILE B 168 17.22 42.46 15.65
C ILE B 168 16.00 43.20 16.15
N TYR B 169 15.49 44.12 15.33
CA TYR B 169 14.31 44.93 15.64
C TYR B 169 13.32 44.76 14.49
N PRO B 170 12.49 43.73 14.52
CA PRO B 170 11.49 43.57 13.45
C PRO B 170 10.36 44.58 13.54
N GLY B 171 10.05 45.07 14.74
CA GLY B 171 9.01 46.08 14.87
C GLY B 171 9.33 47.37 14.15
N ASN B 172 10.63 47.65 13.94
CA ASN B 172 11.09 48.80 13.18
C ASN B 172 11.66 48.42 11.82
N ASP B 173 11.55 47.15 11.42
CA ASP B 173 12.06 46.70 10.12
C ASP B 173 13.55 46.96 9.98
N THR B 174 14.33 46.51 10.96
CA THR B 174 15.75 46.83 11.03
C THR B 174 16.47 45.73 11.78
N PHE B 175 17.74 45.53 11.44
CA PHE B 175 18.57 44.57 12.16
C PHE B 175 20.03 44.77 11.78
N ASP B 176 20.90 44.51 12.75
CA ASP B 176 22.35 44.55 12.57
C ASP B 176 22.93 43.24 13.08
N ILE B 177 23.78 42.62 12.26
CA ILE B 177 24.26 41.27 12.50
C ILE B 177 25.78 41.23 12.33
N ASP B 178 26.43 40.38 13.11
CA ASP B 178 27.80 39.92 12.84
C ASP B 178 27.72 38.41 12.66
N PRO B 179 27.68 37.89 11.42
CA PRO B 179 27.50 36.44 11.23
C PRO B 179 28.62 35.58 11.82
N GLU B 180 29.76 36.18 12.18
CA GLU B 180 30.76 35.45 12.94
C GLU B 180 30.17 34.95 14.25
N ILE B 181 30.68 33.81 14.71
CA ILE B 181 30.07 33.05 15.80
C ILE B 181 30.85 33.28 17.09
N GLU B 182 30.12 33.48 18.18
CA GLU B 182 30.66 33.50 19.53
C GLU B 182 30.25 32.24 20.26
N THR B 183 31.10 31.81 21.17
CA THR B 183 30.93 30.57 21.92
C THR B 183 31.12 30.84 23.40
N ASP B 184 30.34 30.15 24.22
CA ASP B 184 30.56 30.10 25.66
C ASP B 184 30.48 28.64 26.09
N CYS B 185 31.03 28.34 27.27
CA CYS B 185 31.10 26.96 27.74
C CYS B 185 31.02 26.94 29.26
N PHE B 186 30.86 25.74 29.80
CA PHE B 186 30.89 25.50 31.23
C PHE B 186 31.00 24.00 31.44
N PHE B 187 31.55 23.60 32.59
CA PHE B 187 31.77 22.21 32.92
C PHE B 187 31.23 21.92 34.32
N VAL B 188 30.32 20.96 34.41
CA VAL B 188 29.82 20.49 35.71
C VAL B 188 30.59 19.21 36.05
N GLU B 189 31.31 19.22 37.15
CA GLU B 189 31.95 18.01 37.63
C GLU B 189 30.88 17.03 38.09
N PRO B 190 30.95 15.75 37.69
CA PRO B 190 29.87 14.82 38.10
C PRO B 190 29.77 14.59 39.59
N ASP B 191 30.82 14.90 40.36
CA ASP B 191 30.82 14.67 41.81
C ASP B 191 30.32 15.88 42.58
N GLU B 192 29.44 16.70 41.99
CA GLU B 192 28.90 17.90 42.63
C GLU B 192 27.40 17.77 42.84
N PRO B 193 26.96 16.99 43.83
CA PRO B 193 25.52 16.90 44.12
C PRO B 193 24.95 18.09 44.89
N PHE B 194 25.74 19.14 45.12
CA PHE B 194 25.23 20.31 45.85
C PHE B 194 24.10 20.96 45.07
N HIS B 195 24.34 21.31 43.81
CA HIS B 195 23.33 21.88 42.93
C HIS B 195 22.61 20.74 42.23
N ILE B 196 21.28 20.82 42.21
CA ILE B 196 20.47 19.76 41.62
C ILE B 196 19.05 20.29 41.41
N GLU B 201 13.42 27.39 40.49
CA GLU B 201 14.59 27.78 41.27
C GLU B 201 15.87 27.29 40.62
N ASN B 202 16.36 28.05 39.65
CA ASN B 202 17.58 27.68 38.94
C ASN B 202 18.77 27.70 39.89
N LYS B 203 19.68 26.75 39.68
CA LYS B 203 20.89 26.62 40.47
C LYS B 203 22.12 26.97 39.65
N LEU B 204 22.33 26.29 38.54
CA LEU B 204 23.41 26.63 37.63
C LEU B 204 23.14 27.98 36.97
N ASN B 205 24.20 28.59 36.43
CA ASN B 205 24.17 29.98 36.01
C ASN B 205 23.80 30.15 34.54
N LEU B 206 22.99 29.25 34.00
CA LEU B 206 22.60 29.31 32.60
C LEU B 206 21.58 30.41 32.39
N THR B 207 21.89 31.33 31.48
CA THR B 207 20.96 32.38 31.07
C THR B 207 21.10 32.56 29.57
N LEU B 208 19.98 32.82 28.90
CA LEU B 208 19.91 32.89 27.45
C LEU B 208 19.31 34.22 27.01
N ASP B 209 19.48 34.50 25.71
CA ASP B 209 18.89 35.66 25.06
C ASP B 209 17.71 35.29 24.18
N PHE B 210 17.87 34.28 23.33
CA PHE B 210 16.92 33.74 22.37
C PHE B 210 16.74 34.63 21.15
N HIS B 211 17.35 35.82 21.11
CA HIS B 211 17.37 36.64 19.91
C HIS B 211 18.64 36.38 19.10
N ARG B 212 19.79 36.35 19.76
CA ARG B 212 21.04 35.84 19.20
C ARG B 212 21.30 34.48 19.82
N LEU B 213 21.15 33.42 19.02
CA LEU B 213 21.45 32.06 19.43
C LEU B 213 21.38 31.17 18.22
N LEU B 214 22.32 30.23 18.15
CA LEU B 214 22.37 29.24 17.08
C LEU B 214 22.19 27.82 17.60
N THR B 215 22.89 27.45 18.68
CA THR B 215 22.67 26.12 19.23
C THR B 215 23.28 26.03 20.61
N VAL B 216 22.65 25.22 21.46
CA VAL B 216 23.22 24.78 22.72
C VAL B 216 23.59 23.31 22.56
N GLU B 217 24.75 22.95 23.09
CA GLU B 217 25.27 21.59 23.01
C GLU B 217 25.63 21.11 24.40
N LEU B 218 25.08 19.96 24.79
CA LEU B 218 25.45 19.28 26.02
C LEU B 218 26.26 18.04 25.62
N GLN B 219 27.58 18.14 25.77
CA GLN B 219 28.49 17.08 25.38
C GLN B 219 29.06 16.38 26.61
N PHE B 220 29.11 15.06 26.55
CA PHE B 220 29.70 14.26 27.62
C PHE B 220 30.04 12.89 27.06
N LYS B 221 30.57 12.03 27.92
CA LYS B 221 31.06 10.71 27.51
C LYS B 221 30.71 9.69 28.59
N LEU B 222 30.44 8.46 28.13
CA LEU B 222 30.08 7.36 29.00
C LEU B 222 30.76 6.10 28.47
N LYS B 223 30.85 5.09 29.35
CA LYS B 223 31.49 3.82 29.03
C LYS B 223 30.55 2.69 29.42
N ALA B 224 30.55 1.63 28.60
CA ALA B 224 29.70 0.48 28.85
C ALA B 224 30.39 -0.77 28.32
N ILE B 225 29.75 -1.91 28.56
CA ILE B 225 30.27 -3.21 28.11
C ILE B 225 29.09 -3.99 27.54
N ASN B 226 29.34 -4.72 26.45
CA ASN B 226 28.38 -5.66 25.89
C ASN B 226 28.73 -7.05 26.40
N LEU B 227 27.72 -7.81 26.82
CA LEU B 227 27.91 -9.10 27.44
C LEU B 227 27.54 -10.27 26.54
N GLN B 228 26.83 -10.00 25.43
CA GLN B 228 26.67 -11.01 24.40
C GLN B 228 27.99 -11.30 23.69
N THR B 229 28.96 -10.39 23.80
CA THR B 229 30.23 -10.52 23.09
C THR B 229 31.29 -11.26 23.89
N VAL B 230 31.10 -11.44 25.20
CA VAL B 230 32.05 -12.27 25.96
C VAL B 230 32.02 -13.70 25.45
N ARG B 231 30.88 -14.14 24.92
CA ARG B 231 30.77 -15.47 24.32
C ARG B 231 31.54 -15.58 23.00
N HIS B 232 31.98 -14.46 22.43
CA HIS B 232 32.72 -14.44 21.16
C HIS B 232 33.98 -13.59 21.35
N GLN B 233 35.12 -14.24 21.49
CA GLN B 233 36.38 -13.52 21.71
C GLN B 233 36.74 -12.59 20.56
N GLU B 234 36.19 -12.83 19.36
CA GLU B 234 36.56 -12.04 18.19
C GLU B 234 36.16 -10.57 18.32
N LEU B 235 35.20 -10.24 19.19
CA LEU B 235 34.68 -8.88 19.31
C LEU B 235 35.26 -8.18 20.54
N PRO B 236 35.66 -6.91 20.48
CA PRO B 236 35.98 -6.19 21.72
C PRO B 236 34.74 -5.98 22.57
N ASP B 237 34.93 -6.09 23.88
CA ASP B 237 33.81 -6.12 24.81
C ASP B 237 33.36 -4.71 25.20
N CYS B 238 34.30 -3.85 25.58
CA CYS B 238 33.92 -2.52 26.04
C CYS B 238 33.55 -1.62 24.86
N TYR B 239 32.80 -0.57 25.18
CA TYR B 239 32.32 0.38 24.19
C TYR B 239 32.29 1.76 24.82
N ASP B 240 32.76 2.75 24.07
CA ASP B 240 32.78 4.15 24.48
C ASP B 240 31.68 4.87 23.74
N PHE B 241 30.92 5.69 24.45
CA PHE B 241 29.84 6.50 23.89
C PHE B 241 30.16 7.97 24.14
N THR B 242 30.13 8.77 23.08
CA THR B 242 30.33 10.22 23.18
C THR B 242 29.03 10.90 22.78
N LEU B 243 28.28 11.36 23.77
CA LEU B 243 26.93 11.87 23.58
C LEU B 243 26.93 13.38 23.46
N THR B 244 26.11 13.88 22.54
CA THR B 244 25.84 15.30 22.40
C THR B 244 24.34 15.50 22.23
N ILE B 245 23.78 16.39 23.05
CA ILE B 245 22.40 16.84 22.91
C ILE B 245 22.43 18.22 22.26
N THR B 246 21.78 18.33 21.11
CA THR B 246 21.74 19.55 20.32
C THR B 246 20.36 20.18 20.47
N PHE B 247 20.32 21.35 21.12
CA PHE B 247 19.18 22.27 21.05
C PHE B 247 19.47 23.25 19.93
N ASP B 248 18.86 23.04 18.77
CA ASP B 248 19.14 23.81 17.56
C ASP B 248 18.08 24.89 17.39
N ASN B 249 18.50 26.14 17.51
CA ASN B 249 17.67 27.30 17.18
C ASN B 249 17.99 27.86 15.80
N LYS B 250 18.76 27.14 14.98
CA LYS B 250 18.97 27.59 13.61
C LYS B 250 17.63 27.55 12.86
N ALA B 251 17.56 28.32 11.77
CA ALA B 251 16.33 28.52 11.04
C ALA B 251 15.24 29.08 11.96
N HIS B 252 15.44 30.33 12.38
CA HIS B 252 14.62 30.94 13.41
C HIS B 252 13.15 30.97 13.00
N SER B 253 12.35 30.16 13.69
CA SER B 253 10.92 30.02 13.38
C SER B 253 10.10 29.79 14.64
N GLY B 254 10.62 30.14 15.81
CA GLY B 254 9.97 29.80 17.06
C GLY B 254 9.90 28.32 17.33
N ARG B 255 10.80 27.53 16.73
CA ARG B 255 10.78 26.08 16.82
C ARG B 255 12.22 25.61 16.98
N ILE B 256 12.57 25.17 18.19
CA ILE B 256 13.92 24.68 18.49
C ILE B 256 13.91 23.18 18.29
N LYS B 257 14.66 22.70 17.29
CA LYS B 257 14.86 21.27 17.14
C LYS B 257 15.67 20.74 18.31
N ILE B 258 15.43 19.48 18.66
CA ILE B 258 16.16 18.80 19.74
C ILE B 258 16.56 17.43 19.26
N SER B 259 17.84 17.11 19.32
CA SER B 259 18.34 15.81 18.88
C SER B 259 19.41 15.32 19.83
N LEU B 260 19.54 13.99 19.92
CA LEU B 260 20.64 13.32 20.59
C LEU B 260 21.45 12.55 19.57
N ASP B 261 22.77 12.60 19.71
CA ASP B 261 23.67 11.85 18.84
C ASP B 261 24.81 11.31 19.68
N ASN B 262 25.09 10.01 19.54
CA ASN B 262 26.23 9.38 20.20
C ASN B 262 27.21 8.87 19.14
N ASP B 263 28.40 9.44 19.14
CA ASP B 263 29.51 8.93 18.34
C ASP B 263 30.37 8.05 19.24
N ILE B 264 30.56 6.80 18.83
CA ILE B 264 31.11 5.77 19.70
C ILE B 264 32.54 5.45 19.30
N SER B 265 33.21 4.69 20.15
CA SER B 265 34.56 4.20 19.89
C SER B 265 34.71 2.83 20.53
N ILE B 266 35.01 1.82 19.71
CA ILE B 266 35.27 0.49 20.22
C ILE B 266 36.62 0.47 20.93
N ARG B 267 36.74 -0.37 21.95
CA ARG B 267 37.97 -0.51 22.71
C ARG B 267 38.14 -1.96 23.13
N GLU B 268 39.38 -2.41 23.15
CA GLU B 268 39.73 -3.73 23.63
C GLU B 268 40.06 -3.63 25.13
N CYS B 269 39.37 -4.43 25.94
CA CYS B 269 39.64 -4.44 27.36
C CYS B 269 41.05 -4.97 27.62
N LYS B 270 41.64 -4.52 28.71
CA LYS B 270 42.99 -4.95 29.08
C LYS B 270 43.01 -6.45 29.35
N ASP B 271 41.96 -6.94 29.99
CA ASP B 271 41.85 -8.35 30.33
C ASP B 271 40.40 -8.64 30.70
N TRP B 272 40.05 -9.91 30.74
CA TRP B 272 38.72 -10.27 31.21
C TRP B 272 38.69 -11.75 31.58
N HIS B 273 38.08 -12.06 32.71
CA HIS B 273 38.07 -13.39 33.27
C HIS B 273 36.71 -14.05 33.09
N VAL B 274 36.71 -15.38 33.16
CA VAL B 274 35.48 -16.17 33.20
C VAL B 274 35.72 -17.35 34.12
N SER B 275 35.02 -17.37 35.26
CA SER B 275 35.08 -18.48 36.22
C SER B 275 36.51 -18.71 36.70
N GLY B 276 37.31 -17.64 36.78
CA GLY B 276 38.69 -17.72 37.21
C GLY B 276 39.69 -17.86 36.09
N SER B 277 39.24 -18.15 34.87
CA SER B 277 40.15 -18.32 33.73
C SER B 277 40.40 -16.98 33.06
N ILE B 278 41.67 -16.63 32.89
CA ILE B 278 42.05 -15.40 32.22
C ILE B 278 41.77 -15.51 30.73
N GLN B 279 41.26 -14.44 30.14
CA GLN B 279 40.92 -14.41 28.73
C GLN B 279 41.18 -13.04 28.16
N LYS B 280 41.74 -13.03 26.94
CA LYS B 280 41.88 -11.85 26.12
C LYS B 280 41.33 -12.16 24.73
N ASN B 281 41.08 -11.11 23.96
CA ASN B 281 40.45 -11.28 22.66
C ASN B 281 41.39 -11.97 21.68
N THR B 282 40.83 -12.88 20.88
CA THR B 282 41.56 -13.68 19.92
C THR B 282 41.06 -13.34 18.52
N HIS B 283 41.96 -13.44 17.54
CA HIS B 283 41.64 -13.20 16.14
C HIS B 283 41.96 -14.43 15.32
N ASN B 284 40.96 -14.92 14.59
CA ASN B 284 41.14 -15.93 13.55
C ASN B 284 40.54 -15.51 12.22
N MET B 285 39.63 -14.54 12.23
CA MET B 285 39.04 -14.00 11.00
C MET B 285 40.09 -13.41 10.06
N MET B 286 41.22 -12.96 10.62
CA MET B 286 42.28 -12.36 9.82
C MET B 286 42.79 -13.34 8.78
N ILE B 287 43.08 -14.57 9.20
CA ILE B 287 43.58 -15.59 8.28
C ILE B 287 42.54 -15.87 7.22
N PHE B 288 41.26 -15.92 7.62
CA PHE B 288 40.18 -16.13 6.67
C PHE B 288 40.21 -15.08 5.57
N ASP B 289 40.22 -13.80 5.95
CA ASP B 289 40.26 -12.72 4.97
C ASP B 289 41.50 -12.81 4.08
N ALA B 290 42.64 -13.20 4.66
CA ALA B 290 43.84 -13.37 3.85
C ALA B 290 43.64 -14.45 2.80
N PHE B 291 42.92 -15.51 3.15
CA PHE B 291 42.65 -16.58 2.20
C PHE B 291 41.64 -16.13 1.15
N VAL B 292 40.73 -15.23 1.51
CA VAL B 292 39.87 -14.60 0.51
C VAL B 292 40.72 -13.88 -0.52
N ILE B 293 41.66 -13.06 -0.04
CA ILE B 293 42.51 -12.29 -0.95
C ILE B 293 43.32 -13.22 -1.84
N LEU B 294 43.76 -14.36 -1.28
CA LEU B 294 44.46 -15.35 -2.08
C LEU B 294 43.57 -15.86 -3.21
N THR B 295 42.39 -16.38 -2.87
CA THR B 295 41.50 -16.96 -3.87
C THR B 295 41.14 -15.95 -4.96
N CYS B 296 40.66 -14.78 -4.55
CA CYS B 296 40.25 -13.77 -5.52
C CYS B 296 41.41 -13.30 -6.37
N LEU B 297 42.62 -13.29 -5.81
CA LEU B 297 43.79 -12.92 -6.59
C LEU B 297 44.09 -13.95 -7.67
N VAL B 298 44.03 -15.24 -7.31
CA VAL B 298 44.26 -16.29 -8.30
C VAL B 298 43.23 -16.18 -9.42
N SER B 299 41.96 -16.04 -9.05
CA SER B 299 40.90 -15.89 -10.05
C SER B 299 41.16 -14.69 -10.95
N LEU B 300 41.62 -13.58 -10.36
CA LEU B 300 41.95 -12.39 -11.13
C LEU B 300 43.02 -12.70 -12.18
N ILE B 301 44.10 -13.37 -11.76
CA ILE B 301 45.19 -13.69 -12.66
C ILE B 301 44.70 -14.56 -13.81
N LEU B 302 44.03 -15.67 -13.48
CA LEU B 302 43.60 -16.61 -14.52
C LEU B 302 42.62 -15.95 -15.48
N CYS B 303 41.71 -15.12 -14.96
CA CYS B 303 40.74 -14.47 -15.83
C CYS B 303 41.42 -13.49 -16.78
N ILE B 304 42.39 -12.71 -16.28
CA ILE B 304 43.12 -11.81 -17.17
C ILE B 304 43.86 -12.61 -18.24
N ARG B 305 44.41 -13.77 -17.86
CA ARG B 305 45.07 -14.63 -18.85
C ARG B 305 44.09 -15.07 -19.93
N SER B 306 42.85 -15.41 -19.53
CA SER B 306 41.89 -15.88 -20.52
C SER B 306 41.42 -14.74 -21.41
N VAL B 307 41.33 -13.52 -20.87
CA VAL B 307 40.95 -12.37 -21.70
C VAL B 307 42.04 -12.11 -22.73
N ILE B 308 43.29 -12.06 -22.28
CA ILE B 308 44.39 -11.75 -23.19
C ILE B 308 44.54 -12.85 -24.23
N SER B 309 44.35 -14.10 -23.83
CA SER B 309 44.34 -15.21 -24.78
C SER B 309 43.22 -15.03 -25.80
N GLY B 310 42.06 -14.57 -25.34
CA GLY B 310 40.96 -14.33 -26.25
C GLY B 310 41.26 -13.23 -27.25
N LEU B 311 42.03 -12.22 -26.83
CA LEU B 311 42.37 -11.13 -27.74
C LEU B 311 43.42 -11.58 -28.75
N GLN B 312 44.41 -12.36 -28.31
CA GLN B 312 45.41 -12.87 -29.24
C GLN B 312 44.78 -13.81 -30.26
N LEU B 313 43.90 -14.70 -29.79
CA LEU B 313 43.17 -15.57 -30.71
C LEU B 313 42.27 -14.76 -31.63
N GLN B 314 41.74 -13.65 -31.12
CA GLN B 314 40.90 -12.77 -31.94
C GLN B 314 41.69 -12.18 -33.10
N GLN B 315 42.79 -11.48 -32.81
CA GLN B 315 43.59 -10.89 -33.87
C GLN B 315 44.17 -11.96 -34.79
N GLU B 316 44.46 -13.14 -34.24
CA GLU B 316 44.85 -14.27 -35.08
C GLU B 316 43.77 -14.59 -36.10
N PHE B 317 42.51 -14.61 -35.65
CA PHE B 317 41.41 -14.88 -36.56
C PHE B 317 41.25 -13.79 -37.60
N VAL B 318 41.30 -12.55 -37.14
CA VAL B 318 41.23 -11.44 -38.04
C VAL B 318 42.27 -11.57 -39.12
N ASN B 319 43.61 -11.59 -38.78
CA ASN B 319 44.73 -11.57 -39.73
C ASN B 319 44.68 -12.79 -40.64
N PHE B 320 44.33 -13.94 -40.08
CA PHE B 320 44.20 -15.17 -40.86
C PHE B 320 43.06 -15.09 -41.89
N PHE B 321 41.91 -14.55 -41.47
CA PHE B 321 40.74 -14.45 -42.34
C PHE B 321 40.97 -13.44 -43.44
N LEU B 322 41.58 -12.30 -43.12
CA LEU B 322 41.95 -11.32 -44.13
C LEU B 322 42.95 -11.90 -45.11
N LEU B 323 44.02 -12.51 -44.60
CA LEU B 323 45.12 -12.96 -45.45
C LEU B 323 44.62 -13.98 -46.48
N HIS B 324 43.88 -14.98 -46.00
CA HIS B 324 43.41 -16.09 -46.86
C HIS B 324 42.43 -15.82 -47.99
N TYR B 325 41.40 -15.04 -47.71
CA TYR B 325 40.38 -14.69 -48.71
C TYR B 325 40.06 -13.19 -48.95
N LYS B 326 40.92 -12.26 -48.51
CA LYS B 326 40.64 -10.83 -48.64
C LYS B 326 39.25 -10.39 -48.09
N LYS B 327 38.80 -11.00 -46.99
CA LYS B 327 37.51 -10.64 -46.40
C LYS B 327 37.79 -10.51 -44.91
N ASP B 328 37.63 -9.32 -44.25
CA ASP B 328 37.73 -9.13 -42.80
C ASP B 328 37.08 -7.87 -42.21
N VAL B 329 36.03 -7.30 -42.81
CA VAL B 329 35.36 -6.15 -42.23
C VAL B 329 34.24 -6.65 -41.32
N SER B 330 34.61 -7.26 -40.21
CA SER B 330 33.62 -7.80 -39.29
C SER B 330 33.92 -7.28 -37.90
N VAL B 331 32.93 -6.71 -37.23
CA VAL B 331 33.07 -6.21 -35.87
C VAL B 331 32.37 -7.03 -34.76
N SER B 332 31.17 -7.64 -35.00
CA SER B 332 30.37 -8.44 -34.08
C SER B 332 31.07 -9.70 -33.61
N ASP B 333 31.72 -10.38 -34.55
CA ASP B 333 32.55 -11.53 -34.25
C ASP B 333 33.71 -11.08 -33.33
N GLN B 334 34.28 -9.91 -33.59
CA GLN B 334 35.37 -9.44 -32.75
C GLN B 334 34.85 -9.33 -31.30
N MET B 335 33.65 -8.78 -31.09
CA MET B 335 33.05 -8.74 -29.77
C MET B 335 32.78 -10.16 -29.22
N GLU B 336 32.33 -11.06 -30.09
CA GLU B 336 32.02 -12.42 -29.66
C GLU B 336 33.22 -13.11 -29.05
N PHE B 337 34.44 -12.71 -29.40
CA PHE B 337 35.61 -13.25 -28.73
C PHE B 337 35.82 -12.68 -27.34
N VAL B 338 35.29 -11.49 -27.07
CA VAL B 338 35.35 -10.89 -25.75
C VAL B 338 34.19 -11.45 -24.94
N ASN B 339 34.44 -11.71 -23.65
CA ASN B 339 33.45 -12.31 -22.76
C ASN B 339 33.33 -11.44 -21.51
N GLY B 340 32.19 -10.75 -21.38
CA GLY B 340 32.00 -9.79 -20.30
C GLY B 340 31.93 -10.41 -18.93
N TRP B 341 31.63 -11.71 -18.83
CA TRP B 341 31.51 -12.35 -17.53
C TRP B 341 32.84 -12.33 -16.79
N TYR B 342 33.92 -12.58 -17.52
CA TYR B 342 35.25 -12.58 -16.94
C TYR B 342 35.53 -11.19 -16.40
N ILE B 343 35.12 -10.17 -17.15
CA ILE B 343 35.30 -8.79 -16.73
C ILE B 343 34.55 -8.54 -15.42
N MET B 344 33.37 -9.14 -15.33
CA MET B 344 32.56 -9.02 -14.12
C MET B 344 33.35 -9.62 -12.97
N ILE B 345 34.06 -10.72 -13.22
CA ILE B 345 34.85 -11.37 -12.18
C ILE B 345 36.08 -10.53 -11.84
N ILE B 346 36.61 -9.78 -12.80
CA ILE B 346 37.75 -8.92 -12.52
C ILE B 346 37.34 -7.80 -11.56
N ILE B 347 36.26 -7.10 -11.90
CA ILE B 347 35.75 -6.04 -11.03
C ILE B 347 35.42 -6.62 -9.67
N SER B 348 34.80 -7.81 -9.66
CA SER B 348 34.45 -8.47 -8.41
C SER B 348 35.68 -8.72 -7.55
N ASP B 349 36.73 -9.29 -8.16
CA ASP B 349 37.93 -9.62 -7.39
C ASP B 349 38.61 -8.37 -6.84
N ILE B 350 38.66 -7.30 -7.64
CA ILE B 350 39.24 -6.05 -7.16
C ILE B 350 38.48 -5.55 -5.95
N LEU B 351 37.15 -5.53 -6.03
CA LEU B 351 36.36 -5.00 -4.93
C LEU B 351 36.46 -5.88 -3.68
N THR B 352 36.53 -7.21 -3.85
CA THR B 352 36.72 -8.09 -2.70
C THR B 352 38.06 -7.86 -2.03
N ILE B 353 39.11 -7.65 -2.84
CA ILE B 353 40.44 -7.45 -2.26
C ILE B 353 40.50 -6.14 -1.50
N ILE B 354 39.97 -5.07 -2.09
CA ILE B 354 40.02 -3.76 -1.42
C ILE B 354 39.19 -3.81 -0.14
N GLY B 355 37.95 -4.30 -0.24
CA GLY B 355 37.10 -4.39 0.94
C GLY B 355 37.69 -5.27 2.02
N SER B 356 38.43 -6.31 1.64
CA SER B 356 39.03 -7.19 2.62
C SER B 356 40.23 -6.53 3.29
N ILE B 357 41.00 -5.74 2.54
CA ILE B 357 42.11 -5.01 3.14
C ILE B 357 41.58 -4.00 4.16
N LEU B 358 40.56 -3.24 3.78
CA LEU B 358 39.97 -2.28 4.72
C LEU B 358 39.38 -3.00 5.92
N LYS B 359 38.78 -4.16 5.68
CA LYS B 359 38.22 -4.98 6.75
C LYS B 359 39.30 -5.37 7.76
N MET B 360 40.42 -5.90 7.27
CA MET B 360 41.54 -6.26 8.14
C MET B 360 42.05 -5.04 8.88
N GLU B 361 42.03 -3.89 8.21
CA GLU B 361 42.49 -2.66 8.84
C GLU B 361 41.60 -2.28 10.02
N ILE B 362 40.29 -2.44 9.87
CA ILE B 362 39.38 -2.05 10.93
C ILE B 362 39.42 -3.05 12.07
N GLN B 363 39.48 -4.34 11.75
CA GLN B 363 39.59 -5.35 12.80
C GLN B 363 40.92 -5.24 13.54
N ALA B 364 41.95 -4.68 12.89
CA ALA B 364 43.23 -4.49 13.57
C ALA B 364 43.20 -3.23 14.45
N LYS B 365 42.83 -2.10 13.87
CA LYS B 365 42.74 -0.86 14.64
C LYS B 365 41.52 -0.78 15.53
N SER B 366 40.54 -1.66 15.34
CA SER B 366 39.35 -1.70 16.18
C SER B 366 38.52 -0.42 16.04
N LEU B 367 38.32 0.00 14.80
CA LEU B 367 37.42 1.10 14.49
C LEU B 367 36.00 0.57 14.31
N THR B 368 35.05 1.49 14.19
CA THR B 368 33.63 1.19 14.12
C THR B 368 32.95 1.75 12.89
N SER B 369 33.70 2.22 11.90
CA SER B 369 33.15 2.84 10.70
C SER B 369 33.15 1.80 9.58
N TYR B 370 32.02 1.13 9.40
CA TYR B 370 31.85 0.07 8.39
C TYR B 370 30.86 0.59 7.36
N ASP B 371 31.36 1.27 6.34
CA ASP B 371 30.54 1.85 5.29
C ASP B 371 31.07 1.59 3.89
N VAL B 372 32.38 1.66 3.69
CA VAL B 372 32.97 1.44 2.39
C VAL B 372 33.18 -0.04 2.12
N CYS B 373 33.73 -0.75 3.10
CA CYS B 373 33.93 -2.19 2.97
C CYS B 373 32.60 -2.90 2.73
N SER B 374 31.54 -2.48 3.43
CA SER B 374 30.23 -3.08 3.26
C SER B 374 29.75 -2.95 1.83
N ILE B 375 30.01 -1.80 1.20
CA ILE B 375 29.52 -1.54 -0.15
C ILE B 375 30.35 -2.28 -1.18
N LEU B 376 31.67 -2.25 -1.03
CA LEU B 376 32.55 -2.99 -1.95
C LEU B 376 32.22 -4.48 -1.91
N LEU B 377 32.07 -5.03 -0.71
CA LEU B 377 31.78 -6.45 -0.58
C LEU B 377 30.38 -6.79 -1.07
N GLY B 378 29.42 -5.90 -0.83
CA GLY B 378 28.06 -6.10 -1.30
C GLY B 378 27.96 -6.18 -2.81
N THR B 379 28.45 -5.13 -3.47
CA THR B 379 28.47 -5.11 -4.93
C THR B 379 29.24 -6.33 -5.46
N SER B 380 30.35 -6.67 -4.81
CA SER B 380 31.12 -7.83 -5.21
C SER B 380 30.27 -9.09 -5.22
N THR B 381 29.64 -9.40 -4.08
CA THR B 381 28.79 -10.57 -3.97
C THR B 381 27.72 -10.61 -5.04
N MET B 382 27.01 -9.48 -5.22
CA MET B 382 26.02 -9.37 -6.30
C MET B 382 26.59 -9.84 -7.63
N LEU B 383 27.77 -9.32 -7.98
CA LEU B 383 28.40 -9.71 -9.24
C LEU B 383 28.80 -11.18 -9.24
N VAL B 384 29.13 -11.74 -8.07
CA VAL B 384 29.51 -13.14 -7.97
C VAL B 384 28.33 -14.05 -8.29
N TRP B 385 27.18 -13.79 -7.66
CA TRP B 385 26.00 -14.60 -7.93
C TRP B 385 25.58 -14.49 -9.40
N LEU B 386 25.68 -13.29 -9.97
CA LEU B 386 25.58 -13.19 -11.42
C LEU B 386 26.57 -14.12 -12.12
N GLY B 387 27.77 -14.28 -11.55
CA GLY B 387 28.68 -15.30 -12.05
C GLY B 387 28.06 -16.68 -12.05
N VAL B 388 27.28 -16.99 -11.02
CA VAL B 388 26.58 -18.28 -11.06
C VAL B 388 25.62 -18.30 -12.23
N ILE B 389 25.07 -17.15 -12.60
CA ILE B 389 24.24 -17.13 -13.79
C ILE B 389 25.07 -17.37 -15.04
N ARG B 390 26.37 -17.21 -14.92
CA ARG B 390 27.27 -17.64 -15.97
C ARG B 390 27.18 -19.18 -15.95
N TYR B 391 27.15 -19.74 -14.74
CA TYR B 391 27.09 -21.18 -14.51
C TYR B 391 25.68 -21.74 -14.54
N LEU B 392 24.74 -21.06 -15.20
CA LEU B 392 23.48 -21.66 -15.60
C LEU B 392 23.23 -21.60 -17.10
N GLY B 393 24.00 -20.83 -17.85
CA GLY B 393 23.84 -20.75 -19.29
C GLY B 393 24.40 -21.93 -20.06
N PHE B 394 24.89 -22.96 -19.37
CA PHE B 394 25.37 -24.17 -20.01
C PHE B 394 24.25 -25.15 -20.34
N PHE B 395 23.00 -24.69 -20.19
CA PHE B 395 21.79 -25.43 -20.49
C PHE B 395 21.08 -24.61 -21.56
N ALA B 396 20.47 -25.24 -22.56
CA ALA B 396 19.93 -24.44 -23.66
C ALA B 396 18.67 -23.68 -23.30
N LYS B 397 17.92 -24.11 -22.28
CA LYS B 397 16.69 -23.44 -21.90
C LYS B 397 16.97 -22.23 -21.01
N TYR B 398 17.76 -22.43 -19.96
CA TYR B 398 18.35 -21.32 -19.25
C TYR B 398 19.01 -20.37 -20.24
N ASN B 399 19.76 -20.91 -21.19
CA ASN B 399 20.42 -20.10 -22.21
C ASN B 399 19.41 -19.26 -22.99
N LEU B 400 18.26 -19.84 -23.33
CA LEU B 400 17.19 -19.09 -23.97
C LEU B 400 16.77 -17.90 -23.11
N LEU B 401 16.64 -18.11 -21.81
CA LEU B 401 16.11 -17.05 -20.96
C LEU B 401 17.12 -15.93 -20.74
N ILE B 402 18.36 -16.28 -20.35
CA ILE B 402 19.38 -15.25 -20.16
C ILE B 402 19.65 -14.51 -21.47
N LEU B 403 19.64 -15.21 -22.60
CA LEU B 403 19.82 -14.52 -23.87
C LEU B 403 18.66 -13.60 -24.17
N THR B 404 17.45 -13.99 -23.79
CA THR B 404 16.30 -13.10 -23.92
C THR B 404 16.51 -11.82 -23.12
N LEU B 405 16.97 -11.97 -21.88
CA LEU B 405 17.18 -10.80 -21.01
C LEU B 405 18.26 -9.88 -21.59
N GLN B 406 19.40 -10.45 -21.96
CA GLN B 406 20.49 -9.65 -22.52
C GLN B 406 20.07 -8.95 -23.81
N ALA B 407 19.39 -9.68 -24.69
CA ALA B 407 18.96 -9.09 -25.95
C ALA B 407 17.93 -7.99 -25.73
N ALA B 408 17.15 -8.07 -24.65
CA ALA B 408 16.14 -7.06 -24.39
C ALA B 408 16.71 -5.81 -23.75
N LEU B 409 17.78 -5.96 -22.96
CA LEU B 409 18.28 -4.85 -22.15
C LEU B 409 18.56 -3.55 -22.91
N PRO B 410 19.19 -3.54 -24.09
CA PRO B 410 19.49 -2.24 -24.72
C PRO B 410 18.25 -1.42 -25.06
N ASN B 411 17.28 -2.04 -25.74
CA ASN B 411 16.06 -1.34 -26.12
C ASN B 411 15.30 -0.86 -24.90
N VAL B 412 15.38 -1.63 -23.80
CA VAL B 412 14.76 -1.21 -22.56
C VAL B 412 15.46 0.03 -22.01
N ILE B 413 16.78 0.12 -22.15
CA ILE B 413 17.49 1.28 -21.63
C ILE B 413 17.17 2.52 -22.46
N ARG B 414 17.09 2.36 -23.78
CA ARG B 414 16.71 3.48 -24.64
C ARG B 414 15.32 3.98 -24.30
N PHE B 415 14.36 3.06 -24.20
CA PHE B 415 13.02 3.49 -23.86
C PHE B 415 12.94 4.08 -22.46
N CYS B 416 13.78 3.59 -21.54
CA CYS B 416 13.87 4.22 -20.24
C CYS B 416 14.44 5.62 -20.33
N CYS B 417 15.25 5.90 -21.37
CA CYS B 417 15.67 7.27 -21.59
C CYS B 417 14.47 8.14 -21.95
N CYS B 418 13.68 7.73 -22.95
CA CYS B 418 12.52 8.52 -23.36
C CYS B 418 11.54 8.73 -22.20
N ALA B 419 11.05 7.64 -21.63
CA ALA B 419 10.14 7.72 -20.50
C ALA B 419 10.77 8.46 -19.33
N ALA B 420 12.09 8.45 -19.22
CA ALA B 420 12.73 9.30 -18.23
C ALA B 420 12.59 10.77 -18.57
N MET B 421 12.53 11.11 -19.85
CA MET B 421 12.32 12.52 -20.21
C MET B 421 10.92 12.98 -19.80
N ILE B 422 9.89 12.20 -20.16
CA ILE B 422 8.54 12.53 -19.71
C ILE B 422 8.50 12.60 -18.18
N TYR B 423 9.16 11.65 -17.53
CA TYR B 423 9.23 11.60 -16.07
C TYR B 423 9.82 12.87 -15.50
N LEU B 424 10.90 13.37 -16.11
CA LEU B 424 11.51 14.62 -15.64
C LEU B 424 10.56 15.79 -15.78
N GLY B 425 9.83 15.85 -16.90
CA GLY B 425 8.82 16.89 -17.08
C GLY B 425 7.83 16.94 -15.93
N TYR B 426 7.21 15.79 -15.66
CA TYR B 426 6.29 15.74 -14.53
C TYR B 426 6.98 16.05 -13.20
N CYS B 427 8.26 15.72 -13.08
CA CYS B 427 8.97 15.96 -11.83
C CYS B 427 9.13 17.45 -11.56
N PHE B 428 9.61 18.20 -12.55
CA PHE B 428 9.73 19.65 -12.38
C PHE B 428 8.37 20.28 -12.13
N CYS B 429 7.38 19.93 -12.96
CA CYS B 429 6.06 20.54 -12.86
C CYS B 429 5.44 20.31 -11.49
N GLY B 430 5.36 19.04 -11.08
CA GLY B 430 4.80 18.74 -9.78
C GLY B 430 5.59 19.31 -8.63
N TRP B 431 6.92 19.39 -8.80
CA TRP B 431 7.75 19.97 -7.75
C TRP B 431 7.39 21.43 -7.49
N ILE B 432 7.36 22.22 -8.56
CA ILE B 432 7.15 23.65 -8.36
C ILE B 432 5.70 23.95 -8.00
N VAL B 433 4.75 23.23 -8.60
CA VAL B 433 3.35 23.55 -8.37
C VAL B 433 2.90 23.03 -7.01
N LEU B 434 3.16 21.76 -6.72
CA LEU B 434 2.57 21.09 -5.57
C LEU B 434 3.52 20.95 -4.40
N GLY B 435 4.70 21.56 -4.46
CA GLY B 435 5.59 21.65 -3.34
C GLY B 435 4.95 22.23 -2.09
N PRO B 436 4.44 23.46 -2.19
CA PRO B 436 3.89 24.10 -0.98
C PRO B 436 2.63 23.45 -0.44
N TYR B 437 1.81 22.83 -1.30
CA TYR B 437 0.49 22.35 -0.91
C TYR B 437 0.43 20.84 -0.73
N HIS B 438 1.57 20.16 -0.64
CA HIS B 438 1.58 18.72 -0.44
C HIS B 438 2.77 18.34 0.42
N ASN B 439 2.61 17.31 1.25
CA ASN B 439 3.67 16.90 2.16
C ASN B 439 4.85 16.35 1.40
N LYS B 440 4.57 15.51 0.40
CA LYS B 440 5.54 15.14 -0.61
C LYS B 440 5.77 16.35 -1.52
N PHE B 441 6.51 16.13 -2.60
CA PHE B 441 6.78 17.13 -3.63
C PHE B 441 7.60 18.32 -3.13
N ARG B 442 8.12 18.26 -1.91
CA ARG B 442 8.94 19.35 -1.40
C ARG B 442 10.25 19.46 -2.18
N SER B 443 10.95 18.33 -2.34
CA SER B 443 12.22 18.28 -3.04
C SER B 443 12.08 17.38 -4.27
N LEU B 444 12.92 17.64 -5.28
CA LEU B 444 12.87 16.87 -6.51
C LEU B 444 13.10 15.38 -6.27
N ASN B 445 13.92 15.05 -5.28
CA ASN B 445 14.14 13.64 -4.98
C ASN B 445 12.86 12.99 -4.48
N MET B 446 12.19 13.63 -3.51
CA MET B 446 10.92 13.12 -3.02
C MET B 446 9.91 13.03 -4.13
N VAL B 447 9.96 13.97 -5.07
CA VAL B 447 9.10 13.90 -6.24
C VAL B 447 9.37 12.60 -7.00
N SER B 448 10.63 12.37 -7.37
CA SER B 448 10.97 11.18 -8.15
C SER B 448 10.58 9.90 -7.41
N GLU B 449 10.78 9.86 -6.10
CA GLU B 449 10.37 8.72 -5.31
C GLU B 449 8.87 8.51 -5.40
N CYS B 450 8.10 9.59 -5.21
CA CYS B 450 6.64 9.51 -5.28
C CYS B 450 6.17 9.00 -6.64
N LEU B 451 6.59 9.67 -7.71
CA LEU B 451 6.14 9.32 -9.06
C LEU B 451 6.53 7.90 -9.41
N PHE B 452 7.72 7.48 -9.00
CA PHE B 452 8.15 6.10 -9.19
C PHE B 452 7.18 5.13 -8.50
N SER B 453 6.88 5.40 -7.23
CA SER B 453 5.92 4.60 -6.50
C SER B 453 4.56 4.59 -7.18
N LEU B 454 4.18 5.69 -7.82
CA LEU B 454 2.88 5.76 -8.48
C LEU B 454 2.87 4.93 -9.75
N ILE B 455 4.01 4.88 -10.46
CA ILE B 455 4.13 3.97 -11.58
C ILE B 455 3.90 2.55 -11.10
N ASN B 456 4.48 2.20 -9.95
CA ASN B 456 4.36 0.85 -9.40
C ASN B 456 3.26 0.75 -8.35
N GLY B 457 2.18 1.52 -8.52
CA GLY B 457 0.96 1.31 -7.79
C GLY B 457 0.92 1.84 -6.38
N ASP B 458 2.04 2.24 -5.81
CA ASP B 458 2.10 2.50 -4.37
C ASP B 458 1.53 3.87 -4.01
N ASP B 459 0.66 3.88 -3.01
CA ASP B 459 0.28 5.09 -2.27
C ASP B 459 -0.34 6.16 -3.17
N MET B 460 -1.51 5.82 -3.73
CA MET B 460 -2.27 6.76 -4.55
C MET B 460 -3.26 7.59 -3.74
N PHE B 461 -4.17 6.91 -3.03
CA PHE B 461 -5.24 7.61 -2.33
C PHE B 461 -4.69 8.57 -1.28
N ALA B 462 -3.52 8.26 -0.73
CA ALA B 462 -2.86 9.20 0.18
C ALA B 462 -2.33 10.42 -0.56
N THR B 463 -1.95 10.25 -1.83
CA THR B 463 -1.51 11.40 -2.61
C THR B 463 -2.69 12.28 -3.00
N PHE B 464 -3.78 11.66 -3.47
CA PHE B 464 -4.98 12.42 -3.77
C PHE B 464 -5.55 13.10 -2.53
N ALA B 465 -5.39 12.48 -1.37
CA ALA B 465 -6.08 12.92 -0.16
C ALA B 465 -5.28 13.90 0.67
N LYS B 466 -3.95 13.77 0.70
CA LYS B 466 -3.12 14.68 1.49
C LYS B 466 -2.98 16.06 0.86
N MET B 467 -3.61 16.33 -0.27
CA MET B 467 -3.53 17.64 -0.89
C MET B 467 -4.39 18.63 -0.13
N GLN B 468 -3.97 19.90 -0.16
CA GLN B 468 -4.69 20.98 0.50
C GLN B 468 -5.65 21.63 -0.48
N GLN B 469 -6.90 21.80 -0.05
CA GLN B 469 -7.91 22.51 -0.83
C GLN B 469 -7.92 24.01 -0.55
N LYS B 470 -6.86 24.54 0.08
CA LYS B 470 -6.78 25.97 0.33
C LYS B 470 -6.75 26.77 -0.97
N SER B 471 -6.27 26.16 -2.05
CA SER B 471 -6.29 26.76 -3.38
C SER B 471 -6.92 25.75 -4.34
N TYR B 472 -8.02 26.17 -4.97
CA TYR B 472 -8.81 25.24 -5.77
C TYR B 472 -8.21 24.99 -7.14
N LEU B 473 -7.58 26.00 -7.73
CA LEU B 473 -7.01 25.85 -9.07
C LEU B 473 -5.81 24.90 -9.02
N VAL B 474 -4.95 25.06 -8.02
CA VAL B 474 -3.82 24.16 -7.85
C VAL B 474 -4.31 22.75 -7.54
N TRP B 475 -5.45 22.62 -6.89
CA TRP B 475 -6.00 21.32 -6.55
C TRP B 475 -6.50 20.60 -7.81
N LEU B 476 -7.27 21.30 -8.64
CA LEU B 476 -7.66 20.77 -9.94
C LEU B 476 -6.44 20.34 -10.74
N PHE B 477 -5.43 21.21 -10.80
CA PHE B 477 -4.22 20.86 -11.53
C PHE B 477 -3.55 19.63 -10.94
N SER B 478 -3.61 19.47 -9.62
CA SER B 478 -3.13 18.25 -9.00
C SER B 478 -3.87 17.04 -9.54
N ARG B 479 -5.17 17.17 -9.73
CA ARG B 479 -5.96 16.05 -10.22
C ARG B 479 -5.58 15.69 -11.66
N ILE B 480 -5.58 16.69 -12.55
CA ILE B 480 -5.21 16.43 -13.94
C ILE B 480 -3.79 15.84 -14.01
N TYR B 481 -2.90 16.39 -13.18
CA TYR B 481 -1.52 15.91 -13.09
C TYR B 481 -1.47 14.42 -12.74
N LEU B 482 -2.21 14.02 -11.71
CA LEU B 482 -2.08 12.65 -11.21
C LEU B 482 -2.83 11.65 -12.07
N TYR B 483 -4.07 11.96 -12.48
CA TYR B 483 -4.78 11.05 -13.37
C TYR B 483 -4.03 10.88 -14.68
N SER B 484 -3.63 11.99 -15.30
CA SER B 484 -2.89 11.93 -16.55
C SER B 484 -1.59 11.16 -16.39
N PHE B 485 -0.85 11.44 -15.32
CA PHE B 485 0.43 10.76 -15.09
C PHE B 485 0.24 9.27 -14.93
N ILE B 486 -0.52 8.87 -13.92
CA ILE B 486 -0.67 7.47 -13.56
C ILE B 486 -1.23 6.69 -14.73
N SER B 487 -2.22 7.25 -15.42
CA SER B 487 -2.77 6.60 -16.60
C SER B 487 -1.72 6.44 -17.68
N LEU B 488 -0.94 7.49 -17.94
CA LEU B 488 0.01 7.45 -19.05
C LEU B 488 1.11 6.43 -18.79
N PHE B 489 1.64 6.37 -17.57
CA PHE B 489 2.75 5.46 -17.31
C PHE B 489 2.33 4.03 -16.97
N ILE B 490 1.10 3.80 -16.48
CA ILE B 490 0.68 2.42 -16.23
C ILE B 490 0.03 1.82 -17.47
N TYR B 491 -0.92 2.53 -18.09
CA TYR B 491 -1.79 1.89 -19.07
C TYR B 491 -1.18 1.83 -20.46
N MET B 492 -0.01 2.41 -20.69
CA MET B 492 0.55 2.54 -22.04
C MET B 492 2.01 2.13 -22.14
N ILE B 493 2.76 2.17 -21.04
CA ILE B 493 4.20 2.14 -21.07
C ILE B 493 4.77 0.86 -20.43
N LEU B 494 4.27 0.49 -19.26
CA LEU B 494 4.49 -0.87 -18.76
C LEU B 494 4.06 -1.89 -19.82
N SER B 495 2.92 -1.62 -20.46
CA SER B 495 2.47 -2.41 -21.59
C SER B 495 3.55 -2.54 -22.66
N LEU B 496 4.27 -1.46 -22.92
CA LEU B 496 5.25 -1.48 -23.99
C LEU B 496 6.51 -2.22 -23.58
N PHE B 497 6.93 -2.11 -22.32
CA PHE B 497 7.98 -2.99 -21.81
C PHE B 497 7.62 -4.45 -22.04
N ILE B 498 6.39 -4.81 -21.65
CA ILE B 498 5.93 -6.18 -21.83
C ILE B 498 5.97 -6.58 -23.30
N ALA B 499 5.65 -5.63 -24.17
CA ALA B 499 5.73 -5.90 -25.60
C ALA B 499 7.17 -6.14 -26.05
N LEU B 500 8.12 -5.40 -25.49
CA LEU B 500 9.52 -5.58 -25.87
C LEU B 500 10.02 -6.96 -25.49
N ILE B 501 9.95 -7.30 -24.19
CA ILE B 501 10.47 -8.60 -23.75
C ILE B 501 9.70 -9.74 -24.41
N THR B 502 8.39 -9.56 -24.61
CA THR B 502 7.62 -10.57 -25.33
C THR B 502 8.17 -10.75 -26.74
N ASP B 503 8.49 -9.65 -27.42
CA ASP B 503 9.00 -9.74 -28.79
C ASP B 503 10.36 -10.43 -28.83
N THR B 504 11.26 -10.08 -27.91
CA THR B 504 12.58 -10.72 -27.90
C THR B 504 12.47 -12.21 -27.63
N TYR B 505 11.62 -12.60 -26.67
CA TYR B 505 11.37 -14.01 -26.43
C TYR B 505 10.86 -14.69 -27.70
N GLU B 506 9.96 -14.04 -28.43
CA GLU B 506 9.46 -14.58 -29.68
C GLU B 506 10.60 -14.81 -30.67
N THR B 507 11.46 -13.81 -30.85
CA THR B 507 12.54 -13.93 -31.82
C THR B 507 13.50 -15.06 -31.47
N ILE B 508 14.05 -15.03 -30.26
CA ILE B 508 15.09 -16.00 -29.92
C ILE B 508 14.51 -17.41 -29.83
N LYS B 509 13.24 -17.54 -29.42
CA LYS B 509 12.52 -18.78 -29.65
C LYS B 509 12.59 -19.18 -31.12
N HIS B 510 12.33 -18.23 -32.01
CA HIS B 510 12.36 -18.52 -33.45
C HIS B 510 13.77 -18.87 -33.93
N TYR B 511 14.80 -18.47 -33.20
CA TYR B 511 16.17 -18.79 -33.58
C TYR B 511 16.56 -20.17 -33.09
N GLN B 512 16.14 -20.54 -31.88
CA GLN B 512 16.38 -21.90 -31.42
C GLN B 512 15.47 -22.91 -32.12
N GLN B 513 14.45 -22.45 -32.85
CA GLN B 513 13.72 -23.31 -33.77
C GLN B 513 14.38 -23.37 -35.14
N ASP B 514 14.51 -22.22 -35.81
CA ASP B 514 14.92 -22.15 -37.20
C ASP B 514 16.37 -21.71 -37.39
N GLY B 515 17.15 -21.67 -36.33
CA GLY B 515 18.57 -21.36 -36.45
C GLY B 515 18.88 -19.88 -36.33
N PHE B 516 20.06 -19.58 -35.80
CA PHE B 516 20.52 -18.22 -35.61
C PHE B 516 20.71 -17.55 -36.96
N PRO B 517 20.87 -16.21 -36.98
CA PRO B 517 21.18 -15.54 -38.25
C PRO B 517 22.63 -15.75 -38.65
N GLU B 518 22.95 -15.30 -39.86
CA GLU B 518 24.28 -15.47 -40.41
C GLU B 518 25.28 -14.59 -39.68
N THR B 519 26.48 -15.14 -39.44
CA THR B 519 27.55 -14.42 -38.77
C THR B 519 28.88 -14.50 -39.54
N GLU B 520 29.05 -15.56 -40.34
CA GLU B 520 30.26 -15.90 -41.10
C GLU B 520 31.34 -16.50 -40.20
N LEU B 521 31.14 -16.55 -38.88
CA LEU B 521 31.97 -17.33 -37.97
C LEU B 521 31.35 -18.70 -37.73
N ARG B 522 30.06 -18.73 -37.36
CA ARG B 522 29.35 -19.99 -37.24
C ARG B 522 29.34 -20.74 -38.56
N THR B 523 29.33 -20.01 -39.67
CA THR B 523 29.50 -20.64 -40.99
C THR B 523 30.83 -21.37 -41.06
N PHE B 524 31.90 -20.74 -40.61
CA PHE B 524 33.22 -21.36 -40.67
C PHE B 524 33.30 -22.56 -39.74
N ILE B 525 32.65 -22.49 -38.59
CA ILE B 525 32.62 -23.63 -37.67
C ILE B 525 31.62 -24.67 -38.17
N SER B 526 30.35 -24.28 -38.24
CA SER B 526 29.28 -25.16 -38.71
C SER B 526 29.23 -26.47 -37.91
N LEU C 33 -37.81 -12.77 -55.15
CA LEU C 33 -38.99 -11.92 -55.04
C LEU C 33 -39.37 -11.72 -53.58
N LEU C 34 -39.88 -12.79 -52.95
CA LEU C 34 -40.22 -12.72 -51.54
C LEU C 34 -38.99 -12.77 -50.65
N GLU C 35 -37.93 -13.39 -51.17
CA GLU C 35 -36.66 -13.45 -50.47
C GLU C 35 -36.19 -12.01 -50.30
N ASP C 36 -36.42 -11.19 -51.33
CA ASP C 36 -36.04 -9.78 -51.26
C ASP C 36 -36.79 -9.07 -50.14
N GLN C 37 -38.07 -9.39 -49.97
CA GLN C 37 -38.83 -8.82 -48.86
C GLN C 37 -38.21 -9.22 -47.52
N MET C 38 -37.78 -10.48 -47.40
CA MET C 38 -37.14 -10.92 -46.17
C MET C 38 -35.82 -10.20 -45.94
N ARG C 39 -35.04 -10.01 -47.00
CA ARG C 39 -33.80 -9.25 -46.88
C ARG C 39 -34.08 -7.82 -46.42
N ARG C 40 -35.16 -7.23 -46.92
CA ARG C 40 -35.53 -5.87 -46.51
C ARG C 40 -35.90 -5.82 -45.04
N LYS C 41 -36.77 -6.74 -44.59
CA LYS C 41 -37.15 -6.78 -43.19
C LYS C 41 -35.95 -6.99 -42.29
N LEU C 42 -35.16 -8.03 -42.59
CA LEU C 42 -34.02 -8.37 -41.74
C LEU C 42 -33.02 -7.22 -41.68
N LYS C 43 -32.57 -6.74 -42.85
CA LYS C 43 -31.63 -5.63 -42.88
C LYS C 43 -32.19 -4.39 -42.18
N PHE C 44 -33.50 -4.18 -42.27
CA PHE C 44 -34.12 -3.13 -41.49
C PHE C 44 -34.00 -3.41 -40.00
N PHE C 45 -33.94 -4.68 -39.60
CA PHE C 45 -33.76 -5.05 -38.20
C PHE C 45 -32.31 -5.01 -37.76
N PHE C 46 -31.35 -5.15 -38.69
CA PHE C 46 -29.94 -5.21 -38.36
C PHE C 46 -29.22 -3.87 -38.51
N MET C 47 -29.84 -2.90 -39.17
CA MET C 47 -29.25 -1.58 -39.34
C MET C 47 -29.35 -0.74 -38.06
N ASN C 48 -28.39 0.15 -37.84
CA ASN C 48 -28.42 1.03 -36.69
C ASN C 48 -29.61 1.98 -36.78
N PRO C 49 -30.12 2.47 -35.65
CA PRO C 49 -31.24 3.42 -35.73
C PRO C 49 -30.90 4.69 -36.47
N CYS C 50 -29.69 5.22 -36.27
CA CYS C 50 -29.24 6.36 -37.06
C CYS C 50 -29.12 6.00 -38.53
N GLU C 51 -28.81 4.74 -38.84
CA GLU C 51 -28.82 4.25 -40.21
C GLU C 51 -30.23 3.98 -40.71
N LYS C 52 -31.19 3.75 -39.82
CA LYS C 52 -32.58 3.56 -40.19
C LYS C 52 -33.32 4.88 -40.42
N PHE C 53 -32.62 6.01 -40.35
CA PHE C 53 -33.17 7.32 -40.67
C PHE C 53 -32.47 7.99 -41.85
N TRP C 54 -31.18 7.72 -42.05
CA TRP C 54 -30.51 8.21 -43.24
C TRP C 54 -31.01 7.52 -44.50
N ALA C 55 -31.47 6.28 -44.39
CA ALA C 55 -31.94 5.50 -45.53
C ALA C 55 -33.44 5.62 -45.72
N ARG C 56 -34.22 5.21 -44.71
CA ARG C 56 -35.67 5.14 -44.81
C ARG C 56 -36.40 6.22 -44.03
N GLY C 57 -35.69 7.06 -43.28
CA GLY C 57 -36.31 8.21 -42.66
C GLY C 57 -37.24 7.91 -41.51
N ARG C 58 -37.00 6.82 -40.78
CA ARG C 58 -37.79 6.53 -39.59
C ARG C 58 -37.28 7.39 -38.44
N LYS C 59 -38.19 8.15 -37.83
CA LYS C 59 -37.82 9.08 -36.78
C LYS C 59 -37.34 8.31 -35.54
N PRO C 60 -36.07 8.45 -35.11
CA PRO C 60 -35.66 7.68 -33.91
C PRO C 60 -36.13 8.30 -32.59
N TRP C 61 -37.37 7.98 -32.21
CA TRP C 61 -37.90 8.43 -30.94
C TRP C 61 -37.31 7.64 -29.78
N LYS C 62 -37.01 6.35 -30.00
CA LYS C 62 -36.51 5.49 -28.94
C LYS C 62 -35.20 6.02 -28.36
N LEU C 63 -34.27 6.39 -29.23
CA LEU C 63 -33.01 6.96 -28.77
C LEU C 63 -33.24 8.19 -27.91
N ALA C 64 -34.17 9.06 -28.34
CA ALA C 64 -34.44 10.29 -27.62
C ALA C 64 -34.96 10.01 -26.22
N ILE C 65 -35.94 9.10 -26.12
CA ILE C 65 -36.54 8.87 -24.81
C ILE C 65 -35.58 8.11 -23.91
N GLN C 66 -34.73 7.24 -24.47
CA GLN C 66 -33.70 6.61 -23.65
C GLN C 66 -32.73 7.64 -23.11
N ILE C 67 -32.25 8.55 -23.95
CA ILE C 67 -31.36 9.61 -23.50
C ILE C 67 -32.00 10.42 -22.38
N LEU C 68 -33.28 10.75 -22.55
CA LEU C 68 -34.05 11.39 -21.50
C LEU C 68 -33.99 10.59 -20.21
N LYS C 69 -34.16 9.26 -20.32
CA LYS C 69 -34.10 8.41 -19.13
C LYS C 69 -32.72 8.46 -18.49
N ILE C 70 -31.67 8.49 -19.30
CA ILE C 70 -30.30 8.49 -18.77
C ILE C 70 -30.08 9.72 -17.91
N ALA C 71 -30.24 10.91 -18.52
CA ALA C 71 -30.05 12.15 -17.76
C ALA C 71 -31.02 12.25 -16.59
N MET C 72 -32.22 11.72 -16.75
CA MET C 72 -33.24 11.78 -15.70
C MET C 72 -32.81 11.00 -14.47
N VAL C 73 -32.53 9.71 -14.64
CA VAL C 73 -32.19 8.86 -13.50
C VAL C 73 -30.87 9.33 -12.89
N THR C 74 -29.97 9.85 -13.72
CA THR C 74 -28.73 10.42 -13.19
C THR C 74 -29.03 11.58 -12.23
N ILE C 75 -29.77 12.58 -12.70
CA ILE C 75 -30.09 13.74 -11.87
C ILE C 75 -30.81 13.31 -10.60
N GLN C 76 -31.71 12.35 -10.74
CA GLN C 76 -32.41 11.76 -9.60
C GLN C 76 -31.42 11.29 -8.53
N LEU C 77 -30.50 10.40 -8.93
CA LEU C 77 -29.51 9.88 -7.98
C LEU C 77 -28.69 11.00 -7.37
N VAL C 78 -28.32 12.01 -8.15
CA VAL C 78 -27.48 13.06 -7.64
C VAL C 78 -28.19 13.83 -6.54
N LEU C 79 -29.41 14.30 -6.81
CA LEU C 79 -30.13 15.09 -5.82
C LEU C 79 -30.42 14.28 -4.56
N PHE C 80 -30.89 13.06 -4.77
CA PHE C 80 -31.24 12.17 -3.67
C PHE C 80 -30.02 11.90 -2.79
N GLY C 81 -28.87 11.74 -3.43
CA GLY C 81 -27.64 11.46 -2.71
C GLY C 81 -27.08 12.66 -1.99
N LEU C 82 -27.27 13.86 -2.55
CA LEU C 82 -26.84 15.07 -1.86
C LEU C 82 -27.66 15.28 -0.59
N SER C 83 -28.98 15.10 -0.71
CA SER C 83 -29.84 15.20 0.47
C SER C 83 -29.41 14.21 1.55
N ASN C 84 -29.22 12.96 1.16
CA ASN C 84 -28.81 11.93 2.09
C ASN C 84 -27.47 12.30 2.71
N GLN C 85 -26.61 12.92 1.91
CA GLN C 85 -25.28 13.29 2.38
C GLN C 85 -25.37 14.33 3.48
N MET C 86 -26.26 15.32 3.31
CA MET C 86 -26.44 16.31 4.37
C MET C 86 -27.01 15.68 5.62
N VAL C 87 -28.05 14.84 5.47
CA VAL C 87 -28.68 14.23 6.65
C VAL C 87 -27.68 13.35 7.39
N VAL C 88 -26.95 12.52 6.64
CA VAL C 88 -25.99 11.60 7.25
C VAL C 88 -24.86 12.37 7.91
N ALA C 89 -24.41 13.46 7.29
CA ALA C 89 -23.36 14.26 7.91
C ALA C 89 -23.83 14.83 9.24
N PHE C 90 -25.06 15.35 9.28
CA PHE C 90 -25.63 15.83 10.53
C PHE C 90 -25.65 14.74 11.60
N LYS C 91 -26.12 13.54 11.22
CA LYS C 91 -26.18 12.43 12.15
C LYS C 91 -24.79 12.06 12.68
N GLU C 92 -23.80 12.00 11.80
CA GLU C 92 -22.47 11.55 12.19
C GLU C 92 -21.79 12.54 13.11
N GLU C 93 -21.83 13.83 12.74
CA GLU C 93 -21.31 14.87 13.62
C GLU C 93 -21.97 14.78 14.99
N ASN C 94 -23.30 14.60 15.00
CA ASN C 94 -24.02 14.51 16.27
C ASN C 94 -23.54 13.34 17.11
N THR C 95 -23.53 12.12 16.56
CA THR C 95 -23.16 10.96 17.36
C THR C 95 -21.72 11.04 17.84
N VAL C 96 -20.82 11.61 17.03
CA VAL C 96 -19.46 11.87 17.51
C VAL C 96 -19.51 12.76 18.76
N ALA C 97 -20.30 13.82 18.69
CA ALA C 97 -20.41 14.73 19.83
C ALA C 97 -20.94 13.99 21.06
N PHE C 98 -22.00 13.19 20.88
CA PHE C 98 -22.57 12.47 22.01
C PHE C 98 -21.57 11.50 22.61
N LYS C 99 -20.72 10.90 21.77
CA LYS C 99 -19.65 10.04 22.29
C LYS C 99 -18.69 10.84 23.15
N HIS C 100 -18.23 11.99 22.66
CA HIS C 100 -17.30 12.78 23.45
C HIS C 100 -17.93 13.38 24.71
N LEU C 101 -19.25 13.48 24.76
CA LEU C 101 -19.92 14.06 25.92
C LEU C 101 -20.24 13.01 26.99
N PHE C 102 -20.75 11.85 26.58
CA PHE C 102 -21.29 10.88 27.51
C PHE C 102 -20.34 9.74 27.83
N LEU C 103 -19.42 9.40 26.94
CA LEU C 103 -18.48 8.31 27.14
C LEU C 103 -17.15 8.89 27.61
N LYS C 104 -16.73 8.50 28.81
CA LYS C 104 -15.46 8.93 29.35
C LYS C 104 -14.31 8.19 28.67
N GLY C 105 -13.21 8.90 28.47
CA GLY C 105 -12.03 8.29 27.88
C GLY C 105 -12.24 7.80 26.47
N TYR C 106 -13.16 8.43 25.72
CA TYR C 106 -13.34 8.08 24.32
C TYR C 106 -12.24 8.69 23.47
N ILE C 107 -11.78 7.90 22.52
CA ILE C 107 -10.72 8.31 21.60
C ILE C 107 -11.26 8.15 20.20
N ASP C 108 -10.83 9.06 19.32
CA ASP C 108 -11.22 9.00 17.92
C ASP C 108 -10.75 7.69 17.31
N ARG C 109 -11.68 6.81 16.97
CA ARG C 109 -11.29 5.55 16.35
C ARG C 109 -10.80 4.39 17.23
N MET C 110 -11.14 4.30 18.52
CA MET C 110 -10.71 3.11 19.25
C MET C 110 -11.62 1.96 18.78
N ASP C 111 -11.70 1.82 17.45
CA ASP C 111 -12.69 0.97 16.78
C ASP C 111 -14.11 1.45 17.03
N ASP C 112 -14.27 2.69 17.52
CA ASP C 112 -15.55 3.22 17.98
C ASP C 112 -16.19 2.36 19.07
N THR C 113 -15.41 1.44 19.63
CA THR C 113 -15.88 0.56 20.70
C THR C 113 -14.81 0.23 21.74
N TYR C 114 -14.46 1.17 22.61
CA TYR C 114 -13.44 0.93 23.64
C TYR C 114 -13.93 -0.01 24.75
N ALA C 115 -13.00 -0.61 25.47
CA ALA C 115 -13.33 -1.55 26.53
C ALA C 115 -12.80 -1.14 27.92
N VAL C 116 -13.42 -1.68 28.96
CA VAL C 116 -13.06 -1.37 30.34
C VAL C 116 -12.82 -2.69 31.06
N TYR C 117 -11.83 -2.69 31.96
CA TYR C 117 -11.33 -3.91 32.57
C TYR C 117 -11.42 -3.89 34.10
N THR C 118 -12.19 -2.97 34.67
CA THR C 118 -12.20 -2.74 36.10
C THR C 118 -13.58 -2.31 36.54
N GLN C 119 -14.00 -2.77 37.71
CA GLN C 119 -15.33 -2.43 38.24
C GLN C 119 -15.46 -0.92 38.45
N SER C 120 -14.51 -0.34 39.18
CA SER C 120 -14.56 1.08 39.52
C SER C 120 -14.63 1.95 38.28
N ASP C 121 -14.04 1.50 37.17
CA ASP C 121 -14.13 2.25 35.93
C ASP C 121 -15.53 2.15 35.34
N VAL C 122 -16.17 0.99 35.45
CA VAL C 122 -17.56 0.87 35.01
C VAL C 122 -18.44 1.84 35.78
N TYR C 123 -18.28 1.87 37.10
CA TYR C 123 -19.05 2.80 37.92
C TYR C 123 -18.76 4.24 37.54
N ASP C 124 -17.48 4.58 37.37
CA ASP C 124 -17.11 5.94 37.03
C ASP C 124 -17.67 6.37 35.70
N GLN C 125 -17.79 5.44 34.74
CA GLN C 125 -18.25 5.79 33.41
C GLN C 125 -19.77 5.89 33.35
N ILE C 126 -20.47 5.02 34.07
CA ILE C 126 -21.92 5.20 34.22
C ILE C 126 -22.21 6.53 34.87
N ILE C 127 -21.53 6.83 35.97
CA ILE C 127 -21.72 8.10 36.68
C ILE C 127 -21.40 9.27 35.76
N PHE C 128 -20.38 9.13 34.92
CA PHE C 128 -20.05 10.18 33.98
C PHE C 128 -21.17 10.42 32.98
N ALA C 129 -21.72 9.33 32.42
CA ALA C 129 -22.79 9.48 31.45
C ALA C 129 -24.02 10.12 32.06
N VAL C 130 -24.37 9.71 33.28
CA VAL C 130 -25.54 10.27 33.95
C VAL C 130 -25.33 11.76 34.23
N ASN C 131 -24.19 12.10 34.86
CA ASN C 131 -23.98 13.50 35.24
C ASN C 131 -23.86 14.39 34.01
N GLN C 132 -23.34 13.87 32.91
CA GLN C 132 -23.31 14.62 31.68
C GLN C 132 -24.64 14.63 30.97
N TYR C 133 -25.59 13.78 31.36
CA TYR C 133 -26.95 13.89 30.86
C TYR C 133 -27.73 14.95 31.60
N LEU C 134 -27.49 15.07 32.91
CA LEU C 134 -28.25 16.00 33.72
C LEU C 134 -27.73 17.43 33.62
N GLN C 135 -26.48 17.61 33.15
CA GLN C 135 -25.90 18.92 32.93
C GLN C 135 -25.85 19.30 31.46
N LEU C 136 -26.62 18.60 30.61
CA LEU C 136 -26.50 18.76 29.16
C LEU C 136 -26.83 20.18 28.70
N TYR C 137 -27.69 20.89 29.45
CA TYR C 137 -28.01 22.27 29.08
C TYR C 137 -26.90 23.24 29.44
N GLN C 138 -26.05 22.87 30.39
CA GLN C 138 -24.98 23.76 30.88
C GLN C 138 -23.63 23.45 30.27
N VAL C 139 -23.36 22.19 29.92
CA VAL C 139 -22.03 21.79 29.46
C VAL C 139 -21.92 21.79 27.94
N SER C 140 -23.00 21.49 27.24
CA SER C 140 -22.93 21.25 25.80
C SER C 140 -23.01 22.54 25.01
N VAL C 141 -23.05 22.38 23.68
CA VAL C 141 -22.99 23.48 22.74
C VAL C 141 -24.26 23.56 21.91
N GLY C 142 -24.63 22.45 21.26
CA GLY C 142 -25.66 22.46 20.25
C GLY C 142 -27.05 22.75 20.80
N ASN C 143 -28.03 22.50 19.93
CA ASN C 143 -29.44 22.79 20.21
C ASN C 143 -30.13 21.52 20.71
N HIS C 144 -29.68 21.07 21.88
CA HIS C 144 -30.13 19.81 22.45
C HIS C 144 -31.14 20.07 23.57
N ALA C 145 -32.12 19.17 23.68
CA ALA C 145 -33.13 19.26 24.72
C ALA C 145 -33.72 17.86 24.90
N TYR C 146 -34.77 17.77 25.71
CA TYR C 146 -35.31 16.50 26.17
C TYR C 146 -36.71 16.28 25.61
N GLU C 147 -37.19 15.04 25.79
CA GLU C 147 -38.49 14.64 25.26
C GLU C 147 -39.65 15.41 25.90
N ASN C 148 -39.46 15.99 27.08
CA ASN C 148 -40.52 16.69 27.80
C ASN C 148 -41.72 15.78 28.04
N SER C 154 -39.86 12.42 29.84
CA SER C 154 -38.61 12.94 30.37
C SER C 154 -38.03 11.99 31.41
N ALA C 155 -37.16 11.09 30.97
CA ALA C 155 -36.62 10.07 31.87
C ALA C 155 -35.34 9.49 31.29
N MET C 156 -34.44 9.13 32.20
CA MET C 156 -33.16 8.50 31.88
C MET C 156 -33.22 7.05 32.37
N ALA C 157 -33.20 6.10 31.44
CA ALA C 157 -33.53 4.71 31.73
C ALA C 157 -32.26 3.88 31.93
N ILE C 158 -32.00 3.51 33.18
CA ILE C 158 -31.03 2.48 33.51
C ILE C 158 -31.72 1.14 33.35
N CYS C 159 -30.99 0.15 32.81
CA CYS C 159 -31.55 -1.18 32.58
C CYS C 159 -30.46 -2.23 32.74
N GLN C 160 -30.54 -3.01 33.82
CA GLN C 160 -29.68 -4.18 33.99
C GLN C 160 -30.30 -5.39 33.29
N HIS C 161 -29.43 -6.22 32.72
CA HIS C 161 -29.81 -7.49 32.11
C HIS C 161 -28.82 -8.55 32.55
N PHE C 162 -29.25 -9.41 33.46
CA PHE C 162 -28.40 -10.43 34.08
C PHE C 162 -29.19 -11.71 34.26
N TYR C 163 -28.47 -12.81 34.45
CA TYR C 163 -29.09 -14.13 34.54
C TYR C 163 -30.07 -14.21 35.71
N LYS C 164 -31.12 -15.00 35.53
CA LYS C 164 -32.04 -15.28 36.63
C LYS C 164 -31.32 -15.98 37.77
N ARG C 165 -30.63 -17.07 37.46
CA ARG C 165 -29.84 -17.83 38.43
C ARG C 165 -28.48 -18.11 37.82
N GLY C 166 -27.44 -17.54 38.43
CA GLY C 166 -26.07 -17.83 38.05
C GLY C 166 -25.22 -18.05 39.27
N ASN C 167 -24.63 -19.23 39.38
CA ASN C 167 -23.80 -19.60 40.53
C ASN C 167 -22.58 -20.30 39.95
N ILE C 168 -21.48 -19.56 39.79
CA ILE C 168 -20.31 -20.03 39.08
C ILE C 168 -19.16 -20.16 40.08
N TYR C 169 -18.61 -21.36 40.18
CA TYR C 169 -17.51 -21.68 41.08
C TYR C 169 -16.42 -22.33 40.24
N PRO C 170 -15.54 -21.52 39.61
CA PRO C 170 -14.45 -22.13 38.86
C PRO C 170 -13.37 -22.75 39.73
N GLY C 171 -13.19 -22.24 40.95
CA GLY C 171 -12.20 -22.83 41.85
C GLY C 171 -12.52 -24.26 42.22
N ASN C 172 -13.79 -24.66 42.14
CA ASN C 172 -14.23 -26.03 42.36
C ASN C 172 -14.64 -26.74 41.08
N ASP C 173 -14.45 -26.12 39.91
CA ASP C 173 -14.81 -26.71 38.62
C ASP C 173 -16.29 -27.06 38.57
N THR C 174 -17.14 -26.08 38.87
CA THR C 174 -18.57 -26.31 39.01
C THR C 174 -19.32 -25.03 38.70
N PHE C 175 -20.54 -25.18 38.19
CA PHE C 175 -21.40 -24.02 37.96
C PHE C 175 -22.82 -24.49 37.69
N ASP C 176 -23.77 -23.65 38.10
CA ASP C 176 -25.19 -23.87 37.87
C ASP C 176 -25.77 -22.61 37.26
N ILE C 177 -26.52 -22.76 36.16
CA ILE C 177 -26.97 -21.65 35.33
C ILE C 177 -28.46 -21.81 35.05
N ASP C 178 -29.15 -20.67 34.95
CA ASP C 178 -30.46 -20.59 34.30
C ASP C 178 -30.30 -19.64 33.12
N PRO C 179 -30.12 -20.13 31.88
CA PRO C 179 -29.87 -19.22 30.75
C PRO C 179 -31.00 -18.24 30.47
N GLU C 180 -32.19 -18.45 31.02
CA GLU C 180 -33.24 -17.45 30.96
C GLU C 180 -32.75 -16.14 31.59
N ILE C 181 -33.27 -15.03 31.08
CA ILE C 181 -32.73 -13.71 31.37
C ILE C 181 -33.64 -13.00 32.37
N GLU C 182 -33.03 -12.36 33.35
CA GLU C 182 -33.69 -11.45 34.27
C GLU C 182 -33.30 -10.02 33.94
N THR C 183 -34.23 -9.10 34.21
CA THR C 183 -34.07 -7.69 33.89
C THR C 183 -34.42 -6.85 35.10
N ASP C 184 -33.69 -5.76 35.28
CA ASP C 184 -34.03 -4.72 36.24
C ASP C 184 -33.96 -3.38 35.53
N CYS C 185 -34.60 -2.37 36.11
CA CYS C 185 -34.65 -1.06 35.47
C CYS C 185 -34.74 0.03 36.53
N PHE C 186 -34.58 1.27 36.09
CA PHE C 186 -34.72 2.45 36.94
C PHE C 186 -34.80 3.66 36.02
N PHE C 187 -35.44 4.73 36.51
CA PHE C 187 -35.63 5.94 35.74
C PHE C 187 -35.23 7.13 36.59
N VAL C 188 -34.29 7.93 36.07
CA VAL C 188 -33.90 9.19 36.70
C VAL C 188 -34.64 10.31 35.97
N GLU C 189 -35.46 11.04 36.71
CA GLU C 189 -36.11 12.22 36.14
C GLU C 189 -35.05 13.28 35.87
N PRO C 190 -35.02 13.91 34.69
CA PRO C 190 -33.95 14.90 34.43
C PRO C 190 -33.99 16.12 35.33
N ASP C 191 -35.11 16.39 35.99
CA ASP C 191 -35.25 17.57 36.86
C ASP C 191 -34.87 17.27 38.31
N GLU C 192 -33.97 16.31 38.54
CA GLU C 192 -33.55 15.92 39.88
C GLU C 192 -32.07 16.21 40.10
N PRO C 193 -31.69 17.48 40.29
CA PRO C 193 -30.29 17.80 40.57
C PRO C 193 -29.85 17.52 42.00
N PHE C 194 -30.69 16.90 42.82
CA PHE C 194 -30.30 16.59 44.20
C PHE C 194 -29.12 15.63 44.22
N HIS C 195 -29.26 14.49 43.54
CA HIS C 195 -28.20 13.51 43.42
C HIS C 195 -27.35 13.84 42.19
N ILE C 196 -26.04 13.84 42.37
CA ILE C 196 -25.13 14.22 41.29
C ILE C 196 -23.73 13.75 41.65
N GLU C 201 -18.32 8.25 46.49
CA GLU C 201 -19.57 8.48 47.21
C GLU C 201 -20.76 8.32 46.27
N ASN C 202 -21.19 7.08 46.08
CA ASN C 202 -22.32 6.80 45.21
C ASN C 202 -23.59 7.40 45.77
N LYS C 203 -24.44 7.90 44.87
CA LYS C 203 -25.72 8.50 45.23
C LYS C 203 -26.88 7.63 44.78
N LEU C 204 -26.95 7.32 43.49
CA LEU C 204 -27.95 6.40 42.99
C LEU C 204 -27.67 4.99 43.48
N ASN C 205 -28.70 4.14 43.42
CA ASN C 205 -28.69 2.85 44.11
C ASN C 205 -28.18 1.72 43.22
N LEU C 206 -27.28 2.02 42.27
CA LEU C 206 -26.76 1.01 41.37
C LEU C 206 -25.78 0.11 42.10
N THR C 207 -26.03 -1.19 42.05
CA THR C 207 -25.11 -2.18 42.59
C THR C 207 -25.11 -3.37 41.64
N LEU C 208 -23.94 -3.99 41.46
CA LEU C 208 -23.74 -5.04 40.49
C LEU C 208 -23.16 -6.28 41.16
N ASP C 209 -23.20 -7.38 40.42
CA ASP C 209 -22.60 -8.65 40.83
C ASP C 209 -21.33 -8.96 40.06
N PHE C 210 -21.37 -8.83 38.74
CA PHE C 210 -20.31 -9.08 37.77
C PHE C 210 -20.05 -10.57 37.54
N HIS C 211 -20.70 -11.47 38.29
CA HIS C 211 -20.65 -12.90 38.01
C HIS C 211 -21.81 -13.32 37.13
N ARG C 212 -23.02 -12.88 37.48
CA ARG C 212 -24.18 -12.96 36.59
C ARG C 212 -24.44 -11.56 36.05
N LEU C 213 -24.17 -11.38 34.77
CA LEU C 213 -24.46 -10.13 34.09
C LEU C 213 -24.25 -10.34 32.60
N LEU C 214 -25.14 -9.75 31.79
CA LEU C 214 -25.05 -9.79 30.35
C LEU C 214 -24.86 -8.41 29.74
N THR C 215 -25.64 -7.42 30.20
CA THR C 215 -25.43 -6.08 29.67
C THR C 215 -26.17 -5.06 30.52
N VAL C 216 -25.58 -3.87 30.61
CA VAL C 216 -26.25 -2.69 31.15
C VAL C 216 -26.55 -1.78 29.98
N GLU C 217 -27.74 -1.18 29.98
CA GLU C 217 -28.19 -0.30 28.92
C GLU C 217 -28.68 1.01 29.54
N LEU C 218 -28.12 2.11 29.05
CA LEU C 218 -28.57 3.45 29.41
C LEU C 218 -29.29 4.02 28.20
N GLN C 219 -30.62 4.02 28.24
CA GLN C 219 -31.46 4.45 27.13
C GLN C 219 -32.10 5.79 27.47
N PHE C 220 -32.09 6.69 26.49
CA PHE C 220 -32.76 7.98 26.64
C PHE C 220 -32.98 8.55 25.24
N LYS C 221 -33.56 9.76 25.20
CA LYS C 221 -33.95 10.39 23.94
C LYS C 221 -33.67 11.88 24.02
N LEU C 222 -33.32 12.44 22.87
CA LEU C 222 -33.00 13.86 22.75
C LEU C 222 -33.56 14.36 21.42
N LYS C 223 -33.71 15.69 21.34
CA LYS C 223 -34.26 16.35 20.16
C LYS C 223 -33.32 17.46 19.73
N ALA C 224 -33.20 17.64 18.42
CA ALA C 224 -32.33 18.67 17.86
C ALA C 224 -32.92 19.16 16.55
N ILE C 225 -32.26 20.17 15.97
CA ILE C 225 -32.68 20.77 14.71
C ILE C 225 -31.42 20.98 13.87
N ASN C 226 -31.54 20.72 12.56
CA ASN C 226 -30.50 21.05 11.61
C ASN C 226 -30.84 22.37 10.95
N LEU C 227 -29.84 23.25 10.82
CA LEU C 227 -30.04 24.60 10.34
C LEU C 227 -29.54 24.81 8.92
N GLN C 228 -28.74 23.88 8.39
CA GLN C 228 -28.44 23.88 6.97
C GLN C 228 -29.68 23.54 6.14
N THR C 229 -30.69 22.92 6.76
CA THR C 229 -31.87 22.48 6.04
C THR C 229 -32.97 23.52 5.99
N VAL C 230 -32.91 24.58 6.81
CA VAL C 230 -33.89 25.65 6.68
C VAL C 230 -33.75 26.32 5.32
N ARG C 231 -32.55 26.31 4.74
CA ARG C 231 -32.33 26.84 3.40
C ARG C 231 -32.96 25.97 2.31
N HIS C 232 -33.40 24.75 2.65
CA HIS C 232 -34.01 23.83 1.69
C HIS C 232 -35.30 23.30 2.30
N GLN C 233 -36.44 23.82 1.83
CA GLN C 233 -37.74 23.41 2.37
C GLN C 233 -38.03 21.93 2.17
N GLU C 234 -37.36 21.28 1.22
CA GLU C 234 -37.64 19.88 0.91
C GLU C 234 -37.31 18.94 2.05
N LEU C 235 -36.45 19.35 3.00
CA LEU C 235 -36.00 18.49 4.08
C LEU C 235 -36.72 18.83 5.39
N PRO C 236 -37.17 17.86 6.20
CA PRO C 236 -37.63 18.20 7.54
C PRO C 236 -36.49 18.69 8.40
N ASP C 237 -36.80 19.67 9.25
CA ASP C 237 -35.77 20.39 10.00
C ASP C 237 -35.41 19.69 11.30
N CYS C 238 -36.41 19.29 12.08
CA CYS C 238 -36.14 18.69 13.37
C CYS C 238 -35.70 17.24 13.20
N TYR C 239 -35.02 16.73 14.23
CA TYR C 239 -34.50 15.39 14.25
C TYR C 239 -34.57 14.84 15.66
N ASP C 240 -35.01 13.59 15.77
CA ASP C 240 -35.11 12.88 17.04
C ASP C 240 -33.97 11.89 17.12
N PHE C 241 -33.32 11.84 18.27
CA PHE C 241 -32.23 10.91 18.56
C PHE C 241 -32.63 10.02 19.72
N THR C 242 -32.53 8.71 19.54
CA THR C 242 -32.80 7.73 20.61
C THR C 242 -31.50 7.01 20.91
N LEU C 243 -30.86 7.42 22.01
CA LEU C 243 -29.52 6.98 22.36
C LEU C 243 -29.57 5.81 23.34
N THR C 244 -28.68 4.84 23.12
CA THR C 244 -28.45 3.74 24.03
C THR C 244 -26.96 3.54 24.20
N ILE C 245 -26.52 3.50 25.45
CA ILE C 245 -25.15 3.13 25.81
C ILE C 245 -25.17 1.70 26.30
N THR C 246 -24.42 0.84 25.64
CA THR C 246 -24.35 -0.59 25.93
C THR C 246 -23.02 -0.88 26.61
N PHE C 247 -23.08 -1.26 27.90
CA PHE C 247 -21.99 -1.91 28.59
C PHE C 247 -22.20 -3.41 28.46
N ASP C 248 -21.47 -4.04 27.55
CA ASP C 248 -21.66 -5.45 27.21
C ASP C 248 -20.64 -6.30 27.94
N ASN C 249 -21.11 -7.13 28.86
CA ASN C 249 -20.31 -8.15 29.52
C ASN C 249 -20.51 -9.53 28.91
N LYS C 250 -21.17 -9.63 27.75
CA LYS C 250 -21.25 -10.90 27.07
C LYS C 250 -19.86 -11.35 26.64
N ALA C 251 -19.72 -12.66 26.41
CA ALA C 251 -18.43 -13.26 26.15
C ALA C 251 -17.46 -12.98 27.30
N HIS C 252 -17.74 -13.59 28.45
CA HIS C 252 -17.05 -13.27 29.69
C HIS C 252 -15.55 -13.52 29.56
N SER C 253 -14.78 -12.43 29.56
CA SER C 253 -13.34 -12.49 29.38
C SER C 253 -12.63 -11.41 30.19
N GLY C 254 -13.28 -10.86 31.22
CA GLY C 254 -12.73 -9.72 31.91
C GLY C 254 -12.63 -8.47 31.07
N ARG C 255 -13.44 -8.38 30.02
CA ARG C 255 -13.37 -7.26 29.08
C ARG C 255 -14.80 -6.87 28.71
N ILE C 256 -15.25 -5.73 29.23
CA ILE C 256 -16.59 -5.22 28.97
C ILE C 256 -16.51 -4.29 27.78
N LYS C 257 -17.13 -4.68 26.67
CA LYS C 257 -17.27 -3.77 25.54
C LYS C 257 -18.16 -2.59 25.92
N ILE C 258 -17.91 -1.44 25.31
CA ILE C 258 -18.71 -0.24 25.53
C ILE C 258 -19.00 0.39 24.18
N SER C 259 -20.29 0.60 23.89
CA SER C 259 -20.67 1.22 22.63
C SER C 259 -21.83 2.19 22.85
N LEU C 260 -21.90 3.19 21.97
CA LEU C 260 -23.03 4.09 21.87
C LEU C 260 -23.72 3.89 20.52
N ASP C 261 -25.04 3.91 20.54
CA ASP C 261 -25.82 3.79 19.31
C ASP C 261 -27.01 4.73 19.42
N ASN C 262 -27.23 5.55 18.38
CA ASN C 262 -28.40 6.41 18.29
C ASN C 262 -29.25 6.00 17.11
N ASP C 263 -30.47 5.54 17.38
CA ASP C 263 -31.47 5.30 16.35
C ASP C 263 -32.37 6.53 16.29
N ILE C 264 -32.47 7.12 15.11
CA ILE C 264 -33.06 8.44 14.95
C ILE C 264 -34.43 8.33 14.30
N SER C 265 -35.16 9.46 14.31
CA SER C 265 -36.46 9.56 13.65
C SER C 265 -36.61 10.98 13.13
N ILE C 266 -36.79 11.12 11.82
CA ILE C 266 -37.04 12.41 11.22
C ILE C 266 -38.45 12.87 11.58
N ARG C 267 -38.63 14.18 11.70
CA ARG C 267 -39.93 14.76 12.03
C ARG C 267 -40.08 16.09 11.29
N GLU C 268 -41.31 16.36 10.87
CA GLU C 268 -41.65 17.64 10.26
C GLU C 268 -42.11 18.60 11.36
N CYS C 269 -41.47 19.76 11.44
CA CYS C 269 -41.89 20.76 12.41
C CYS C 269 -43.29 21.26 12.08
N LYS C 270 -44.01 21.69 13.12
CA LYS C 270 -45.35 22.19 12.96
C LYS C 270 -45.35 23.44 12.10
N ASP C 271 -44.34 24.29 12.31
CA ASP C 271 -44.21 25.53 11.57
C ASP C 271 -42.80 26.06 11.76
N TRP C 272 -42.40 27.01 10.93
CA TRP C 272 -41.11 27.65 11.15
C TRP C 272 -41.05 28.96 10.38
N HIS C 273 -40.54 29.99 11.02
CA HIS C 273 -40.53 31.34 10.49
C HIS C 273 -39.13 31.74 10.04
N VAL C 274 -39.09 32.74 9.16
CA VAL C 274 -37.84 33.36 8.75
C VAL C 274 -38.12 34.85 8.55
N SER C 275 -37.53 35.69 9.41
CA SER C 275 -37.65 37.14 9.31
C SER C 275 -39.11 37.59 9.34
N GLY C 276 -39.94 36.86 10.07
CA GLY C 276 -41.35 37.16 10.19
C GLY C 276 -42.24 36.43 9.20
N SER C 277 -41.67 35.80 8.18
CA SER C 277 -42.45 35.10 7.17
C SER C 277 -42.68 33.66 7.60
N ILE C 278 -43.95 33.24 7.60
CA ILE C 278 -44.31 31.88 7.95
C ILE C 278 -43.89 30.94 6.85
N GLN C 279 -43.36 29.77 7.23
CA GLN C 279 -42.89 28.78 6.28
C GLN C 279 -43.15 27.38 6.82
N LYS C 280 -43.59 26.51 5.90
CA LYS C 280 -43.70 25.08 6.14
C LYS C 280 -43.01 24.35 4.99
N ASN C 281 -42.73 23.07 5.20
CA ASN C 281 -41.97 22.32 4.22
C ASN C 281 -42.78 22.07 2.95
N THR C 282 -42.11 22.20 1.81
CA THR C 282 -42.72 22.07 0.49
C THR C 282 -42.10 20.87 -0.21
N HIS C 283 -42.89 20.21 -1.06
CA HIS C 283 -42.44 19.08 -1.85
C HIS C 283 -42.64 19.37 -3.33
N ASN C 284 -41.55 19.25 -4.10
CA ASN C 284 -41.60 19.23 -5.55
C ASN C 284 -40.88 18.03 -6.14
N MET C 285 -40.02 17.37 -5.36
CA MET C 285 -39.34 16.16 -5.81
C MET C 285 -40.31 15.04 -6.15
N MET C 286 -41.50 15.06 -5.54
CA MET C 286 -42.51 14.03 -5.80
C MET C 286 -42.89 13.98 -7.27
N ILE C 287 -43.16 15.14 -7.86
CA ILE C 287 -43.53 15.21 -9.27
C ILE C 287 -42.38 14.71 -10.13
N PHE C 288 -41.15 15.07 -9.75
CA PHE C 288 -39.97 14.60 -10.48
C PHE C 288 -39.93 13.09 -10.51
N ASP C 289 -40.04 12.44 -9.34
CA ASP C 289 -40.03 10.97 -9.29
C ASP C 289 -41.16 10.38 -10.11
N ALA C 290 -42.34 11.01 -10.08
CA ALA C 290 -43.45 10.52 -10.88
C ALA C 290 -43.10 10.56 -12.36
N PHE C 291 -42.38 11.59 -12.79
CA PHE C 291 -41.98 11.70 -14.18
C PHE C 291 -40.89 10.68 -14.52
N VAL C 292 -40.06 10.33 -13.54
CA VAL C 292 -39.14 9.21 -13.73
C VAL C 292 -39.91 7.95 -14.03
N ILE C 293 -40.92 7.66 -13.21
CA ILE C 293 -41.71 6.45 -13.40
C ILE C 293 -42.39 6.46 -14.76
N LEU C 294 -42.84 7.63 -15.19
CA LEU C 294 -43.42 7.76 -16.52
C LEU C 294 -42.41 7.37 -17.60
N THR C 295 -41.24 8.02 -17.61
CA THR C 295 -40.24 7.78 -18.64
C THR C 295 -39.82 6.31 -18.67
N CYS C 296 -39.43 5.77 -17.52
CA CYS C 296 -38.96 4.40 -17.45
C CYS C 296 -40.06 3.41 -17.84
N LEU C 297 -41.32 3.75 -17.55
CA LEU C 297 -42.42 2.89 -17.95
C LEU C 297 -42.57 2.87 -19.47
N VAL C 298 -42.49 4.04 -20.12
CA VAL C 298 -42.59 4.08 -21.57
C VAL C 298 -41.46 3.26 -22.20
N SER C 299 -40.23 3.48 -21.71
CA SER C 299 -39.10 2.71 -22.21
C SER C 299 -39.31 1.21 -22.02
N LEU C 300 -39.87 0.82 -20.87
CA LEU C 300 -40.18 -0.59 -20.63
C LEU C 300 -41.12 -1.14 -21.69
N ILE C 301 -42.20 -0.40 -21.96
CA ILE C 301 -43.20 -0.87 -22.93
C ILE C 301 -42.56 -1.02 -24.31
N LEU C 302 -41.89 0.03 -24.79
CA LEU C 302 -41.32 -0.02 -26.14
C LEU C 302 -40.28 -1.13 -26.26
N CYS C 303 -39.46 -1.31 -25.23
CA CYS C 303 -38.44 -2.34 -25.29
C CYS C 303 -39.06 -3.73 -25.35
N ILE C 304 -40.09 -3.97 -24.55
CA ILE C 304 -40.77 -5.27 -24.62
C ILE C 304 -41.37 -5.47 -26.00
N ARG C 305 -41.91 -4.41 -26.59
CA ARG C 305 -42.45 -4.52 -27.95
C ARG C 305 -41.35 -4.91 -28.93
N SER C 306 -40.15 -4.35 -28.77
CA SER C 306 -39.07 -4.66 -29.71
C SER C 306 -38.56 -6.09 -29.50
N VAL C 307 -38.56 -6.57 -28.25
CA VAL C 307 -38.16 -7.96 -28.01
C VAL C 307 -39.16 -8.91 -28.65
N ILE C 308 -40.45 -8.68 -28.42
CA ILE C 308 -41.47 -9.58 -28.95
C ILE C 308 -41.47 -9.53 -30.47
N SER C 309 -41.27 -8.34 -31.04
CA SER C 309 -41.13 -8.23 -32.48
C SER C 309 -39.92 -9.01 -32.98
N GLY C 310 -38.83 -8.98 -32.22
CA GLY C 310 -37.66 -9.74 -32.60
C GLY C 310 -37.91 -11.24 -32.57
N LEU C 311 -38.74 -11.70 -31.63
CA LEU C 311 -39.05 -13.12 -31.54
C LEU C 311 -39.97 -13.55 -32.68
N GLN C 312 -40.97 -12.72 -33.01
CA GLN C 312 -41.86 -13.06 -34.11
C GLN C 312 -41.09 -13.06 -35.43
N LEU C 313 -40.23 -12.08 -35.65
CA LEU C 313 -39.38 -12.07 -36.84
C LEU C 313 -38.43 -13.26 -36.84
N GLN C 314 -37.99 -13.67 -35.65
CA GLN C 314 -37.12 -14.83 -35.53
C GLN C 314 -37.81 -16.09 -36.01
N GLN C 315 -38.96 -16.43 -35.42
CA GLN C 315 -39.68 -17.63 -35.84
C GLN C 315 -40.13 -17.54 -37.29
N GLU C 316 -40.42 -16.32 -37.76
CA GLU C 316 -40.69 -16.12 -39.18
C GLU C 316 -39.49 -16.55 -40.02
N PHE C 317 -38.29 -16.19 -39.59
CA PHE C 317 -37.09 -16.57 -40.32
C PHE C 317 -36.88 -18.08 -40.29
N VAL C 318 -37.02 -18.65 -39.09
CA VAL C 318 -36.91 -20.06 -38.95
C VAL C 318 -37.85 -20.76 -39.90
N ASN C 319 -39.21 -20.58 -39.80
CA ASN C 319 -40.22 -21.29 -40.57
C ASN C 319 -40.04 -21.04 -42.06
N PHE C 320 -39.70 -19.82 -42.44
CA PHE C 320 -39.45 -19.50 -43.84
C PHE C 320 -38.22 -20.22 -44.40
N PHE C 321 -37.14 -20.26 -43.62
CA PHE C 321 -35.90 -20.89 -44.05
C PHE C 321 -36.05 -22.41 -44.15
N LEU C 322 -36.74 -23.01 -43.18
CA LEU C 322 -37.05 -24.43 -43.24
C LEU C 322 -37.92 -24.75 -44.45
N LEU C 323 -39.02 -23.99 -44.61
CA LEU C 323 -40.00 -24.31 -45.64
C LEU C 323 -39.38 -24.28 -47.02
N HIS C 324 -38.64 -23.21 -47.32
CA HIS C 324 -38.05 -22.99 -48.66
C HIS C 324 -36.98 -23.94 -49.18
N TYR C 325 -36.00 -24.26 -48.33
CA TYR C 325 -34.91 -25.18 -48.69
C TYR C 325 -34.64 -26.40 -47.77
N LYS C 326 -35.56 -26.79 -46.91
CA LYS C 326 -35.34 -27.89 -45.97
C LYS C 326 -34.02 -27.76 -45.15
N LYS C 327 -33.64 -26.55 -44.75
CA LYS C 327 -32.44 -26.34 -43.95
C LYS C 327 -32.88 -25.40 -42.84
N ASP C 328 -32.81 -25.78 -41.52
CA ASP C 328 -33.07 -24.90 -40.37
C ASP C 328 -32.51 -25.36 -39.00
N VAL C 329 -31.43 -26.14 -38.93
CA VAL C 329 -30.88 -26.54 -37.65
C VAL C 329 -29.83 -25.50 -37.25
N SER C 330 -30.28 -24.30 -36.92
CA SER C 330 -29.36 -23.24 -36.56
C SER C 330 -29.82 -22.65 -35.23
N VAL C 331 -28.91 -22.55 -34.28
CA VAL C 331 -29.21 -21.95 -32.98
C VAL C 331 -28.59 -20.57 -32.69
N SER C 332 -27.34 -20.25 -33.17
CA SER C 332 -26.60 -19.00 -33.00
C SER C 332 -27.30 -17.80 -33.62
N ASP C 333 -27.82 -18.00 -34.83
CA ASP C 333 -28.63 -17.01 -35.49
C ASP C 333 -29.90 -16.73 -34.64
N GLN C 334 -30.48 -17.77 -34.07
CA GLN C 334 -31.67 -17.56 -33.24
C GLN C 334 -31.30 -16.61 -32.09
N MET C 335 -30.14 -16.80 -31.44
CA MET C 335 -29.68 -15.87 -30.42
C MET C 335 -29.40 -14.48 -30.99
N GLU C 336 -28.83 -14.43 -32.20
CA GLU C 336 -28.51 -13.14 -32.81
C GLU C 336 -29.74 -12.26 -32.97
N PHE C 337 -30.94 -12.85 -33.07
CA PHE C 337 -32.15 -12.04 -33.09
C PHE C 337 -32.50 -11.48 -31.72
N VAL C 338 -32.06 -12.12 -30.65
CA VAL C 338 -32.26 -11.63 -29.29
C VAL C 338 -31.16 -10.61 -29.00
N ASN C 339 -31.52 -9.54 -28.29
CA ASN C 339 -30.61 -8.44 -27.99
C ASN C 339 -30.64 -8.20 -26.48
N GLY C 340 -29.54 -8.55 -25.80
CA GLY C 340 -29.50 -8.46 -24.35
C GLY C 340 -29.53 -7.06 -23.80
N TRP C 341 -29.19 -6.06 -24.61
CA TRP C 341 -29.18 -4.68 -24.12
C TRP C 341 -30.57 -4.24 -23.72
N TYR C 342 -31.57 -4.61 -24.52
CA TYR C 342 -32.95 -4.25 -24.22
C TYR C 342 -33.33 -4.88 -22.90
N ILE C 343 -32.88 -6.11 -22.69
CA ILE C 343 -33.16 -6.81 -21.43
C ILE C 343 -32.55 -6.04 -20.26
N MET C 344 -31.37 -5.50 -20.50
CA MET C 344 -30.68 -4.72 -19.49
C MET C 344 -31.55 -3.51 -19.17
N ILE C 345 -32.19 -2.93 -20.18
CA ILE C 345 -33.04 -1.77 -19.98
C ILE C 345 -34.33 -2.17 -19.27
N ILE C 346 -34.81 -3.40 -19.47
CA ILE C 346 -36.00 -3.87 -18.77
C ILE C 346 -35.73 -3.98 -17.28
N ILE C 347 -34.65 -4.68 -16.92
CA ILE C 347 -34.28 -4.81 -15.52
C ILE C 347 -34.03 -3.42 -14.93
N SER C 348 -33.38 -2.55 -15.69
CA SER C 348 -33.13 -1.18 -15.23
C SER C 348 -34.43 -0.46 -14.92
N ASP C 349 -35.39 -0.52 -15.85
CA ASP C 349 -36.65 0.20 -15.65
C ASP C 349 -37.41 -0.32 -14.45
N ILE C 350 -37.44 -1.65 -14.28
CA ILE C 350 -38.12 -2.23 -13.13
C ILE C 350 -37.49 -1.70 -11.83
N LEU C 351 -36.16 -1.73 -11.76
CA LEU C 351 -35.49 -1.30 -10.53
C LEU C 351 -35.68 0.19 -10.28
N THR C 352 -35.69 1.02 -11.33
CA THR C 352 -35.95 2.44 -11.14
C THR C 352 -37.36 2.69 -10.64
N ILE C 353 -38.33 1.95 -11.16
CA ILE C 353 -39.72 2.15 -10.75
C ILE C 353 -39.89 1.74 -9.29
N ILE C 354 -39.36 0.59 -8.91
CA ILE C 354 -39.51 0.13 -7.53
C ILE C 354 -38.82 1.09 -6.57
N GLY C 355 -37.55 1.41 -6.86
CA GLY C 355 -36.81 2.34 -6.02
C GLY C 355 -37.47 3.70 -5.92
N SER C 356 -38.13 4.13 -6.99
CA SER C 356 -38.80 5.43 -6.97
C SER C 356 -40.08 5.38 -6.14
N ILE C 357 -40.80 4.26 -6.20
CA ILE C 357 -41.99 4.12 -5.37
C ILE C 357 -41.61 4.13 -3.90
N LEU C 358 -40.59 3.37 -3.53
CA LEU C 358 -40.13 3.37 -2.15
C LEU C 358 -39.62 4.74 -1.74
N LYS C 359 -38.95 5.43 -2.67
CA LYS C 359 -38.48 6.78 -2.41
C LYS C 359 -39.63 7.72 -2.09
N MET C 360 -40.67 7.72 -2.92
CA MET C 360 -41.85 8.53 -2.66
C MET C 360 -42.48 8.16 -1.33
N GLU C 361 -42.45 6.87 -0.99
CA GLU C 361 -43.01 6.42 0.28
C GLU C 361 -42.25 7.01 1.45
N ILE C 362 -40.92 7.07 1.36
CA ILE C 362 -40.14 7.56 2.48
C ILE C 362 -40.26 9.07 2.58
N GLN C 363 -40.22 9.77 1.44
CA GLN C 363 -40.41 11.22 1.48
C GLN C 363 -41.80 11.61 1.94
N ALA C 364 -42.78 10.72 1.79
CA ALA C 364 -44.12 11.00 2.28
C ALA C 364 -44.24 10.72 3.77
N LYS C 365 -43.85 9.52 4.20
CA LYS C 365 -43.89 9.17 5.61
C LYS C 365 -42.76 9.78 6.42
N SER C 366 -41.73 10.33 5.76
CA SER C 366 -40.63 11.00 6.44
C SER C 366 -39.84 10.02 7.32
N LEU C 367 -39.54 8.85 6.75
CA LEU C 367 -38.66 7.89 7.39
C LEU C 367 -37.21 8.19 7.01
N THR C 368 -36.29 7.48 7.68
CA THR C 368 -34.86 7.72 7.55
C THR C 368 -34.08 6.48 7.14
N SER C 369 -34.75 5.42 6.69
CA SER C 369 -34.11 4.16 6.32
C SER C 369 -33.97 4.11 4.81
N TYR C 370 -32.79 4.51 4.32
CA TYR C 370 -32.49 4.58 2.89
C TYR C 370 -31.42 3.53 2.60
N ASP C 371 -31.85 2.30 2.32
CA ASP C 371 -30.96 1.18 2.05
C ASP C 371 -31.34 0.38 0.84
N VAL C 372 -32.64 0.13 0.62
CA VAL C 372 -33.09 -0.66 -0.52
C VAL C 372 -33.21 0.22 -1.76
N CYS C 373 -33.82 1.39 -1.63
CA CYS C 373 -33.94 2.31 -2.74
C CYS C 373 -32.57 2.71 -3.28
N SER C 374 -31.61 2.93 -2.38
CA SER C 374 -30.26 3.29 -2.79
C SER C 374 -29.65 2.22 -3.68
N ILE C 375 -29.90 0.95 -3.34
CA ILE C 375 -29.29 -0.16 -4.06
C ILE C 375 -29.98 -0.38 -5.39
N LEU C 376 -31.32 -0.35 -5.40
CA LEU C 376 -32.07 -0.50 -6.64
C LEU C 376 -31.68 0.60 -7.63
N LEU C 377 -31.64 1.84 -7.15
CA LEU C 377 -31.31 2.96 -8.03
C LEU C 377 -29.85 2.90 -8.47
N GLY C 378 -28.96 2.48 -7.59
CA GLY C 378 -27.55 2.35 -7.93
C GLY C 378 -27.30 1.35 -9.04
N THR C 379 -27.77 0.12 -8.82
CA THR C 379 -27.65 -0.91 -9.86
C THR C 379 -28.31 -0.46 -11.15
N SER C 380 -29.47 0.20 -11.03
CA SER C 380 -30.16 0.73 -12.21
C SER C 380 -29.25 1.65 -13.00
N THR C 381 -28.73 2.70 -12.35
CA THR C 381 -27.84 3.64 -13.03
C THR C 381 -26.67 2.94 -13.70
N MET C 382 -25.99 2.06 -12.97
CA MET C 382 -24.91 1.26 -13.56
C MET C 382 -25.34 0.64 -14.89
N LEU C 383 -26.50 -0.01 -14.89
CA LEU C 383 -26.99 -0.64 -16.11
C LEU C 383 -27.32 0.39 -17.18
N VAL C 384 -27.74 1.59 -16.77
CA VAL C 384 -28.08 2.65 -17.72
C VAL C 384 -26.83 3.12 -18.47
N TRP C 385 -25.76 3.42 -17.73
CA TRP C 385 -24.52 3.85 -18.37
C TRP C 385 -23.98 2.76 -19.30
N LEU C 386 -24.07 1.50 -18.87
CA LEU C 386 -23.82 0.42 -19.82
C LEU C 386 -24.70 0.56 -21.06
N GLY C 387 -25.94 1.02 -20.88
CA GLY C 387 -26.76 1.37 -22.03
C GLY C 387 -26.10 2.38 -22.94
N VAL C 388 -25.41 3.36 -22.36
CA VAL C 388 -24.67 4.27 -23.22
C VAL C 388 -23.58 3.50 -23.98
N ILE C 389 -23.04 2.45 -23.37
CA ILE C 389 -22.11 1.63 -24.13
C ILE C 389 -22.81 0.89 -25.26
N ARG C 390 -24.14 0.80 -25.18
CA ARG C 390 -24.90 0.35 -26.32
C ARG C 390 -24.75 1.46 -27.37
N TYR C 391 -24.82 2.71 -26.90
CA TYR C 391 -24.73 3.91 -27.74
C TYR C 391 -23.29 4.34 -28.01
N LEU C 392 -22.33 3.43 -27.92
CA LEU C 392 -21.01 3.62 -28.50
C LEU C 392 -20.62 2.54 -29.50
N GLY C 393 -21.35 1.43 -29.56
CA GLY C 393 -21.04 0.38 -30.52
C GLY C 393 -21.49 0.66 -31.93
N PHE C 394 -22.00 1.86 -32.22
CA PHE C 394 -22.37 2.25 -33.56
C PHE C 394 -21.19 2.77 -34.37
N PHE C 395 -19.98 2.59 -33.82
CA PHE C 395 -18.70 2.97 -34.44
C PHE C 395 -17.93 1.65 -34.55
N ALA C 396 -17.20 1.43 -35.64
CA ALA C 396 -16.59 0.11 -35.82
C ALA C 396 -15.39 -0.13 -34.90
N LYS C 397 -14.75 0.93 -34.41
CA LYS C 397 -13.57 0.75 -33.56
C LYS C 397 -13.99 0.50 -32.11
N TYR C 398 -14.87 1.35 -31.58
CA TYR C 398 -15.57 1.02 -30.35
C TYR C 398 -16.17 -0.38 -30.45
N ASN C 399 -16.80 -0.68 -31.58
CA ASN C 399 -17.39 -2.00 -31.80
C ASN C 399 -16.34 -3.10 -31.66
N LEU C 400 -15.14 -2.87 -32.21
CA LEU C 400 -14.05 -3.82 -32.02
C LEU C 400 -13.76 -4.04 -30.55
N LEU C 401 -13.75 -2.98 -29.76
CA LEU C 401 -13.34 -3.13 -28.37
C LEU C 401 -14.42 -3.80 -27.52
N ILE C 402 -15.66 -3.34 -27.60
CA ILE C 402 -16.75 -3.98 -26.86
C ILE C 402 -16.91 -5.43 -27.29
N LEU C 403 -16.77 -5.73 -28.58
CA LEU C 403 -16.87 -7.11 -29.02
C LEU C 403 -15.70 -7.93 -28.47
N THR C 404 -14.52 -7.33 -28.35
CA THR C 404 -13.41 -8.02 -27.72
C THR C 404 -13.75 -8.38 -26.28
N LEU C 405 -14.31 -7.43 -25.54
CA LEU C 405 -14.65 -7.66 -24.15
C LEU C 405 -15.69 -8.76 -24.00
N GLN C 406 -16.78 -8.67 -24.77
CA GLN C 406 -17.84 -9.67 -24.71
C GLN C 406 -17.32 -11.05 -25.09
N ALA C 407 -16.54 -11.13 -26.16
CA ALA C 407 -16.01 -12.41 -26.60
C ALA C 407 -15.05 -13.00 -25.58
N ALA C 408 -14.38 -12.15 -24.79
CA ALA C 408 -13.43 -12.65 -23.81
C ALA C 408 -14.12 -13.11 -22.53
N LEU C 409 -15.25 -12.51 -22.19
CA LEU C 409 -15.86 -12.75 -20.88
C LEU C 409 -16.12 -14.22 -20.53
N PRO C 410 -16.64 -15.08 -21.41
CA PRO C 410 -16.92 -16.46 -20.99
C PRO C 410 -15.69 -17.23 -20.54
N ASN C 411 -14.65 -17.23 -21.37
CA ASN C 411 -13.43 -17.95 -21.03
C ASN C 411 -12.80 -17.39 -19.75
N VAL C 412 -12.96 -16.09 -19.52
CA VAL C 412 -12.48 -15.50 -18.28
C VAL C 412 -13.27 -16.02 -17.10
N ILE C 413 -14.57 -16.24 -17.27
CA ILE C 413 -15.37 -16.72 -16.14
C ILE C 413 -15.02 -18.17 -15.84
N ARG C 414 -14.81 -18.98 -16.88
CA ARG C 414 -14.40 -20.37 -16.67
C ARG C 414 -13.07 -20.43 -15.94
N PHE C 415 -12.09 -19.67 -16.42
CA PHE C 415 -10.80 -19.69 -15.76
C PHE C 415 -10.88 -19.13 -14.35
N CYS C 416 -11.78 -18.17 -14.12
CA CYS C 416 -12.02 -17.71 -12.76
C CYS C 416 -12.64 -18.80 -11.91
N CYS C 417 -13.36 -19.75 -12.52
CA CYS C 417 -13.80 -20.90 -11.75
C CYS C 417 -12.61 -21.73 -11.29
N CYS C 418 -11.72 -22.10 -12.21
CA CYS C 418 -10.55 -22.91 -11.83
C CYS C 418 -9.68 -22.21 -10.77
N ALA C 419 -9.23 -21.01 -11.09
CA ALA C 419 -8.42 -20.25 -10.14
C ALA C 419 -9.19 -19.99 -8.85
N ALA C 420 -10.52 -19.95 -8.90
CA ALA C 420 -11.30 -19.88 -7.67
C ALA C 420 -11.17 -21.17 -6.88
N MET C 421 -10.99 -22.31 -7.53
CA MET C 421 -10.81 -23.55 -6.79
C MET C 421 -9.48 -23.54 -6.04
N ILE C 422 -8.40 -23.18 -6.74
CA ILE C 422 -7.11 -23.05 -6.06
C ILE C 422 -7.21 -22.04 -4.92
N TYR C 423 -7.90 -20.93 -5.19
CA TYR C 423 -8.10 -19.88 -4.20
C TYR C 423 -8.80 -20.41 -2.96
N LEU C 424 -9.84 -21.24 -3.15
CA LEU C 424 -10.53 -21.82 -2.01
C LEU C 424 -9.61 -22.72 -1.20
N GLY C 425 -8.79 -23.52 -1.87
CA GLY C 425 -7.81 -24.33 -1.18
C GLY C 425 -6.94 -23.54 -0.23
N TYR C 426 -6.29 -22.51 -0.78
CA TYR C 426 -5.48 -21.64 0.07
C TYR C 426 -6.31 -20.96 1.16
N CYS C 427 -7.59 -20.69 0.89
CA CYS C 427 -8.41 -20.01 1.88
C CYS C 427 -8.65 -20.89 3.10
N PHE C 428 -9.08 -22.14 2.88
CA PHE C 428 -9.27 -23.05 4.00
C PHE C 428 -7.96 -23.28 4.75
N CYS C 429 -6.88 -23.57 4.01
CA CYS C 429 -5.62 -23.89 4.64
C CYS C 429 -5.11 -22.74 5.50
N GLY C 430 -5.02 -21.54 4.92
CA GLY C 430 -4.57 -20.40 5.67
C GLY C 430 -5.50 -20.03 6.81
N TRP C 431 -6.81 -20.26 6.63
CA TRP C 431 -7.76 -19.97 7.69
C TRP C 431 -7.48 -20.82 8.92
N ILE C 432 -7.38 -22.13 8.74
CA ILE C 432 -7.25 -23.00 9.89
C ILE C 432 -5.85 -22.91 10.49
N VAL C 433 -4.82 -22.77 9.65
CA VAL C 433 -3.47 -22.79 10.18
C VAL C 433 -3.13 -21.45 10.82
N LEU C 434 -3.35 -20.35 10.11
CA LEU C 434 -2.85 -19.04 10.52
C LEU C 434 -3.92 -18.16 11.16
N GLY C 435 -5.10 -18.69 11.43
CA GLY C 435 -6.10 -18.00 12.19
C GLY C 435 -5.60 -17.52 13.54
N PRO C 436 -5.13 -18.45 14.39
CA PRO C 436 -4.73 -18.02 15.74
C PRO C 436 -3.49 -17.15 15.79
N TYR C 437 -2.58 -17.27 14.83
CA TYR C 437 -1.29 -16.60 14.89
C TYR C 437 -1.18 -15.39 13.97
N HIS C 438 -2.30 -14.90 13.45
CA HIS C 438 -2.27 -13.72 12.58
C HIS C 438 -3.53 -12.90 12.82
N ASN C 439 -3.40 -11.58 12.69
CA ASN C 439 -4.53 -10.70 12.96
C ASN C 439 -5.61 -10.87 11.91
N LYS C 440 -5.20 -10.96 10.65
CA LYS C 440 -6.05 -11.45 9.58
C LYS C 440 -6.24 -12.95 9.76
N PHE C 441 -6.87 -13.58 8.77
CA PHE C 441 -7.07 -15.03 8.72
C PHE C 441 -7.98 -15.55 9.82
N ARG C 442 -8.62 -14.68 10.60
CA ARG C 442 -9.54 -15.13 11.64
C ARG C 442 -10.75 -15.81 11.03
N SER C 443 -11.39 -15.16 10.07
CA SER C 443 -12.59 -15.65 9.40
C SER C 443 -12.30 -15.86 7.93
N LEU C 444 -13.04 -16.78 7.31
CA LEU C 444 -12.85 -17.09 5.90
C LEU C 444 -13.04 -15.88 5.02
N ASN C 445 -13.94 -14.97 5.40
CA ASN C 445 -14.13 -13.76 4.61
C ASN C 445 -12.88 -12.90 4.63
N MET C 446 -12.34 -12.65 5.83
CA MET C 446 -11.10 -11.90 5.95
C MET C 446 -9.97 -12.58 5.20
N VAL C 447 -9.97 -13.91 5.18
CA VAL C 447 -9.00 -14.64 4.38
C VAL C 447 -9.14 -14.25 2.91
N SER C 448 -10.35 -14.39 2.37
CA SER C 448 -10.57 -14.11 0.95
C SER C 448 -10.21 -12.67 0.61
N GLU C 449 -10.53 -11.72 1.49
CA GLU C 449 -10.16 -10.33 1.30
C GLU C 449 -8.64 -10.20 1.23
N CYS C 450 -7.93 -10.80 2.19
CA CYS C 450 -6.48 -10.74 2.22
C CYS C 450 -5.87 -11.31 0.96
N LEU C 451 -6.19 -12.56 0.63
CA LEU C 451 -5.61 -13.23 -0.52
C LEU C 451 -5.91 -12.47 -1.82
N PHE C 452 -7.12 -11.93 -1.93
CA PHE C 452 -7.47 -11.09 -3.08
C PHE C 452 -6.54 -9.89 -3.17
N SER C 453 -6.37 -9.19 -2.04
CA SER C 453 -5.45 -8.05 -2.00
C SER C 453 -4.03 -8.47 -2.37
N LEU C 454 -3.64 -9.70 -2.00
CA LEU C 454 -2.28 -10.15 -2.30
C LEU C 454 -2.12 -10.45 -3.78
N ILE C 455 -3.18 -10.96 -4.42
CA ILE C 455 -3.16 -11.08 -5.87
C ILE C 455 -2.93 -9.73 -6.51
N ASN C 456 -3.59 -8.70 -5.98
CA ASN C 456 -3.47 -7.35 -6.53
C ASN C 456 -2.47 -6.50 -5.75
N GLY C 457 -1.41 -7.13 -5.23
CA GLY C 457 -0.26 -6.42 -4.74
C GLY C 457 -0.37 -5.80 -3.36
N ASP C 458 -1.56 -5.74 -2.79
CA ASP C 458 -1.77 -4.91 -1.60
C ASP C 458 -1.30 -5.63 -0.34
N ASP C 459 -0.52 -4.90 0.47
CA ASP C 459 -0.27 -5.22 1.87
C ASP C 459 0.39 -6.59 2.04
N MET C 460 1.62 -6.70 1.53
CA MET C 460 2.42 -7.92 1.68
C MET C 460 3.29 -7.90 2.92
N PHE C 461 4.16 -6.89 3.04
CA PHE C 461 5.12 -6.85 4.14
C PHE C 461 4.44 -6.83 5.49
N ALA C 462 3.23 -6.26 5.56
CA ALA C 462 2.46 -6.32 6.79
C ALA C 462 1.95 -7.73 7.06
N THR C 463 1.70 -8.51 6.02
CA THR C 463 1.30 -9.90 6.22
C THR C 463 2.48 -10.74 6.68
N PHE C 464 3.62 -10.60 6.01
CA PHE C 464 4.81 -11.31 6.45
C PHE C 464 5.23 -10.90 7.85
N ALA C 465 5.00 -9.65 8.23
CA ALA C 465 5.55 -9.09 9.45
C ALA C 465 4.63 -9.23 10.66
N LYS C 466 3.31 -9.18 10.47
CA LYS C 466 2.38 -9.31 11.57
C LYS C 466 2.24 -10.74 12.09
N MET C 467 2.97 -11.70 11.53
CA MET C 467 2.89 -13.07 12.01
C MET C 467 3.64 -13.21 13.32
N GLN C 468 3.17 -14.15 14.14
CA GLN C 468 3.78 -14.44 15.42
C GLN C 468 4.81 -15.55 15.29
N GLN C 469 6.01 -15.32 15.83
CA GLN C 469 7.05 -16.33 15.87
C GLN C 469 6.98 -17.20 17.12
N LYS C 470 5.85 -17.18 17.83
CA LYS C 470 5.68 -18.03 19.00
C LYS C 470 5.76 -19.51 18.64
N SER C 471 5.40 -19.85 17.40
CA SER C 471 5.52 -21.21 16.89
C SER C 471 6.28 -21.14 15.57
N TYR C 472 7.42 -21.83 15.50
CA TYR C 472 8.32 -21.70 14.38
C TYR C 472 7.86 -22.50 13.17
N LEU C 473 7.26 -23.67 13.40
CA LEU C 473 6.82 -24.51 12.29
C LEU C 473 5.66 -23.85 11.54
N VAL C 474 4.70 -23.29 12.28
CA VAL C 474 3.59 -22.57 11.65
C VAL C 474 4.10 -21.34 10.94
N TRP C 475 5.18 -20.74 11.43
CA TRP C 475 5.75 -19.56 10.80
C TRP C 475 6.39 -19.91 9.45
N LEU C 476 7.22 -20.96 9.43
CA LEU C 476 7.75 -21.48 8.17
C LEU C 476 6.63 -21.77 7.19
N PHE C 477 5.60 -22.47 7.67
CA PHE C 477 4.48 -22.78 6.79
C PHE C 477 3.81 -21.52 6.27
N SER C 478 3.74 -20.48 7.11
CA SER C 478 3.24 -19.19 6.64
C SER C 478 4.09 -18.68 5.48
N ARG C 479 5.40 -18.85 5.57
CA ARG C 479 6.26 -18.36 4.51
C ARG C 479 6.04 -19.13 3.21
N ILE C 480 6.10 -20.46 3.27
CA ILE C 480 5.87 -21.27 2.07
C ILE C 480 4.49 -20.95 1.48
N TYR C 481 3.49 -20.80 2.36
CA TYR C 481 2.15 -20.45 1.95
C TYR C 481 2.11 -19.15 1.17
N LEU C 482 2.77 -18.11 1.67
CA LEU C 482 2.64 -16.79 1.06
C LEU C 482 3.51 -16.64 -0.17
N TYR C 483 4.77 -17.11 -0.13
CA TYR C 483 5.60 -17.05 -1.33
C TYR C 483 4.98 -17.87 -2.44
N SER C 484 4.61 -19.11 -2.15
CA SER C 484 3.99 -19.97 -3.15
C SER C 484 2.71 -19.36 -3.70
N PHE C 485 1.85 -18.85 -2.82
CA PHE C 485 0.59 -18.26 -3.25
C PHE C 485 0.82 -17.07 -4.17
N ILE C 486 1.50 -16.05 -3.64
CA ILE C 486 1.67 -14.78 -4.36
C ILE C 486 2.37 -15.02 -5.69
N SER C 487 3.39 -15.88 -5.68
CA SER C 487 4.09 -16.21 -6.91
C SER C 487 3.15 -16.89 -7.90
N LEU C 488 2.36 -17.85 -7.43
CA LEU C 488 1.52 -18.64 -8.32
C LEU C 488 0.45 -17.77 -8.97
N PHE C 489 -0.20 -16.90 -8.19
CA PHE C 489 -1.29 -16.10 -8.74
C PHE C 489 -0.85 -14.84 -9.47
N ILE C 490 0.33 -14.28 -9.16
CA ILE C 490 0.78 -13.11 -9.91
C ILE C 490 1.56 -13.53 -11.16
N TYR C 491 2.54 -14.41 -11.01
CA TYR C 491 3.53 -14.62 -12.06
C TYR C 491 3.07 -15.57 -13.15
N MET C 492 1.90 -16.19 -13.02
CA MET C 492 1.46 -17.24 -13.93
C MET C 492 0.03 -17.09 -14.42
N ILE C 493 -0.80 -16.37 -13.69
CA ILE C 493 -2.25 -16.42 -13.87
C ILE C 493 -2.81 -15.10 -14.38
N LEU C 494 -2.43 -13.98 -13.75
CA LEU C 494 -2.63 -12.68 -14.38
C LEU C 494 -2.07 -12.67 -15.79
N SER C 495 -0.88 -13.26 -15.95
CA SER C 495 -0.29 -13.48 -17.27
C SER C 495 -1.26 -14.17 -18.21
N LEU C 496 -1.99 -15.17 -17.71
CA LEU C 496 -2.87 -15.93 -18.58
C LEU C 496 -4.13 -15.15 -18.93
N PHE C 497 -4.67 -14.37 -17.99
CA PHE C 497 -5.74 -13.43 -18.35
C PHE C 497 -5.29 -12.54 -19.50
N ILE C 498 -4.09 -11.96 -19.36
CA ILE C 498 -3.56 -11.08 -20.40
C ILE C 498 -3.44 -11.83 -21.72
N ALA C 499 -3.08 -13.11 -21.65
CA ALA C 499 -3.01 -13.93 -22.85
C ALA C 499 -4.39 -14.12 -23.48
N LEU C 500 -5.42 -14.29 -22.66
CA LEU C 500 -6.77 -14.48 -23.18
C LEU C 500 -7.25 -13.25 -23.93
N ILE C 501 -7.30 -12.10 -23.24
CA ILE C 501 -7.80 -10.88 -23.88
C ILE C 501 -6.93 -10.50 -25.08
N THR C 502 -5.61 -10.72 -24.97
CA THR C 502 -4.74 -10.49 -26.11
C THR C 502 -5.14 -11.36 -27.29
N ASP C 503 -5.44 -12.63 -27.03
CA ASP C 503 -5.82 -13.54 -28.11
C ASP C 503 -7.13 -13.14 -28.75
N THR C 504 -8.14 -12.77 -27.94
CA THR C 504 -9.42 -12.36 -28.51
C THR C 504 -9.28 -11.10 -29.35
N TYR C 505 -8.51 -10.12 -28.87
CA TYR C 505 -8.22 -8.94 -29.66
C TYR C 505 -7.57 -9.31 -30.99
N GLU C 506 -6.63 -10.26 -30.96
CA GLU C 506 -5.99 -10.73 -32.18
C GLU C 506 -7.02 -11.30 -33.15
N THR C 507 -7.91 -12.17 -32.66
CA THR C 507 -8.87 -12.82 -33.53
C THR C 507 -9.82 -11.80 -34.16
N ILE C 508 -10.48 -10.99 -33.33
CA ILE C 508 -11.51 -10.10 -33.87
C ILE C 508 -10.88 -9.01 -34.74
N LYS C 509 -9.66 -8.59 -34.42
CA LYS C 509 -8.87 -7.82 -35.39
C LYS C 509 -8.78 -8.57 -36.71
N HIS C 510 -8.47 -9.87 -36.65
CA HIS C 510 -8.36 -10.66 -37.88
C HIS C 510 -9.70 -10.81 -38.60
N TYR C 511 -10.81 -10.62 -37.90
CA TYR C 511 -12.12 -10.72 -38.53
C TYR C 511 -12.51 -9.40 -39.19
N GLN C 512 -12.20 -8.28 -38.54
CA GLN C 512 -12.41 -6.99 -39.19
C GLN C 512 -11.41 -6.73 -40.31
N GLN C 513 -10.34 -7.52 -40.40
CA GLN C 513 -9.49 -7.51 -41.59
C GLN C 513 -10.02 -8.47 -42.67
N ASP C 514 -10.12 -9.75 -42.34
CA ASP C 514 -10.40 -10.80 -43.32
C ASP C 514 -11.84 -11.30 -43.28
N GLY C 515 -12.73 -10.62 -42.58
CA GLY C 515 -14.14 -10.97 -42.59
C GLY C 515 -14.51 -11.96 -41.50
N PHE C 516 -15.75 -11.85 -41.03
CA PHE C 516 -16.28 -12.70 -39.98
C PHE C 516 -16.37 -14.15 -40.48
N PRO C 517 -16.58 -15.12 -39.59
CA PRO C 517 -16.79 -16.50 -40.04
C PRO C 517 -18.19 -16.68 -40.61
N GLU C 518 -18.40 -17.87 -41.18
CA GLU C 518 -19.67 -18.17 -41.81
C GLU C 518 -20.77 -18.34 -40.78
N THR C 519 -21.96 -17.82 -41.11
CA THR C 519 -23.13 -17.91 -40.24
C THR C 519 -24.35 -18.44 -40.96
N GLU C 520 -24.41 -18.25 -42.28
CA GLU C 520 -25.53 -18.58 -43.18
C GLU C 520 -26.67 -17.57 -43.07
N LEU C 521 -26.59 -16.61 -42.15
CA LEU C 521 -27.48 -15.45 -42.13
C LEU C 521 -26.84 -14.27 -42.85
N ARG C 522 -25.59 -13.95 -42.50
CA ARG C 522 -24.84 -12.93 -43.22
C ARG C 522 -24.67 -13.33 -44.69
N THR C 523 -24.58 -14.63 -44.96
CA THR C 523 -24.59 -15.09 -46.34
C THR C 523 -25.88 -14.68 -47.04
N PHE C 524 -27.03 -14.87 -46.37
CA PHE C 524 -28.31 -14.51 -46.98
C PHE C 524 -28.42 -13.01 -47.17
N ILE C 525 -27.90 -12.22 -46.23
CA ILE C 525 -27.90 -10.77 -46.39
C ILE C 525 -26.82 -10.34 -47.38
N SER C 526 -25.56 -10.60 -47.03
CA SER C 526 -24.42 -10.27 -47.88
C SER C 526 -24.39 -8.78 -48.23
N LEU D 33 -6.13 -58.09 -34.74
CA LEU D 33 -6.89 -58.99 -33.88
C LEU D 33 -6.59 -58.72 -32.41
N LEU D 34 -5.39 -59.07 -31.98
CA LEU D 34 -4.99 -58.81 -30.60
C LEU D 34 -4.65 -57.35 -30.39
N GLU D 35 -4.23 -56.69 -31.47
CA GLU D 35 -3.94 -55.26 -31.42
C GLU D 35 -5.25 -54.57 -31.05
N ASP D 36 -6.36 -55.07 -31.59
CA ASP D 36 -7.66 -54.50 -31.27
C ASP D 36 -7.97 -54.63 -29.79
N GLN D 37 -7.61 -55.77 -29.18
CA GLN D 37 -7.78 -55.92 -27.74
C GLN D 37 -6.96 -54.89 -26.98
N MET D 38 -5.74 -54.62 -27.45
CA MET D 38 -4.92 -53.62 -26.78
C MET D 38 -5.51 -52.23 -26.95
N ARG D 39 -6.04 -51.91 -28.13
CA ARG D 39 -6.73 -50.64 -28.32
C ARG D 39 -7.92 -50.51 -27.39
N ARG D 40 -8.64 -51.61 -27.17
CA ARG D 40 -9.79 -51.58 -26.27
C ARG D 40 -9.36 -51.32 -24.84
N LYS D 41 -8.35 -52.06 -24.36
CA LYS D 41 -7.85 -51.86 -23.01
C LYS D 41 -7.34 -50.43 -22.82
N LEU D 42 -6.46 -49.98 -23.71
CA LEU D 42 -5.87 -48.66 -23.57
C LEU D 42 -6.93 -47.56 -23.62
N LYS D 43 -7.77 -47.56 -24.65
CA LYS D 43 -8.83 -46.56 -24.75
C LYS D 43 -9.76 -46.62 -23.55
N PHE D 44 -9.99 -47.82 -23.00
CA PHE D 44 -10.74 -47.91 -21.76
C PHE D 44 -9.98 -47.25 -20.62
N PHE D 45 -8.64 -47.21 -20.69
CA PHE D 45 -7.84 -46.53 -19.67
C PHE D 45 -7.72 -45.03 -19.91
N PHE D 46 -7.89 -44.57 -21.14
CA PHE D 46 -7.73 -43.16 -21.48
C PHE D 46 -9.05 -42.38 -21.51
N MET D 47 -10.18 -43.08 -21.53
CA MET D 47 -11.49 -42.41 -21.53
C MET D 47 -11.86 -41.88 -20.15
N ASN D 48 -12.63 -40.79 -20.10
CA ASN D 48 -13.07 -40.23 -18.84
C ASN D 48 -14.00 -41.22 -18.14
N PRO D 49 -14.10 -41.17 -16.80
CA PRO D 49 -15.02 -42.08 -16.11
C PRO D 49 -16.47 -41.88 -16.51
N CYS D 50 -16.90 -40.63 -16.70
CA CYS D 50 -18.23 -40.39 -17.23
C CYS D 50 -18.38 -40.92 -18.65
N GLU D 51 -17.29 -40.93 -19.41
CA GLU D 51 -17.27 -41.56 -20.72
C GLU D 51 -17.19 -43.09 -20.64
N LYS D 52 -16.67 -43.62 -19.52
CA LYS D 52 -16.63 -45.06 -19.31
C LYS D 52 -17.94 -45.63 -18.81
N PHE D 53 -18.99 -44.81 -18.71
CA PHE D 53 -20.33 -45.25 -18.35
C PHE D 53 -21.35 -44.99 -19.46
N TRP D 54 -21.15 -43.95 -20.27
CA TRP D 54 -22.01 -43.74 -21.42
C TRP D 54 -21.78 -44.80 -22.49
N ALA D 55 -20.56 -45.35 -22.56
CA ALA D 55 -20.21 -46.34 -23.58
C ALA D 55 -20.38 -47.77 -23.06
N ARG D 56 -19.67 -48.12 -21.99
CA ARG D 56 -19.64 -49.49 -21.48
C ARG D 56 -20.40 -49.67 -20.18
N GLY D 57 -20.95 -48.61 -19.60
CA GLY D 57 -21.84 -48.76 -18.46
C GLY D 57 -21.17 -49.18 -17.18
N ARG D 58 -19.91 -48.84 -16.98
CA ARG D 58 -19.23 -49.11 -15.70
C ARG D 58 -19.67 -48.08 -14.68
N LYS D 59 -20.19 -48.54 -13.55
CA LYS D 59 -20.72 -47.65 -12.53
C LYS D 59 -19.58 -46.83 -11.90
N PRO D 60 -19.58 -45.49 -12.03
CA PRO D 60 -18.45 -44.74 -11.41
C PRO D 60 -18.60 -44.55 -9.91
N TRP D 61 -18.18 -45.57 -9.15
CA TRP D 61 -18.19 -45.47 -7.70
C TRP D 61 -17.05 -44.59 -7.18
N LYS D 62 -15.92 -44.58 -7.89
CA LYS D 62 -14.76 -43.83 -7.44
C LYS D 62 -15.05 -42.34 -7.37
N LEU D 63 -15.70 -41.79 -8.39
CA LEU D 63 -16.07 -40.38 -8.36
C LEU D 63 -16.97 -40.08 -7.16
N ALA D 64 -17.92 -40.96 -6.88
CA ALA D 64 -18.85 -40.74 -5.78
C ALA D 64 -18.12 -40.70 -4.45
N ILE D 65 -17.23 -41.67 -4.20
CA ILE D 65 -16.58 -41.72 -2.91
C ILE D 65 -15.57 -40.59 -2.77
N GLN D 66 -14.94 -40.17 -3.87
CA GLN D 66 -14.07 -39.01 -3.79
C GLN D 66 -14.86 -37.76 -3.43
N ILE D 67 -16.00 -37.55 -4.08
CA ILE D 67 -16.85 -36.40 -3.77
C ILE D 67 -17.24 -36.42 -2.30
N LEU D 68 -17.61 -37.60 -1.80
CA LEU D 68 -17.88 -37.78 -0.38
C LEU D 68 -16.69 -37.33 0.45
N LYS D 69 -15.48 -37.71 0.04
CA LYS D 69 -14.29 -37.30 0.77
C LYS D 69 -14.12 -35.78 0.76
N ILE D 70 -14.41 -35.14 -0.38
CA ILE D 70 -14.23 -33.70 -0.51
C ILE D 70 -15.12 -32.98 0.50
N ALA D 71 -16.43 -33.21 0.41
CA ALA D 71 -17.35 -32.56 1.34
C ALA D 71 -17.06 -32.94 2.78
N MET D 72 -16.62 -34.17 2.99
CA MET D 72 -16.35 -34.67 4.34
C MET D 72 -15.19 -33.90 4.99
N VAL D 73 -14.02 -33.90 4.34
CA VAL D 73 -12.85 -33.24 4.91
C VAL D 73 -13.09 -31.75 5.01
N THR D 74 -13.86 -31.18 4.08
CA THR D 74 -14.22 -29.77 4.18
C THR D 74 -14.99 -29.50 5.46
N ILE D 75 -16.10 -30.22 5.67
CA ILE D 75 -16.93 -30.00 6.86
C ILE D 75 -16.11 -30.21 8.13
N GLN D 76 -15.24 -31.22 8.12
CA GLN D 76 -14.31 -31.47 9.20
C GLN D 76 -13.51 -30.22 9.56
N LEU D 77 -12.80 -29.67 8.56
CA LEU D 77 -12.00 -28.47 8.80
C LEU D 77 -12.85 -27.32 9.30
N VAL D 78 -14.06 -27.17 8.78
CA VAL D 78 -14.89 -26.03 9.17
C VAL D 78 -15.26 -26.14 10.65
N LEU D 79 -15.78 -27.28 11.07
CA LEU D 79 -16.22 -27.43 12.46
C LEU D 79 -15.03 -27.30 13.41
N PHE D 80 -13.95 -27.98 13.08
CA PHE D 80 -12.75 -27.98 13.91
C PHE D 80 -12.20 -26.57 14.05
N GLY D 81 -12.26 -25.80 12.97
CA GLY D 81 -11.76 -24.44 12.98
C GLY D 81 -12.65 -23.47 13.71
N LEU D 82 -13.97 -23.70 13.67
CA LEU D 82 -14.88 -22.86 14.45
C LEU D 82 -14.67 -23.07 15.93
N SER D 83 -14.55 -24.33 16.35
CA SER D 83 -14.24 -24.63 17.75
C SER D 83 -12.95 -23.94 18.19
N ASN D 84 -11.91 -24.10 17.40
CA ASN D 84 -10.62 -23.50 17.72
C ASN D 84 -10.78 -22.00 17.79
N GLN D 85 -11.61 -21.45 16.92
CA GLN D 85 -11.80 -20.00 16.87
C GLN D 85 -12.43 -19.50 18.16
N MET D 86 -13.42 -20.22 18.69
CA MET D 86 -14.01 -19.83 19.96
C MET D 86 -13.00 -19.93 21.09
N VAL D 87 -12.27 -21.05 21.16
CA VAL D 87 -11.30 -21.23 22.25
C VAL D 87 -10.21 -20.16 22.19
N VAL D 88 -9.68 -19.91 20.99
CA VAL D 88 -8.61 -18.93 20.84
C VAL D 88 -9.12 -17.53 21.15
N ALA D 89 -10.35 -17.22 20.75
CA ALA D 89 -10.92 -15.91 21.07
C ALA D 89 -11.00 -15.72 22.58
N PHE D 90 -11.48 -16.75 23.29
CA PHE D 90 -11.53 -16.70 24.75
C PHE D 90 -10.15 -16.44 25.34
N LYS D 91 -9.15 -17.19 24.87
CA LYS D 91 -7.79 -17.02 25.35
C LYS D 91 -7.27 -15.60 25.10
N GLU D 92 -7.50 -15.07 23.91
CA GLU D 92 -6.93 -13.77 23.55
C GLU D 92 -7.58 -12.64 24.34
N GLU D 93 -8.91 -12.65 24.43
CA GLU D 93 -9.59 -11.68 25.27
C GLU D 93 -9.07 -11.74 26.70
N ASN D 94 -8.90 -12.96 27.22
CA ASN D 94 -8.40 -13.13 28.57
C ASN D 94 -7.01 -12.51 28.74
N THR D 95 -6.05 -12.90 27.91
CA THR D 95 -4.68 -12.40 28.08
C THR D 95 -4.60 -10.90 27.91
N VAL D 96 -5.40 -10.32 27.00
CA VAL D 96 -5.48 -8.86 26.92
C VAL D 96 -5.91 -8.29 28.26
N ALA D 97 -6.95 -8.88 28.86
CA ALA D 97 -7.42 -8.39 30.16
C ALA D 97 -6.33 -8.49 31.21
N PHE D 98 -5.64 -9.63 31.27
CA PHE D 98 -4.58 -9.79 32.27
C PHE D 98 -3.47 -8.78 32.06
N LYS D 99 -3.17 -8.44 30.80
CA LYS D 99 -2.19 -7.38 30.55
C LYS D 99 -2.66 -6.05 31.11
N HIS D 100 -3.91 -5.67 30.84
CA HIS D 100 -4.39 -4.39 31.35
C HIS D 100 -4.55 -4.38 32.86
N LEU D 101 -4.63 -5.55 33.51
CA LEU D 101 -4.78 -5.61 34.95
C LEU D 101 -3.45 -5.61 35.69
N PHE D 102 -2.49 -6.40 35.21
CA PHE D 102 -1.27 -6.64 35.96
C PHE D 102 -0.08 -5.82 35.48
N LEU D 103 -0.07 -5.39 34.22
CA LEU D 103 1.04 -4.61 33.66
C LEU D 103 0.65 -3.14 33.69
N LYS D 104 1.42 -2.35 34.41
CA LYS D 104 1.18 -0.91 34.46
C LYS D 104 1.66 -0.26 33.18
N GLY D 105 0.93 0.78 32.74
CA GLY D 105 1.31 1.51 31.55
C GLY D 105 1.31 0.68 30.29
N TYR D 106 0.47 -0.35 30.23
CA TYR D 106 0.34 -1.13 29.01
C TYR D 106 -0.52 -0.38 28.00
N ILE D 107 -0.08 -0.46 26.75
CA ILE D 107 -0.77 0.19 25.64
C ILE D 107 -1.08 -0.88 24.62
N ASP D 108 -2.23 -0.72 23.97
CA ASP D 108 -2.63 -1.64 22.91
C ASP D 108 -1.60 -1.64 21.79
N ARG D 109 -0.89 -2.75 21.64
CA ARG D 109 0.11 -2.82 20.58
C ARG D 109 1.50 -2.18 20.77
N MET D 110 2.01 -1.99 21.99
CA MET D 110 3.38 -1.49 22.08
C MET D 110 4.30 -2.64 21.73
N ASP D 111 4.00 -3.28 20.57
CA ASP D 111 4.57 -4.56 20.17
C ASP D 111 4.20 -5.68 21.13
N ASP D 112 3.20 -5.46 21.99
CA ASP D 112 2.85 -6.36 23.08
C ASP D 112 4.01 -6.62 24.04
N THR D 113 5.07 -5.82 23.91
CA THR D 113 6.24 -5.95 24.76
C THR D 113 6.91 -4.59 25.09
N TYR D 114 6.30 -3.81 25.98
CA TYR D 114 6.86 -2.50 26.34
C TYR D 114 8.11 -2.63 27.23
N ALA D 115 8.92 -1.59 27.27
CA ALA D 115 10.17 -1.58 28.04
C ALA D 115 10.22 -0.50 29.12
N VAL D 116 11.08 -0.71 30.12
CA VAL D 116 11.24 0.21 31.24
C VAL D 116 12.72 0.53 31.35
N TYR D 117 13.02 1.78 31.71
CA TYR D 117 14.37 2.32 31.65
C TYR D 117 14.85 2.84 33.00
N THR D 118 14.17 2.50 34.08
CA THR D 118 14.43 3.11 35.39
C THR D 118 14.16 2.09 36.48
N GLN D 119 14.99 2.11 37.53
CA GLN D 119 14.83 1.18 38.64
C GLN D 119 13.48 1.36 39.32
N SER D 120 13.17 2.60 39.70
CA SER D 120 11.95 2.87 40.45
C SER D 120 10.71 2.44 39.67
N ASP D 121 10.78 2.47 38.35
CA ASP D 121 9.66 1.99 37.55
C ASP D 121 9.55 0.48 37.59
N VAL D 122 10.68 -0.23 37.63
CA VAL D 122 10.66 -1.67 37.80
C VAL D 122 10.00 -2.02 39.12
N TYR D 123 10.40 -1.35 40.19
CA TYR D 123 9.79 -1.59 41.49
C TYR D 123 8.30 -1.28 41.49
N ASP D 124 7.93 -0.14 40.88
CA ASP D 124 6.53 0.26 40.85
C ASP D 124 5.68 -0.73 40.07
N GLN D 125 6.24 -1.34 39.02
CA GLN D 125 5.48 -2.25 38.20
C GLN D 125 5.36 -3.63 38.82
N ILE D 126 6.43 -4.10 39.48
CA ILE D 126 6.31 -5.34 40.26
C ILE D 126 5.26 -5.16 41.35
N ILE D 127 5.34 -4.05 42.08
CA ILE D 127 4.37 -3.76 43.14
C ILE D 127 2.96 -3.68 42.58
N PHE D 128 2.82 -3.11 41.38
CA PHE D 128 1.51 -3.03 40.74
C PHE D 128 0.97 -4.42 40.43
N ALA D 129 1.80 -5.28 39.87
CA ALA D 129 1.35 -6.63 39.53
C ALA D 129 0.94 -7.40 40.78
N VAL D 130 1.73 -7.29 41.85
CA VAL D 130 1.41 -8.00 43.08
C VAL D 130 0.10 -7.48 43.68
N ASN D 131 -0.02 -6.16 43.83
CA ASN D 131 -1.21 -5.62 44.47
C ASN D 131 -2.46 -5.88 43.65
N GLN D 132 -2.31 -5.92 42.32
CA GLN D 132 -3.43 -6.27 41.47
C GLN D 132 -3.68 -7.78 41.44
N TYR D 133 -2.75 -8.59 41.92
CA TYR D 133 -3.01 -10.01 42.11
C TYR D 133 -3.78 -10.26 43.40
N LEU D 134 -3.44 -9.51 44.45
CA LEU D 134 -4.07 -9.74 45.74
C LEU D 134 -5.45 -9.10 45.85
N GLN D 135 -5.78 -8.15 44.98
CA GLN D 135 -7.09 -7.51 44.94
C GLN D 135 -7.93 -8.02 43.76
N LEU D 136 -7.56 -9.14 43.17
CA LEU D 136 -8.18 -9.59 41.92
C LEU D 136 -9.66 -9.88 42.09
N TYR D 137 -10.10 -10.25 43.29
CA TYR D 137 -11.51 -10.50 43.52
C TYR D 137 -12.31 -9.21 43.66
N GLN D 138 -11.65 -8.11 44.00
CA GLN D 138 -12.33 -6.83 44.22
C GLN D 138 -12.23 -5.89 43.04
N VAL D 139 -11.16 -5.97 42.24
CA VAL D 139 -10.94 -5.00 41.17
C VAL D 139 -11.43 -5.51 39.83
N SER D 140 -11.38 -6.82 39.59
CA SER D 140 -11.63 -7.36 38.26
C SER D 140 -13.10 -7.57 38.01
N VAL D 141 -13.39 -8.16 36.84
CA VAL D 141 -14.74 -8.33 36.33
C VAL D 141 -15.09 -9.81 36.18
N GLY D 142 -14.26 -10.55 35.46
CA GLY D 142 -14.60 -11.89 35.04
C GLY D 142 -14.69 -12.89 36.18
N ASN D 143 -14.74 -14.15 35.78
CA ASN D 143 -14.93 -15.27 36.70
C ASN D 143 -13.57 -15.89 37.06
N HIS D 144 -12.76 -15.08 37.73
CA HIS D 144 -11.38 -15.42 38.04
C HIS D 144 -11.25 -15.86 39.49
N ALA D 145 -10.38 -16.83 39.74
CA ALA D 145 -10.11 -17.31 41.09
C ALA D 145 -8.73 -17.96 41.08
N TYR D 146 -8.37 -18.59 42.20
CA TYR D 146 -7.03 -19.09 42.44
C TYR D 146 -7.01 -20.61 42.49
N GLU D 147 -5.79 -21.15 42.47
CA GLU D 147 -5.59 -22.60 42.46
C GLU D 147 -6.11 -23.28 43.72
N ASN D 148 -6.25 -22.54 44.83
CA ASN D 148 -6.69 -23.12 46.10
C ASN D 148 -5.75 -24.23 46.54
N SER D 154 -1.98 -22.31 46.29
CA SER D 154 -2.30 -20.89 46.37
C SER D 154 -1.06 -20.09 46.72
N ALA D 155 -0.34 -19.60 45.71
CA ALA D 155 0.90 -18.90 45.96
C ALA D 155 1.26 -18.05 44.75
N MET D 156 1.92 -16.92 45.03
CA MET D 156 2.41 -15.98 44.03
C MET D 156 3.93 -16.04 44.04
N ALA D 157 4.52 -16.52 42.95
CA ALA D 157 5.93 -16.90 42.93
C ALA D 157 6.78 -15.80 42.31
N ILE D 158 7.53 -15.10 43.16
CA ILE D 158 8.62 -14.25 42.72
C ILE D 158 9.84 -15.12 42.47
N CYS D 159 10.59 -14.81 41.42
CA CYS D 159 11.77 -15.61 41.05
C CYS D 159 12.82 -14.70 40.43
N GLN D 160 13.91 -14.45 41.15
CA GLN D 160 15.07 -13.78 40.59
C GLN D 160 15.99 -14.77 39.90
N HIS D 161 16.59 -14.34 38.78
CA HIS D 161 17.58 -15.11 38.05
C HIS D 161 18.72 -14.17 37.70
N PHE D 162 19.84 -14.33 38.40
CA PHE D 162 21.00 -13.46 38.26
C PHE D 162 22.28 -14.28 38.36
N TYR D 163 23.38 -13.71 37.89
CA TYR D 163 24.65 -14.42 37.85
C TYR D 163 25.11 -14.84 39.25
N LYS D 164 25.80 -15.98 39.30
CA LYS D 164 26.43 -16.41 40.55
C LYS D 164 27.46 -15.39 41.01
N ARG D 165 28.39 -15.05 40.13
CA ARG D 165 29.43 -14.06 40.40
C ARG D 165 29.49 -13.11 39.21
N GLY D 166 29.15 -11.84 39.45
CA GLY D 166 29.30 -10.80 38.47
C GLY D 166 29.91 -9.56 39.09
N ASN D 167 31.07 -9.16 38.58
CA ASN D 167 31.79 -7.99 39.09
C ASN D 167 32.27 -7.21 37.87
N ILE D 168 31.51 -6.19 37.49
CA ILE D 168 31.73 -5.48 36.24
C ILE D 168 32.17 -4.06 36.57
N TYR D 169 33.35 -3.68 36.07
CA TYR D 169 33.95 -2.37 36.28
C TYR D 169 34.29 -1.81 34.91
N PRO D 170 33.33 -1.15 34.24
CA PRO D 170 33.65 -0.56 32.93
C PRO D 170 34.51 0.68 33.04
N GLY D 171 34.44 1.41 34.16
CA GLY D 171 35.30 2.57 34.34
C GLY D 171 36.77 2.24 34.36
N ASN D 172 37.11 1.00 34.72
CA ASN D 172 38.48 0.50 34.69
C ASN D 172 38.73 -0.49 33.56
N ASP D 173 37.75 -0.69 32.66
CA ASP D 173 37.90 -1.62 31.53
C ASP D 173 38.21 -3.03 32.02
N THR D 174 37.38 -3.54 32.92
CA THR D 174 37.65 -4.81 33.58
C THR D 174 36.33 -5.44 34.02
N PHE D 175 36.30 -6.76 34.06
CA PHE D 175 35.12 -7.47 34.56
C PHE D 175 35.47 -8.93 34.80
N ASP D 176 34.82 -9.51 35.81
CA ASP D 176 34.95 -10.92 36.15
C ASP D 176 33.55 -11.51 36.24
N ILE D 177 33.35 -12.65 35.58
CA ILE D 177 32.02 -13.24 35.39
C ILE D 177 32.08 -14.72 35.74
N ASP D 178 30.97 -15.23 36.28
CA ASP D 178 30.67 -16.66 36.31
C ASP D 178 29.38 -16.86 35.51
N PRO D 179 29.45 -17.26 34.24
CA PRO D 179 28.21 -17.35 33.44
C PRO D 179 27.20 -18.35 33.96
N GLU D 180 27.57 -19.24 34.88
CA GLU D 180 26.60 -20.07 35.57
C GLU D 180 25.58 -19.20 36.29
N ILE D 181 24.36 -19.71 36.39
CA ILE D 181 23.20 -18.92 36.82
C ILE D 181 22.87 -19.26 38.26
N GLU D 182 22.58 -18.21 39.03
CA GLU D 182 22.02 -18.30 40.37
C GLU D 182 20.56 -17.89 40.35
N THR D 183 19.78 -18.49 41.24
CA THR D 183 18.35 -18.28 41.32
C THR D 183 17.96 -17.98 42.76
N ASP D 184 16.98 -17.11 42.92
CA ASP D 184 16.32 -16.89 44.20
C ASP D 184 14.82 -16.90 43.95
N CYS D 185 14.05 -17.12 45.02
CA CYS D 185 12.60 -17.24 44.89
C CYS D 185 11.93 -16.73 46.16
N PHE D 186 10.61 -16.60 46.08
CA PHE D 186 9.78 -16.22 47.21
C PHE D 186 8.33 -16.48 46.82
N PHE D 187 7.49 -16.71 47.83
CA PHE D 187 6.07 -17.03 47.62
C PHE D 187 5.23 -16.15 48.53
N VAL D 188 4.31 -15.39 47.92
CA VAL D 188 3.32 -14.62 48.66
C VAL D 188 2.04 -15.42 48.69
N GLU D 189 1.58 -15.77 49.88
CA GLU D 189 0.29 -16.42 50.02
C GLU D 189 -0.81 -15.41 49.65
N PRO D 190 -1.79 -15.77 48.82
CA PRO D 190 -2.81 -14.77 48.44
C PRO D 190 -3.66 -14.27 49.60
N ASP D 191 -3.71 -14.99 50.72
CA ASP D 191 -4.52 -14.60 51.87
C ASP D 191 -3.78 -13.71 52.86
N GLU D 192 -2.79 -12.94 52.38
CA GLU D 192 -1.97 -12.07 53.23
C GLU D 192 -2.19 -10.61 52.88
N PRO D 193 -3.31 -10.01 53.26
CA PRO D 193 -3.53 -8.58 53.01
C PRO D 193 -2.78 -7.65 53.94
N PHE D 194 -1.93 -8.17 54.82
CA PHE D 194 -1.20 -7.31 55.74
C PHE D 194 -0.27 -6.36 54.97
N HIS D 195 0.58 -6.93 54.12
CA HIS D 195 1.46 -6.16 53.27
C HIS D 195 0.74 -5.84 51.96
N ILE D 196 0.81 -4.58 51.54
CA ILE D 196 0.11 -4.14 50.36
C ILE D 196 0.66 -2.78 49.92
N GLU D 201 7.45 3.29 50.14
CA GLU D 201 7.48 2.47 51.35
C GLU D 201 7.31 0.99 51.01
N ASN D 202 8.42 0.35 50.65
CA ASN D 202 8.39 -1.05 50.30
C ASN D 202 8.02 -1.90 51.51
N LYS D 203 7.24 -2.96 51.25
CA LYS D 203 6.80 -3.89 52.27
C LYS D 203 7.47 -5.25 52.12
N LEU D 204 7.34 -5.86 50.96
CA LEU D 204 8.03 -7.11 50.69
C LEU D 204 9.53 -6.84 50.56
N ASN D 205 10.32 -7.92 50.71
CA ASN D 205 11.76 -7.83 50.90
C ASN D 205 12.54 -7.88 49.59
N LEU D 206 11.94 -7.40 48.49
CA LEU D 206 12.60 -7.44 47.19
C LEU D 206 13.68 -6.37 47.13
N THR D 207 14.90 -6.80 46.82
CA THR D 207 16.02 -5.90 46.58
C THR D 207 16.83 -6.44 45.41
N LEU D 208 17.35 -5.54 44.59
CA LEU D 208 18.03 -5.91 43.36
C LEU D 208 19.41 -5.29 43.32
N ASP D 209 20.22 -5.77 42.37
CA ASP D 209 21.56 -5.25 42.09
C ASP D 209 21.59 -4.44 40.80
N PHE D 210 21.04 -5.00 39.72
CA PHE D 210 20.95 -4.46 38.37
C PHE D 210 22.29 -4.53 37.63
N HIS D 211 23.38 -4.95 38.27
CA HIS D 211 24.64 -5.20 37.60
C HIS D 211 24.75 -6.67 37.21
N ARG D 212 24.44 -7.56 38.15
CA ARG D 212 24.23 -8.98 37.87
C ARG D 212 22.73 -9.24 37.93
N LEU D 213 22.13 -9.49 36.78
CA LEU D 213 20.72 -9.84 36.68
C LEU D 213 20.43 -10.28 35.26
N LEU D 214 19.62 -11.32 35.12
CA LEU D 214 19.18 -11.82 33.83
C LEU D 214 17.68 -11.71 33.66
N THR D 215 16.89 -12.09 34.66
CA THR D 215 15.46 -11.92 34.51
C THR D 215 14.77 -12.11 35.86
N VAL D 216 13.68 -11.37 36.04
CA VAL D 216 12.74 -11.60 37.13
C VAL D 216 11.49 -12.20 36.53
N GLU D 217 10.93 -13.20 37.22
CA GLU D 217 9.74 -13.91 36.76
C GLU D 217 8.71 -13.91 37.89
N LEU D 218 7.51 -13.45 37.56
CA LEU D 218 6.36 -13.53 38.46
C LEU D 218 5.43 -14.58 37.90
N GLN D 219 5.45 -15.77 38.50
CA GLN D 219 4.67 -16.91 38.03
C GLN D 219 3.51 -17.17 38.99
N PHE D 220 2.34 -17.43 38.43
CA PHE D 220 1.17 -17.80 39.22
C PHE D 220 0.17 -18.47 38.29
N LYS D 221 -0.98 -18.84 38.85
CA LYS D 221 -1.99 -19.61 38.14
C LYS D 221 -3.37 -19.12 38.53
N LEU D 222 -4.29 -19.18 37.57
CA LEU D 222 -5.67 -18.75 37.74
C LEU D 222 -6.58 -19.72 37.00
N LYS D 223 -7.85 -19.70 37.37
CA LYS D 223 -8.86 -20.57 36.80
C LYS D 223 -10.06 -19.74 36.37
N ALA D 224 -10.66 -20.13 35.25
CA ALA D 224 -11.81 -19.42 34.71
C ALA D 224 -12.71 -20.40 33.99
N ILE D 225 -13.85 -19.91 33.51
CA ILE D 225 -14.83 -20.70 32.78
C ILE D 225 -15.31 -19.87 31.59
N ASN D 226 -15.50 -20.54 30.45
CA ASN D 226 -16.11 -19.93 29.28
C ASN D 226 -17.58 -20.31 29.26
N LEU D 227 -18.44 -19.34 28.98
CA LEU D 227 -19.89 -19.52 29.06
C LEU D 227 -20.54 -19.61 27.69
N GLN D 228 -19.83 -19.23 26.63
CA GLN D 228 -20.30 -19.53 25.28
C GLN D 228 -20.26 -21.03 24.99
N THR D 229 -19.48 -21.78 25.77
CA THR D 229 -19.29 -23.21 25.53
C THR D 229 -20.30 -24.08 26.27
N VAL D 230 -21.02 -23.54 27.25
CA VAL D 230 -22.09 -24.33 27.88
C VAL D 230 -23.17 -24.66 26.85
N ARG D 231 -23.34 -23.81 25.85
CA ARG D 231 -24.28 -24.07 24.77
C ARG D 231 -23.81 -25.20 23.85
N HIS D 232 -22.56 -25.63 23.95
CA HIS D 232 -22.00 -26.70 23.12
C HIS D 232 -21.30 -27.70 24.04
N GLN D 233 -21.95 -28.84 24.27
CA GLN D 233 -21.39 -29.86 25.17
C GLN D 233 -20.06 -30.41 24.68
N GLU D 234 -19.75 -30.27 23.38
CA GLU D 234 -18.53 -30.86 22.83
C GLU D 234 -17.26 -30.23 23.39
N LEU D 235 -17.34 -29.01 23.96
CA LEU D 235 -16.17 -28.28 24.44
C LEU D 235 -16.06 -28.38 25.95
N PRO D 236 -14.88 -28.60 26.54
CA PRO D 236 -14.76 -28.43 28.00
C PRO D 236 -14.95 -26.97 28.40
N ASP D 237 -15.59 -26.77 29.54
CA ASP D 237 -16.04 -25.45 29.96
C ASP D 237 -14.93 -24.70 30.71
N CYS D 238 -14.31 -25.34 31.68
CA CYS D 238 -13.31 -24.66 32.49
C CYS D 238 -11.99 -24.54 31.72
N TYR D 239 -11.18 -23.58 32.17
CA TYR D 239 -9.90 -23.29 31.55
C TYR D 239 -8.92 -22.86 32.64
N ASP D 240 -7.70 -23.39 32.55
CA ASP D 240 -6.63 -23.08 33.46
C ASP D 240 -5.65 -22.16 32.76
N PHE D 241 -5.23 -21.11 33.46
CA PHE D 241 -4.25 -20.14 32.94
C PHE D 241 -3.03 -20.16 33.85
N THR D 242 -1.85 -20.33 33.26
CA THR D 242 -0.58 -20.28 34.00
C THR D 242 0.19 -19.08 33.50
N LEU D 243 0.18 -18.01 34.29
CA LEU D 243 0.72 -16.72 33.89
C LEU D 243 2.14 -16.53 34.40
N THR D 244 2.98 -15.96 33.55
CA THR D 244 4.32 -15.54 33.90
C THR D 244 4.57 -14.14 33.35
N ILE D 245 5.03 -13.25 34.22
CA ILE D 245 5.48 -11.92 33.83
C ILE D 245 7.00 -11.94 33.84
N THR D 246 7.60 -11.64 32.69
CA THR D 246 9.04 -11.67 32.50
C THR D 246 9.54 -10.23 32.43
N PHE D 247 10.31 -9.83 33.43
CA PHE D 247 11.17 -8.64 33.37
C PHE D 247 12.53 -9.11 32.91
N ASP D 248 12.84 -8.90 31.62
CA ASP D 248 14.05 -9.41 30.99
C ASP D 248 15.10 -8.31 30.93
N ASN D 249 16.19 -8.49 31.69
CA ASN D 249 17.37 -7.64 31.60
C ASN D 249 18.47 -8.26 30.75
N LYS D 250 18.18 -9.33 30.02
CA LYS D 250 19.16 -9.87 29.09
C LYS D 250 19.44 -8.84 27.99
N ALA D 251 20.60 -8.99 27.36
CA ALA D 251 21.09 -8.00 26.40
C ALA D 251 21.19 -6.63 27.05
N HIS D 252 22.15 -6.50 27.98
CA HIS D 252 22.26 -5.34 28.84
C HIS D 252 22.45 -4.07 28.02
N SER D 253 21.43 -3.22 28.02
CA SER D 253 21.43 -2.00 27.23
C SER D 253 20.67 -0.87 27.94
N GLY D 254 20.49 -0.97 29.25
CA GLY D 254 19.64 -0.03 29.96
C GLY D 254 18.19 -0.11 29.57
N ARG D 255 17.75 -1.24 29.04
CA ARG D 255 16.39 -1.41 28.53
C ARG D 255 15.90 -2.79 28.94
N ILE D 256 15.00 -2.83 29.93
CA ILE D 256 14.42 -4.07 30.42
C ILE D 256 13.15 -4.36 29.65
N LYS D 257 13.15 -5.41 28.85
CA LYS D 257 11.93 -5.86 28.20
C LYS D 257 10.94 -6.35 29.26
N ILE D 258 9.65 -6.22 28.97
CA ILE D 258 8.59 -6.68 29.85
C ILE D 258 7.55 -7.40 29.02
N SER D 259 7.25 -8.64 29.37
CA SER D 259 6.25 -9.42 28.64
C SER D 259 5.40 -10.22 29.60
N LEU D 260 4.18 -10.51 29.18
CA LEU D 260 3.28 -11.44 29.85
C LEU D 260 3.03 -12.63 28.93
N ASP D 261 3.01 -13.82 29.50
CA ASP D 261 2.72 -15.04 28.76
C ASP D 261 1.87 -15.94 29.64
N ASN D 262 0.76 -16.44 29.09
CA ASN D 262 -0.08 -17.41 29.76
C ASN D 262 -0.09 -18.72 28.98
N ASP D 263 0.43 -19.77 29.60
CA ASP D 263 0.32 -21.12 29.08
C ASP D 263 -0.86 -21.80 29.77
N ILE D 264 -1.81 -22.28 28.98
CA ILE D 264 -3.12 -22.69 29.49
C ILE D 264 -3.22 -24.20 29.50
N SER D 265 -4.28 -24.70 30.14
CA SER D 265 -4.60 -26.12 30.15
C SER D 265 -6.11 -26.27 30.20
N ILE D 266 -6.67 -26.94 29.20
CA ILE D 266 -8.09 -27.23 29.17
C ILE D 266 -8.41 -28.29 30.22
N ARG D 267 -9.60 -28.22 30.79
CA ARG D 267 -10.04 -29.18 31.78
C ARG D 267 -11.54 -29.42 31.61
N GLU D 268 -11.94 -30.67 31.86
CA GLU D 268 -13.36 -31.04 31.86
C GLU D 268 -13.89 -30.89 33.28
N CYS D 269 -14.96 -30.12 33.42
CA CYS D 269 -15.59 -29.96 34.73
C CYS D 269 -16.16 -31.29 35.19
N LYS D 270 -16.23 -31.45 36.51
CA LYS D 270 -16.76 -32.68 37.09
C LYS D 270 -18.23 -32.84 36.73
N ASP D 271 -18.96 -31.73 36.73
CA ASP D 271 -20.38 -31.73 36.41
C ASP D 271 -20.80 -30.29 36.14
N TRP D 272 -21.98 -30.14 35.54
CA TRP D 272 -22.51 -28.79 35.37
C TRP D 272 -24.00 -28.86 35.07
N HIS D 273 -24.77 -28.00 35.71
CA HIS D 273 -26.21 -28.02 35.65
C HIS D 273 -26.73 -26.88 34.79
N VAL D 274 -27.96 -27.04 34.31
CA VAL D 274 -28.70 -25.99 33.62
C VAL D 274 -30.16 -26.12 34.01
N SER D 275 -30.67 -25.11 34.74
CA SER D 275 -32.08 -25.06 35.14
C SER D 275 -32.49 -26.31 35.92
N GLY D 276 -31.56 -26.88 36.68
CA GLY D 276 -31.81 -28.05 37.46
C GLY D 276 -31.44 -29.37 36.79
N SER D 277 -31.19 -29.34 35.48
CA SER D 277 -30.86 -30.55 34.74
C SER D 277 -29.35 -30.79 34.78
N ILE D 278 -28.97 -32.00 35.20
CA ILE D 278 -27.56 -32.37 35.26
C ILE D 278 -27.03 -32.57 33.84
N GLN D 279 -25.81 -32.11 33.60
CA GLN D 279 -25.18 -32.21 32.29
C GLN D 279 -23.68 -32.42 32.44
N LYS D 280 -23.16 -33.30 31.60
CA LYS D 280 -21.73 -33.51 31.42
C LYS D 280 -21.43 -33.44 29.93
N ASN D 281 -20.15 -33.29 29.60
CA ASN D 281 -19.75 -33.10 28.22
C ASN D 281 -19.95 -34.37 27.42
N THR D 282 -20.43 -34.21 26.18
CA THR D 282 -20.74 -35.30 25.28
C THR D 282 -19.84 -35.20 24.06
N HIS D 283 -19.51 -36.36 23.47
CA HIS D 283 -18.68 -36.42 22.27
C HIS D 283 -19.46 -37.15 21.17
N ASN D 284 -19.59 -36.49 20.02
CA ASN D 284 -20.05 -37.11 18.79
C ASN D 284 -19.11 -36.87 17.62
N MET D 285 -18.22 -35.87 17.73
CA MET D 285 -17.23 -35.61 16.70
C MET D 285 -16.29 -36.78 16.49
N MET D 286 -16.10 -37.62 17.52
CA MET D 286 -15.22 -38.78 17.43
C MET D 286 -15.66 -39.71 16.31
N ILE D 287 -16.95 -40.03 16.26
CA ILE D 287 -17.47 -40.92 15.23
C ILE D 287 -17.28 -40.30 13.86
N PHE D 288 -17.49 -38.98 13.77
CA PHE D 288 -17.29 -38.26 12.52
C PHE D 288 -15.87 -38.46 12.01
N ASP D 289 -14.88 -38.18 12.86
CA ASP D 289 -13.48 -38.35 12.48
C ASP D 289 -13.18 -39.80 12.08
N ALA D 290 -13.77 -40.76 12.80
CA ALA D 290 -13.57 -42.16 12.43
C ALA D 290 -14.09 -42.43 11.03
N PHE D 291 -15.21 -41.80 10.67
CA PHE D 291 -15.77 -41.99 9.34
C PHE D 291 -14.93 -41.28 8.28
N VAL D 292 -14.27 -40.18 8.66
CA VAL D 292 -13.27 -39.57 7.78
C VAL D 292 -12.17 -40.58 7.47
N ILE D 293 -11.64 -41.21 8.51
CA ILE D 293 -10.55 -42.16 8.33
C ILE D 293 -11.01 -43.32 7.46
N LEU D 294 -12.27 -43.74 7.63
CA LEU D 294 -12.83 -44.78 6.77
C LEU D 294 -12.81 -44.36 5.30
N THR D 295 -13.43 -43.22 5.01
CA THR D 295 -13.52 -42.76 3.62
C THR D 295 -12.15 -42.60 2.98
N CYS D 296 -11.27 -41.84 3.63
CA CYS D 296 -9.95 -41.60 3.09
C CYS D 296 -9.14 -42.88 2.94
N LEU D 297 -9.37 -43.85 3.81
CA LEU D 297 -8.70 -45.14 3.68
C LEU D 297 -9.17 -45.88 2.45
N VAL D 298 -10.49 -45.91 2.21
CA VAL D 298 -11.01 -46.57 1.01
C VAL D 298 -10.44 -45.92 -0.24
N SER D 299 -10.47 -44.58 -0.28
CA SER D 299 -9.92 -43.86 -1.43
C SER D 299 -8.44 -44.20 -1.62
N LEU D 300 -7.69 -44.29 -0.51
CA LEU D 300 -6.28 -44.67 -0.59
C LEU D 300 -6.12 -46.03 -1.26
N ILE D 301 -6.89 -47.01 -0.81
CA ILE D 301 -6.79 -48.36 -1.36
C ILE D 301 -7.09 -48.37 -2.85
N LEU D 302 -8.24 -47.80 -3.24
CA LEU D 302 -8.64 -47.83 -4.64
C LEU D 302 -7.64 -47.10 -5.52
N CYS D 303 -7.12 -45.96 -5.05
CA CYS D 303 -6.16 -45.21 -5.83
C CYS D 303 -4.87 -45.99 -6.03
N ILE D 304 -4.37 -46.64 -4.98
CA ILE D 304 -3.17 -47.47 -5.14
C ILE D 304 -3.44 -48.59 -6.13
N ARG D 305 -4.64 -49.18 -6.09
CA ARG D 305 -4.98 -50.20 -7.06
C ARG D 305 -4.94 -49.67 -8.48
N SER D 306 -5.41 -48.44 -8.68
CA SER D 306 -5.42 -47.88 -10.03
C SER D 306 -4.01 -47.54 -10.49
N VAL D 307 -3.14 -47.12 -9.58
CA VAL D 307 -1.76 -46.84 -9.95
C VAL D 307 -1.06 -48.14 -10.35
N ILE D 308 -1.21 -49.18 -9.54
CA ILE D 308 -0.53 -50.44 -9.83
C ILE D 308 -1.07 -51.05 -11.11
N SER D 309 -2.39 -50.93 -11.33
CA SER D 309 -2.98 -51.36 -12.60
C SER D 309 -2.39 -50.58 -13.76
N GLY D 310 -2.17 -49.28 -13.57
CA GLY D 310 -1.57 -48.49 -14.62
C GLY D 310 -0.15 -48.90 -14.92
N LEU D 311 0.59 -49.35 -13.90
CA LEU D 311 1.96 -49.79 -14.13
C LEU D 311 2.00 -51.14 -14.83
N GLN D 312 1.10 -52.05 -14.44
CA GLN D 312 1.05 -53.36 -15.11
C GLN D 312 0.63 -53.20 -16.56
N LEU D 313 -0.38 -52.36 -16.82
CA LEU D 313 -0.77 -52.06 -18.19
C LEU D 313 0.36 -51.37 -18.94
N GLN D 314 1.14 -50.56 -18.25
CA GLN D 314 2.28 -49.88 -18.86
C GLN D 314 3.31 -50.89 -19.36
N GLN D 315 3.81 -51.73 -18.47
CA GLN D 315 4.81 -52.72 -18.87
C GLN D 315 4.25 -53.70 -19.89
N GLU D 316 2.94 -53.96 -19.81
CA GLU D 316 2.29 -54.75 -20.84
C GLU D 316 2.42 -54.07 -22.20
N PHE D 317 2.22 -52.75 -22.24
CA PHE D 317 2.34 -52.02 -23.50
C PHE D 317 3.78 -52.03 -24.00
N VAL D 318 4.71 -51.76 -23.08
CA VAL D 318 6.09 -51.80 -23.42
C VAL D 318 6.44 -53.13 -24.06
N ASN D 319 6.29 -54.29 -23.33
CA ASN D 319 6.71 -55.63 -23.77
C ASN D 319 5.99 -56.02 -25.06
N PHE D 320 4.71 -55.70 -25.15
CA PHE D 320 3.95 -55.97 -26.35
C PHE D 320 4.45 -55.19 -27.58
N PHE D 321 4.75 -53.91 -27.38
CA PHE D 321 5.20 -53.04 -28.47
C PHE D 321 6.60 -53.44 -28.94
N LEU D 322 7.49 -53.76 -27.99
CA LEU D 322 8.80 -54.26 -28.34
C LEU D 322 8.71 -55.58 -29.09
N LEU D 323 7.94 -56.52 -28.54
CA LEU D 323 7.90 -57.88 -29.09
C LEU D 323 7.41 -57.87 -30.53
N HIS D 324 6.31 -57.17 -30.78
CA HIS D 324 5.67 -57.14 -32.11
C HIS D 324 6.40 -56.52 -33.30
N TYR D 325 6.98 -55.34 -33.08
CA TYR D 325 7.72 -54.62 -34.13
C TYR D 325 9.18 -54.18 -33.83
N LYS D 326 9.83 -54.73 -32.80
CA LYS D 326 11.18 -54.29 -32.43
C LYS D 326 11.33 -52.76 -32.24
N LYS D 327 10.31 -52.08 -31.70
CA LYS D 327 10.38 -50.64 -31.47
C LYS D 327 9.86 -50.46 -30.05
N ASP D 328 10.65 -49.93 -29.06
CA ASP D 328 10.20 -49.57 -27.71
C ASP D 328 11.08 -48.59 -26.91
N VAL D 329 11.85 -47.70 -27.55
CA VAL D 329 12.65 -46.73 -26.81
C VAL D 329 11.80 -45.47 -26.60
N SER D 330 10.77 -45.58 -25.77
CA SER D 330 9.89 -44.47 -25.54
C SER D 330 9.76 -44.26 -24.03
N VAL D 331 9.98 -43.03 -23.56
CA VAL D 331 9.85 -42.71 -22.16
C VAL D 331 8.63 -41.83 -21.77
N SER D 332 8.18 -40.85 -22.61
CA SER D 332 7.06 -39.94 -22.41
C SER D 332 5.72 -40.65 -22.28
N ASP D 333 5.51 -41.64 -23.15
CA ASP D 333 4.35 -42.50 -23.08
C ASP D 333 4.36 -43.26 -21.73
N GLN D 334 5.54 -43.71 -21.30
CA GLN D 334 5.61 -44.41 -20.03
C GLN D 334 5.09 -43.48 -18.92
N MET D 335 5.48 -42.20 -18.92
CA MET D 335 4.95 -41.24 -17.96
C MET D 335 3.45 -41.03 -18.16
N GLU D 336 2.99 -40.99 -19.42
CA GLU D 336 1.58 -40.77 -19.70
C GLU D 336 0.70 -41.82 -19.06
N PHE D 337 1.21 -43.02 -18.79
CA PHE D 337 0.44 -44.01 -18.05
C PHE D 337 0.37 -43.71 -16.57
N VAL D 338 1.33 -42.96 -16.03
CA VAL D 338 1.30 -42.53 -14.64
C VAL D 338 0.45 -41.28 -14.55
N ASN D 339 -0.33 -41.17 -13.49
CA ASN D 339 -1.27 -40.06 -13.28
C ASN D 339 -1.01 -39.45 -11.91
N GLY D 340 -0.46 -38.24 -11.90
CA GLY D 340 -0.06 -37.61 -10.66
C GLY D 340 -1.20 -37.22 -9.75
N TRP D 341 -2.41 -37.09 -10.30
CA TRP D 341 -3.55 -36.69 -9.47
C TRP D 341 -3.84 -37.73 -8.40
N TYR D 342 -3.76 -38.99 -8.77
CA TYR D 342 -4.00 -40.08 -7.83
C TYR D 342 -2.96 -39.99 -6.71
N ILE D 343 -1.73 -39.67 -7.09
CA ILE D 343 -0.67 -39.52 -6.11
C ILE D 343 -1.00 -38.39 -5.14
N MET D 344 -1.59 -37.32 -5.68
CA MET D 344 -2.00 -36.20 -4.88
C MET D 344 -3.04 -36.68 -3.88
N ILE D 345 -3.91 -37.59 -4.31
CA ILE D 345 -4.94 -38.12 -3.42
C ILE D 345 -4.33 -39.05 -2.38
N ILE D 346 -3.24 -39.73 -2.72
CA ILE D 346 -2.57 -40.61 -1.76
C ILE D 346 -1.97 -39.78 -0.63
N ILE D 347 -1.19 -38.76 -0.99
CA ILE D 347 -0.61 -37.87 0.02
C ILE D 347 -1.72 -37.22 0.84
N SER D 348 -2.80 -36.80 0.16
CA SER D 348 -3.94 -36.21 0.85
C SER D 348 -4.53 -37.16 1.88
N ASP D 349 -4.77 -38.41 1.49
CA ASP D 349 -5.40 -39.37 2.40
C ASP D 349 -4.50 -39.65 3.59
N ILE D 350 -3.19 -39.79 3.36
CA ILE D 350 -2.26 -40.02 4.47
C ILE D 350 -2.33 -38.87 5.45
N LEU D 351 -2.29 -37.63 4.95
CA LEU D 351 -2.28 -36.48 5.84
C LEU D 351 -3.61 -36.34 6.58
N THR D 352 -4.74 -36.65 5.93
CA THR D 352 -6.03 -36.61 6.63
C THR D 352 -6.09 -37.65 7.73
N ILE D 353 -5.56 -38.85 7.47
CA ILE D 353 -5.62 -39.91 8.47
C ILE D 353 -4.76 -39.54 9.67
N ILE D 354 -3.54 -39.06 9.44
CA ILE D 354 -2.66 -38.71 10.54
C ILE D 354 -3.24 -37.57 11.35
N GLY D 355 -3.64 -36.49 10.66
CA GLY D 355 -4.24 -35.36 11.34
C GLY D 355 -5.49 -35.72 12.11
N SER D 356 -6.26 -36.68 11.61
CA SER D 356 -7.48 -37.09 12.29
C SER D 356 -7.16 -37.93 13.52
N ILE D 357 -6.13 -38.77 13.46
CA ILE D 357 -5.72 -39.53 14.63
C ILE D 357 -5.24 -38.59 15.73
N LEU D 358 -4.40 -37.62 15.38
CA LEU D 358 -3.94 -36.65 16.37
C LEU D 358 -5.11 -35.83 16.91
N LYS D 359 -6.05 -35.51 16.03
CA LYS D 359 -7.25 -34.79 16.44
C LYS D 359 -8.04 -35.56 17.50
N MET D 360 -8.31 -36.84 17.23
CA MET D 360 -8.99 -37.69 18.20
C MET D 360 -8.20 -37.78 19.49
N GLU D 361 -6.87 -37.80 19.38
CA GLU D 361 -6.03 -37.86 20.57
C GLU D 361 -6.21 -36.61 21.43
N ILE D 362 -6.29 -35.45 20.80
CA ILE D 362 -6.39 -34.21 21.57
C ILE D 362 -7.79 -34.07 22.16
N GLN D 363 -8.82 -34.40 21.38
CA GLN D 363 -10.17 -34.34 21.92
C GLN D 363 -10.39 -35.36 23.02
N ALA D 364 -9.60 -36.45 23.04
CA ALA D 364 -9.70 -37.43 24.11
C ALA D 364 -8.95 -36.97 25.35
N LYS D 365 -7.69 -36.61 25.20
CA LYS D 365 -6.88 -36.14 26.32
C LYS D 365 -7.20 -34.70 26.72
N SER D 366 -7.92 -33.96 25.88
CA SER D 366 -8.33 -32.59 26.18
C SER D 366 -7.11 -31.66 26.31
N LEU D 367 -6.20 -31.78 25.35
CA LEU D 367 -5.09 -30.86 25.24
C LEU D 367 -5.48 -29.66 24.40
N THR D 368 -4.60 -28.66 24.36
CA THR D 368 -4.87 -27.38 23.71
C THR D 368 -3.82 -27.02 22.66
N SER D 369 -2.97 -27.96 22.25
CA SER D 369 -1.90 -27.69 21.29
C SER D 369 -2.36 -28.18 19.92
N TYR D 370 -2.90 -27.26 19.12
CA TYR D 370 -3.42 -27.55 17.78
C TYR D 370 -2.52 -26.85 16.78
N ASP D 371 -1.46 -27.53 16.35
CA ASP D 371 -0.49 -26.97 15.42
C ASP D 371 -0.13 -27.93 14.29
N VAL D 372 0.03 -29.21 14.59
CA VAL D 372 0.39 -30.19 13.57
C VAL D 372 -0.83 -30.68 12.82
N CYS D 373 -1.90 -31.02 13.54
CA CYS D 373 -3.14 -31.44 12.92
C CYS D 373 -3.68 -30.36 11.99
N SER D 374 -3.60 -29.10 12.42
CA SER D 374 -4.08 -27.99 11.60
C SER D 374 -3.34 -27.95 10.26
N ILE D 375 -2.04 -28.22 10.29
CA ILE D 375 -1.22 -28.11 9.07
C ILE D 375 -1.46 -29.30 8.17
N LEU D 376 -1.49 -30.51 8.73
CA LEU D 376 -1.76 -31.70 7.94
C LEU D 376 -3.12 -31.60 7.27
N LEU D 377 -4.14 -31.19 8.02
CA LEU D 377 -5.47 -31.08 7.47
C LEU D 377 -5.57 -29.96 6.46
N GLY D 378 -4.88 -28.84 6.70
CA GLY D 378 -4.87 -27.74 5.77
C GLY D 378 -4.29 -28.09 4.42
N THR D 379 -3.06 -28.61 4.43
CA THR D 379 -2.42 -29.06 3.20
C THR D 379 -3.29 -30.11 2.51
N SER D 380 -3.86 -31.01 3.30
CA SER D 380 -4.75 -32.04 2.74
C SER D 380 -5.88 -31.40 1.95
N THR D 381 -6.65 -30.53 2.59
CA THR D 381 -7.76 -29.85 1.93
C THR D 381 -7.33 -29.16 0.64
N MET D 382 -6.24 -28.38 0.71
CA MET D 382 -5.69 -27.76 -0.48
C MET D 382 -5.54 -28.76 -1.63
N LEU D 383 -4.92 -29.90 -1.33
CA LEU D 383 -4.73 -30.92 -2.35
C LEU D 383 -6.06 -31.52 -2.81
N VAL D 384 -7.06 -31.56 -1.93
CA VAL D 384 -8.37 -32.09 -2.28
C VAL D 384 -9.05 -31.20 -3.32
N TRP D 385 -9.10 -29.89 -3.06
CA TRP D 385 -9.72 -28.97 -4.00
C TRP D 385 -8.99 -28.99 -5.34
N LEU D 386 -7.66 -29.10 -5.32
CA LEU D 386 -6.94 -29.40 -6.55
C LEU D 386 -7.49 -30.68 -7.20
N GLY D 387 -7.87 -31.66 -6.37
CA GLY D 387 -8.58 -32.82 -6.91
C GLY D 387 -9.83 -32.43 -7.67
N VAL D 388 -10.56 -31.43 -7.17
CA VAL D 388 -11.70 -30.98 -7.97
C VAL D 388 -11.23 -30.42 -9.29
N ILE D 389 -10.03 -29.84 -9.31
CA ILE D 389 -9.51 -29.40 -10.60
C ILE D 389 -9.18 -30.60 -11.50
N ARG D 390 -9.08 -31.78 -10.89
CA ARG D 390 -9.01 -32.99 -11.68
C ARG D 390 -10.41 -33.13 -12.31
N TYR D 391 -11.45 -32.81 -11.50
CA TYR D 391 -12.84 -32.90 -11.90
C TYR D 391 -13.35 -31.66 -12.62
N LEU D 392 -12.45 -30.87 -13.22
CA LEU D 392 -12.83 -29.88 -14.22
C LEU D 392 -12.14 -30.08 -15.56
N GLY D 393 -11.10 -30.92 -15.63
CA GLY D 393 -10.42 -31.18 -16.88
C GLY D 393 -11.15 -32.11 -17.83
N PHE D 394 -12.37 -32.51 -17.50
CA PHE D 394 -13.20 -33.33 -18.37
C PHE D 394 -13.95 -32.52 -19.41
N PHE D 395 -13.60 -31.23 -19.51
CA PHE D 395 -14.16 -30.27 -20.48
C PHE D 395 -12.94 -29.80 -21.29
N ALA D 396 -13.09 -29.61 -22.60
CA ALA D 396 -11.91 -29.31 -23.40
C ALA D 396 -11.38 -27.90 -23.19
N LYS D 397 -12.21 -26.97 -22.73
CA LYS D 397 -11.77 -25.59 -22.56
C LYS D 397 -11.05 -25.42 -21.21
N TYR D 398 -11.69 -25.87 -20.14
CA TYR D 398 -10.97 -26.07 -18.89
C TYR D 398 -9.69 -26.85 -19.12
N ASN D 399 -9.77 -27.92 -19.92
CA ASN D 399 -8.59 -28.72 -20.25
C ASN D 399 -7.51 -27.87 -20.90
N LEU D 400 -7.90 -26.98 -21.81
CA LEU D 400 -6.94 -26.05 -22.40
C LEU D 400 -6.25 -25.22 -21.32
N LEU D 401 -6.99 -24.74 -20.34
CA LEU D 401 -6.40 -23.84 -19.37
C LEU D 401 -5.47 -24.57 -18.39
N ILE D 402 -5.95 -25.67 -17.79
CA ILE D 402 -5.10 -26.43 -16.89
C ILE D 402 -3.87 -26.97 -17.61
N LEU D 403 -4.02 -27.40 -18.86
CA LEU D 403 -2.85 -27.84 -19.61
C LEU D 403 -1.89 -26.69 -19.88
N THR D 404 -2.42 -25.49 -20.11
CA THR D 404 -1.56 -24.32 -20.24
C THR D 404 -0.74 -24.10 -18.97
N LEU D 405 -1.40 -24.19 -17.81
CA LEU D 405 -0.72 -23.97 -16.54
C LEU D 405 0.36 -25.01 -16.30
N GLN D 406 0.01 -26.29 -16.48
CA GLN D 406 0.97 -27.37 -16.27
C GLN D 406 2.16 -27.24 -17.22
N ALA D 407 1.87 -26.98 -18.50
CA ALA D 407 2.95 -26.86 -19.48
C ALA D 407 3.84 -25.66 -19.18
N ALA D 408 3.29 -24.62 -18.56
CA ALA D 408 4.10 -23.44 -18.26
C ALA D 408 4.95 -23.60 -17.02
N LEU D 409 4.49 -24.40 -16.06
CA LEU D 409 5.15 -24.47 -14.75
C LEU D 409 6.65 -24.77 -14.78
N PRO D 410 7.17 -25.72 -15.57
CA PRO D 410 8.62 -26.00 -15.50
C PRO D 410 9.49 -24.82 -15.86
N ASN D 411 9.22 -24.20 -17.01
CA ASN D 411 10.01 -23.06 -17.46
C ASN D 411 9.91 -21.90 -16.46
N VAL D 412 8.75 -21.76 -15.82
CA VAL D 412 8.60 -20.76 -14.78
C VAL D 412 9.50 -21.07 -13.59
N ILE D 413 9.64 -22.35 -13.24
CA ILE D 413 10.46 -22.68 -12.10
C ILE D 413 11.93 -22.45 -12.41
N ARG D 414 12.36 -22.80 -13.63
CA ARG D 414 13.73 -22.54 -14.04
C ARG D 414 14.03 -21.04 -14.00
N PHE D 415 13.16 -20.24 -14.60
CA PHE D 415 13.39 -18.81 -14.59
C PHE D 415 13.33 -18.25 -13.17
N CYS D 416 12.50 -18.83 -12.32
CA CYS D 416 12.51 -18.44 -10.92
C CYS D 416 13.82 -18.81 -10.25
N CYS D 417 14.51 -19.83 -10.75
CA CYS D 417 15.86 -20.09 -10.24
C CYS D 417 16.80 -18.95 -10.60
N CYS D 418 16.84 -18.56 -11.88
CA CYS D 418 17.73 -17.46 -12.29
C CYS D 418 17.42 -16.16 -11.54
N ALA D 419 16.18 -15.69 -11.65
CA ALA D 419 15.77 -14.49 -10.96
C ALA D 419 15.94 -14.63 -9.45
N ALA D 420 15.88 -15.85 -8.92
CA ALA D 420 16.23 -16.04 -7.53
C ALA D 420 17.71 -15.79 -7.27
N MET D 421 18.57 -16.06 -8.25
CA MET D 421 19.99 -15.78 -8.06
C MET D 421 20.23 -14.27 -7.98
N ILE D 422 19.66 -13.51 -8.93
CA ILE D 422 19.77 -12.05 -8.87
C ILE D 422 19.18 -11.54 -7.55
N TYR D 423 18.05 -12.12 -7.15
CA TYR D 423 17.38 -11.76 -5.90
C TYR D 423 18.28 -11.97 -4.71
N LEU D 424 19.01 -13.09 -4.67
CA LEU D 424 19.93 -13.35 -3.57
C LEU D 424 21.05 -12.32 -3.54
N GLY D 425 21.58 -11.96 -4.71
CA GLY D 425 22.59 -10.92 -4.76
C GLY D 425 22.14 -9.63 -4.09
N TYR D 426 20.99 -9.11 -4.52
CA TYR D 426 20.44 -7.92 -3.89
C TYR D 426 20.16 -8.14 -2.41
N CYS D 427 19.82 -9.37 -2.01
CA CYS D 427 19.50 -9.63 -0.61
C CYS D 427 20.73 -9.48 0.27
N PHE D 428 21.83 -10.12 -0.11
CA PHE D 428 23.07 -9.97 0.66
C PHE D 428 23.53 -8.53 0.67
N CYS D 429 23.56 -7.90 -0.50
CA CYS D 429 24.07 -6.53 -0.59
C CYS D 429 23.26 -5.57 0.27
N GLY D 430 21.94 -5.55 0.08
CA GLY D 430 21.11 -4.68 0.88
C GLY D 430 21.15 -5.01 2.35
N TRP D 431 21.30 -6.30 2.68
CA TRP D 431 21.37 -6.69 4.08
C TRP D 431 22.58 -6.07 4.77
N ILE D 432 23.75 -6.23 4.17
CA ILE D 432 24.96 -5.77 4.85
C ILE D 432 25.06 -4.26 4.80
N VAL D 433 24.66 -3.65 3.69
CA VAL D 433 24.85 -2.21 3.56
C VAL D 433 23.80 -1.45 4.35
N LEU D 434 22.53 -1.80 4.18
CA LEU D 434 21.44 -1.00 4.69
C LEU D 434 20.81 -1.58 5.96
N GLY D 435 21.40 -2.61 6.53
CA GLY D 435 20.98 -3.11 7.82
C GLY D 435 20.99 -2.05 8.90
N PRO D 436 22.13 -1.42 9.16
CA PRO D 436 22.18 -0.45 10.26
C PRO D 436 21.37 0.81 10.04
N TYR D 437 21.17 1.24 8.79
CA TYR D 437 20.57 2.52 8.50
C TYR D 437 19.12 2.42 8.02
N HIS D 438 18.48 1.27 8.19
CA HIS D 438 17.08 1.11 7.79
C HIS D 438 16.38 0.19 8.77
N ASN D 439 15.10 0.44 9.00
CA ASN D 439 14.34 -0.35 9.98
C ASN D 439 14.17 -1.78 9.48
N LYS D 440 13.84 -1.92 8.21
CA LYS D 440 13.94 -3.19 7.51
C LYS D 440 15.42 -3.50 7.30
N PHE D 441 15.70 -4.56 6.53
CA PHE D 441 17.04 -4.96 6.14
C PHE D 441 17.90 -5.43 7.32
N ARG D 442 17.32 -5.57 8.51
CA ARG D 442 18.09 -6.03 9.65
C ARG D 442 18.53 -7.48 9.45
N SER D 443 17.60 -8.35 9.10
CA SER D 443 17.85 -9.77 8.89
C SER D 443 17.56 -10.13 7.44
N LEU D 444 18.23 -11.19 6.96
CA LEU D 444 18.06 -11.62 5.58
C LEU D 444 16.62 -11.97 5.27
N ASN D 445 15.89 -12.51 6.24
CA ASN D 445 14.49 -12.83 6.01
C ASN D 445 13.69 -11.56 5.76
N MET D 446 13.85 -10.56 6.62
CA MET D 446 13.17 -9.28 6.41
C MET D 446 13.56 -8.66 5.10
N VAL D 447 14.82 -8.85 4.68
CA VAL D 447 15.24 -8.40 3.36
C VAL D 447 14.39 -9.06 2.29
N SER D 448 14.35 -10.40 2.29
CA SER D 448 13.61 -11.13 1.26
C SER D 448 12.14 -10.73 1.24
N GLU D 449 11.54 -10.53 2.42
CA GLU D 449 10.16 -10.07 2.50
C GLU D 449 10.01 -8.70 1.84
N CYS D 450 10.90 -7.77 2.18
CA CYS D 450 10.85 -6.43 1.61
C CYS D 450 10.97 -6.47 0.10
N LEU D 451 12.05 -7.07 -0.41
CA LEU D 451 12.30 -7.10 -1.85
C LEU D 451 11.17 -7.77 -2.60
N PHE D 452 10.62 -8.85 -2.03
CA PHE D 452 9.45 -9.51 -2.61
C PHE D 452 8.28 -8.52 -2.72
N SER D 453 7.98 -7.83 -1.62
CA SER D 453 6.94 -6.82 -1.64
C SER D 453 7.21 -5.73 -2.68
N LEU D 454 8.48 -5.40 -2.91
CA LEU D 454 8.81 -4.36 -3.87
C LEU D 454 8.61 -4.85 -5.29
N ILE D 455 8.89 -6.14 -5.54
CA ILE D 455 8.53 -6.72 -6.82
C ILE D 455 7.04 -6.57 -7.06
N ASN D 456 6.24 -6.82 -6.02
CA ASN D 456 4.79 -6.74 -6.14
C ASN D 456 4.24 -5.40 -5.65
N GLY D 457 5.01 -4.33 -5.84
CA GLY D 457 4.51 -2.98 -5.71
C GLY D 457 4.37 -2.45 -4.30
N ASP D 458 4.49 -3.29 -3.28
CA ASP D 458 4.12 -2.89 -1.92
C ASP D 458 5.19 -2.04 -1.26
N ASP D 459 4.78 -0.92 -0.68
CA ASP D 459 5.54 -0.17 0.31
C ASP D 459 6.89 0.30 -0.24
N MET D 460 6.82 1.19 -1.23
CA MET D 460 8.02 1.80 -1.80
C MET D 460 8.41 3.09 -1.10
N PHE D 461 7.50 4.08 -1.06
CA PHE D 461 7.83 5.39 -0.53
C PHE D 461 8.25 5.32 0.93
N ALA D 462 7.74 4.33 1.66
CA ALA D 462 8.20 4.12 3.03
C ALA D 462 9.61 3.56 3.06
N THR D 463 10.02 2.81 2.04
CA THR D 463 11.39 2.33 1.96
C THR D 463 12.35 3.46 1.61
N PHE D 464 11.98 4.25 0.60
CA PHE D 464 12.80 5.41 0.25
C PHE D 464 12.88 6.41 1.39
N ALA D 465 11.81 6.52 2.19
CA ALA D 465 11.70 7.59 3.17
C ALA D 465 12.22 7.22 4.55
N LYS D 466 12.10 5.96 4.95
CA LYS D 466 12.60 5.54 6.27
C LYS D 466 14.11 5.42 6.34
N MET D 467 14.83 5.72 5.26
CA MET D 467 16.28 5.64 5.30
C MET D 467 16.85 6.83 6.07
N GLN D 468 18.01 6.60 6.68
CA GLN D 468 18.71 7.64 7.44
C GLN D 468 19.71 8.35 6.56
N GLN D 469 19.66 9.68 6.58
CA GLN D 469 20.64 10.50 5.87
C GLN D 469 21.87 10.81 6.71
N LYS D 470 22.09 10.07 7.80
CA LYS D 470 23.28 10.28 8.62
C LYS D 470 24.55 9.99 7.85
N SER D 471 24.47 9.12 6.84
CA SER D 471 25.58 8.83 5.94
C SER D 471 25.08 9.00 4.51
N TYR D 472 25.72 9.91 3.77
CA TYR D 472 25.21 10.30 2.45
C TYR D 472 25.58 9.28 1.38
N LEU D 473 26.75 8.66 1.48
CA LEU D 473 27.18 7.70 0.47
C LEU D 473 26.31 6.45 0.53
N VAL D 474 26.03 5.96 1.73
CA VAL D 474 25.15 4.80 1.88
C VAL D 474 23.74 5.16 1.42
N TRP D 475 23.34 6.41 1.55
CA TRP D 475 22.02 6.85 1.12
C TRP D 475 21.91 6.83 -0.40
N LEU D 476 22.90 7.42 -1.08
CA LEU D 476 22.97 7.33 -2.54
C LEU D 476 22.93 5.88 -2.99
N PHE D 477 23.74 5.03 -2.35
CA PHE D 477 23.75 3.62 -2.72
C PHE D 477 22.39 2.98 -2.50
N SER D 478 21.68 3.40 -1.44
CA SER D 478 20.31 2.95 -1.26
C SER D 478 19.44 3.32 -2.44
N ARG D 479 19.64 4.53 -2.98
CA ARG D 479 18.83 4.95 -4.11
C ARG D 479 19.12 4.13 -5.36
N ILE D 480 20.40 4.00 -5.72
CA ILE D 480 20.77 3.20 -6.89
C ILE D 480 20.27 1.77 -6.72
N TYR D 481 20.42 1.23 -5.50
CA TYR D 481 19.95 -0.10 -5.17
C TYR D 481 18.46 -0.26 -5.45
N LEU D 482 17.64 0.69 -4.97
CA LEU D 482 16.20 0.51 -5.06
C LEU D 482 15.65 0.82 -6.44
N TYR D 483 16.11 1.90 -7.07
CA TYR D 483 15.67 2.19 -8.43
C TYR D 483 16.07 1.06 -9.38
N SER D 484 17.34 0.67 -9.33
CA SER D 484 17.83 -0.41 -10.18
C SER D 484 17.06 -1.70 -9.92
N PHE D 485 16.87 -2.05 -8.64
CA PHE D 485 16.17 -3.28 -8.31
C PHE D 485 14.74 -3.28 -8.83
N ILE D 486 13.95 -2.31 -8.37
CA ILE D 486 12.52 -2.26 -8.69
C ILE D 486 12.31 -2.20 -10.19
N SER D 487 13.12 -1.38 -10.88
CA SER D 487 13.03 -1.30 -12.32
C SER D 487 13.35 -2.64 -12.97
N LEU D 488 14.42 -3.31 -12.51
CA LEU D 488 14.86 -4.54 -13.15
C LEU D 488 13.82 -5.65 -12.99
N PHE D 489 13.26 -5.79 -11.80
CA PHE D 489 12.33 -6.89 -11.57
C PHE D 489 10.89 -6.60 -12.00
N ILE D 490 10.47 -5.34 -12.08
CA ILE D 490 9.12 -5.06 -12.56
C ILE D 490 9.10 -4.91 -14.07
N TYR D 491 9.99 -4.09 -14.62
CA TYR D 491 9.84 -3.64 -16.00
C TYR D 491 10.37 -4.64 -17.02
N MET D 492 11.02 -5.72 -16.60
CA MET D 492 11.70 -6.64 -17.51
C MET D 492 11.39 -8.11 -17.27
N ILE D 493 10.95 -8.48 -16.08
CA ILE D 493 10.95 -9.86 -15.64
C ILE D 493 9.53 -10.39 -15.43
N LEU D 494 8.67 -9.63 -14.73
CA LEU D 494 7.24 -9.88 -14.80
C LEU D 494 6.77 -9.93 -16.24
N SER D 495 7.28 -9.01 -17.06
CA SER D 495 7.05 -9.03 -18.49
C SER D 495 7.39 -10.38 -19.10
N LEU D 496 8.49 -10.98 -18.65
CA LEU D 496 8.93 -12.24 -19.26
C LEU D 496 8.08 -13.41 -18.79
N PHE D 497 7.65 -13.42 -17.52
CA PHE D 497 6.65 -14.39 -17.11
C PHE D 497 5.42 -14.32 -18.00
N ILE D 498 4.92 -13.10 -18.22
CA ILE D 498 3.75 -12.91 -19.07
C ILE D 498 4.03 -13.44 -20.47
N ALA D 499 5.25 -13.26 -20.95
CA ALA D 499 5.63 -13.81 -22.25
C ALA D 499 5.60 -15.32 -22.26
N LEU D 500 6.04 -15.95 -21.16
CA LEU D 500 6.05 -17.41 -21.10
C LEU D 500 4.63 -17.97 -21.17
N ILE D 501 3.77 -17.58 -20.22
CA ILE D 501 2.41 -18.11 -20.19
C ILE D 501 1.67 -17.75 -21.47
N THR D 502 1.90 -16.55 -22.00
CA THR D 502 1.30 -16.19 -23.27
C THR D 502 1.74 -17.14 -24.38
N ASP D 503 3.03 -17.49 -24.40
CA ASP D 503 3.54 -18.39 -25.43
C ASP D 503 2.94 -19.78 -25.31
N THR D 504 2.86 -20.32 -24.09
CA THR D 504 2.28 -21.64 -23.90
C THR D 504 0.82 -21.68 -24.31
N TYR D 505 0.05 -20.65 -23.93
CA TYR D 505 -1.33 -20.54 -24.37
C TYR D 505 -1.40 -20.54 -25.89
N GLU D 506 -0.50 -19.80 -26.55
CA GLU D 506 -0.46 -19.79 -28.01
C GLU D 506 -0.24 -21.19 -28.57
N THR D 507 0.75 -21.91 -28.03
CA THR D 507 1.06 -23.24 -28.55
C THR D 507 -0.11 -24.19 -28.39
N ILE D 508 -0.61 -24.35 -27.16
CA ILE D 508 -1.62 -25.37 -26.93
C ILE D 508 -2.93 -25.00 -27.61
N LYS D 509 -3.22 -23.71 -27.74
CA LYS D 509 -4.26 -23.28 -28.67
C LYS D 509 -3.99 -23.82 -30.06
N HIS D 510 -2.75 -23.70 -30.53
CA HIS D 510 -2.40 -24.20 -31.86
C HIS D 510 -2.50 -25.72 -31.95
N TYR D 511 -2.45 -26.42 -30.81
CA TYR D 511 -2.57 -27.88 -30.83
C TYR D 511 -4.03 -28.30 -30.84
N GLN D 512 -4.87 -27.61 -30.08
CA GLN D 512 -6.29 -27.89 -30.16
C GLN D 512 -6.91 -27.38 -31.46
N GLN D 513 -6.20 -26.57 -32.23
CA GLN D 513 -6.59 -26.27 -33.61
C GLN D 513 -6.05 -27.31 -34.59
N ASP D 514 -4.73 -27.47 -34.65
CA ASP D 514 -4.06 -28.25 -35.68
C ASP D 514 -3.58 -29.62 -35.19
N GLY D 515 -3.99 -30.04 -34.00
CA GLY D 515 -3.65 -31.37 -33.52
C GLY D 515 -2.37 -31.40 -32.72
N PHE D 516 -2.31 -32.32 -31.76
CA PHE D 516 -1.16 -32.51 -30.90
C PHE D 516 0.03 -32.99 -31.72
N PRO D 517 1.23 -32.95 -31.15
CA PRO D 517 2.39 -33.52 -31.85
C PRO D 517 2.38 -35.05 -31.80
N GLU D 518 3.31 -35.63 -32.55
CA GLU D 518 3.39 -37.08 -32.65
C GLU D 518 3.88 -37.68 -31.34
N THR D 519 3.28 -38.81 -30.97
CA THR D 519 3.65 -39.53 -29.75
C THR D 519 3.91 -41.02 -30.00
N GLU D 520 3.30 -41.57 -31.05
CA GLU D 520 3.32 -42.98 -31.46
C GLU D 520 2.41 -43.83 -30.56
N LEU D 521 1.79 -43.25 -29.52
CA LEU D 521 0.70 -43.88 -28.79
C LEU D 521 -0.65 -43.43 -29.33
N ARG D 522 -0.83 -42.11 -29.46
CA ARG D 522 -2.03 -41.58 -30.09
C ARG D 522 -2.14 -42.06 -31.54
N THR D 523 -1.00 -42.29 -32.19
CA THR D 523 -1.01 -42.92 -33.50
C THR D 523 -1.64 -44.31 -33.43
N PHE D 524 -1.25 -45.10 -32.44
CA PHE D 524 -1.78 -46.45 -32.30
C PHE D 524 -3.27 -46.42 -31.96
N ILE D 525 -3.70 -45.45 -31.16
CA ILE D 525 -5.11 -45.32 -30.85
C ILE D 525 -5.84 -44.68 -32.04
N SER D 526 -5.48 -43.44 -32.35
CA SER D 526 -6.08 -42.70 -33.46
C SER D 526 -7.60 -42.60 -33.32
#